data_5XJW
# 
_entry.id   5XJW 
# 
_audit_conform.dict_name       mmcif_pdbx.dic 
_audit_conform.dict_version    5.380 
_audit_conform.dict_location   http://mmcif.pdb.org/dictionaries/ascii/mmcif_pdbx.dic 
# 
loop_
_database_2.database_id 
_database_2.database_code 
_database_2.pdbx_database_accession 
_database_2.pdbx_DOI 
PDB   5XJW         pdb_00005xjw 10.2210/pdb5xjw/pdb 
WWPDB D_1300003664 ?            ?                   
# 
_pdbx_database_PDB_obs_spr.id               SPRSDE 
_pdbx_database_PDB_obs_spr.date             2018-05-16 
_pdbx_database_PDB_obs_spr.pdb_id           5XJW 
_pdbx_database_PDB_obs_spr.replace_pdb_id   5ES0 
_pdbx_database_PDB_obs_spr.details          ? 
# 
_pdbx_database_related.db_name        PDB 
_pdbx_database_related.details        . 
_pdbx_database_related.db_id          5XEW 
_pdbx_database_related.content_type   unspecified 
# 
_pdbx_database_status.status_code                     REL 
_pdbx_database_status.status_code_sf                  REL 
_pdbx_database_status.status_code_mr                  ? 
_pdbx_database_status.entry_id                        5XJW 
_pdbx_database_status.recvd_initial_deposition_date   2017-05-04 
_pdbx_database_status.SG_entry                        N 
_pdbx_database_status.deposit_site                    PDBJ 
_pdbx_database_status.process_site                    PDBJ 
_pdbx_database_status.status_code_cs                  ? 
_pdbx_database_status.methods_development_category    ? 
_pdbx_database_status.pdb_format_compatible           Y 
_pdbx_database_status.status_code_nmr_data            ? 
# 
loop_
_audit_author.name 
_audit_author.pdbx_ordinal 
_audit_author.identifier_ORCID 
'Tseng, W.H.'   1 ? 
'Wu, P.C.'      2 ? 
'Satange, R.B.' 3 ? 
'Hou, M.H.'     4 ? 
# 
_citation.abstract                  ? 
_citation.abstract_id_CAS           ? 
_citation.book_id_ISBN              ? 
_citation.book_publisher            ? 
_citation.book_publisher_city       ? 
_citation.book_title                ? 
_citation.coordinate_linkage        ? 
_citation.country                   ? 
_citation.database_id_Medline       ? 
_citation.details                   ? 
_citation.id                        primary 
_citation.journal_abbrev            'To be published' 
_citation.journal_id_ASTM           ? 
_citation.journal_id_CSD            0353 
_citation.journal_id_ISSN           ? 
_citation.journal_full              ? 
_citation.journal_issue             ? 
_citation.journal_volume            ? 
_citation.language                  ? 
_citation.page_first                ? 
_citation.page_last                 ? 
_citation.title                     'Crystal Structure of the [Co2+-(Chromomycin A3)2]-CCG repeats Complex' 
_citation.year                      ? 
_citation.database_id_CSD           ? 
_citation.pdbx_database_id_DOI      ? 
_citation.pdbx_database_id_PubMed   ? 
_citation.unpublished_flag          ? 
# 
loop_
_citation_author.citation_id 
_citation_author.name 
_citation_author.ordinal 
_citation_author.identifier_ORCID 
primary 'Tseng, W.H.'   1 ? 
primary 'Wu, P.C.'      2 ? 
primary 'Satange, R.B.' 3 ? 
primary 'Hou, M.H.'     4 ? 
# 
_cell.angle_alpha                  90.000 
_cell.angle_alpha_esd              ? 
_cell.angle_beta                   90.000 
_cell.angle_beta_esd               ? 
_cell.angle_gamma                  120.000 
_cell.angle_gamma_esd              ? 
_cell.entry_id                     5XJW 
_cell.details                      ? 
_cell.formula_units_Z              ? 
_cell.length_a                     48.309 
_cell.length_a_esd                 ? 
_cell.length_b                     48.309 
_cell.length_b_esd                 ? 
_cell.length_c                     83.636 
_cell.length_c_esd                 ? 
_cell.volume                       ? 
_cell.volume_esd                   ? 
_cell.Z_PDB                        12 
_cell.reciprocal_angle_alpha       ? 
_cell.reciprocal_angle_beta        ? 
_cell.reciprocal_angle_gamma       ? 
_cell.reciprocal_angle_alpha_esd   ? 
_cell.reciprocal_angle_beta_esd    ? 
_cell.reciprocal_angle_gamma_esd   ? 
_cell.reciprocal_length_a          ? 
_cell.reciprocal_length_b          ? 
_cell.reciprocal_length_c          ? 
_cell.reciprocal_length_a_esd      ? 
_cell.reciprocal_length_b_esd      ? 
_cell.reciprocal_length_c_esd      ? 
_cell.pdbx_unique_axis             ? 
# 
_symmetry.entry_id                         5XJW 
_symmetry.cell_setting                     ? 
_symmetry.Int_Tables_number                153 
_symmetry.space_group_name_Hall            ? 
_symmetry.space_group_name_H-M             'P 32 1 2' 
_symmetry.pdbx_full_space_group_name_H-M   ? 
# 
loop_
_entity.id 
_entity.type 
_entity.src_method 
_entity.pdbx_description 
_entity.formula_weight 
_entity.pdbx_number_of_molecules 
_entity.pdbx_ec 
_entity.pdbx_mutation 
_entity.pdbx_fragment 
_entity.details 
1 polymer     syn 
;DNA (5'-D(*TP*TP*CP*GP*CP*CP*GP*CP*CP*GP*AP*A)-3')
;
3912.550 2  ? ? ? ? 
2 branched    man '3-C-methyl-4-O-acetyl-alpha-L-Olivopyranose-(1-3)-beta-D-Olivopyranose-(1-3)-beta-D-Olivopyranose' 464.504  2  
? ? ? ? 
3 branched    man '2,6-dideoxy-4-O-methyl-alpha-D-galactopyranose-(1-3)-4-O-acetyl-2,6-dideoxy-beta-D-galactopyranose' 334.363  2  
? ? ? ? 
4 non-polymer syn 
'(1S)-5-deoxy-1-O-methyl-1-C-[(2R,3S)-3,5,7,10-tetrahydroxy-6-methyl-4-oxo-1,2,3,4-tetrahydroanthracen-2-yl]-D-xylulose' 420.410  
2  ? ? ? ? 
5 non-polymer syn 'COBALT (II) ION' 58.933   3  ? ? ? ? 
6 water       nat water 18.015   50 ? ? ? ? 
# 
_entity_poly.entity_id                      1 
_entity_poly.type                           polydeoxyribonucleotide 
_entity_poly.nstd_linkage                   no 
_entity_poly.nstd_monomer                   no 
_entity_poly.pdbx_seq_one_letter_code       '(DT)(DT)(DC)(DC)(DG)(DC)(DC)(DG)(DC)(DC)(DG)(DA)(DA)' 
_entity_poly.pdbx_seq_one_letter_code_can   TTCCGCCGCCGAA 
_entity_poly.pdbx_strand_id                 A,B 
_entity_poly.pdbx_target_identifier         ? 
# 
loop_
_entity_poly_seq.entity_id 
_entity_poly_seq.num 
_entity_poly_seq.mon_id 
_entity_poly_seq.hetero 
1 1  DT n 
1 2  DT n 
1 3  DC n 
1 4  DC n 
1 5  DG n 
1 6  DC n 
1 7  DC n 
1 8  DG n 
1 9  DC n 
1 10 DC n 
1 11 DG n 
1 12 DA n 
1 13 DA n 
# 
_pdbx_entity_src_syn.entity_id              1 
_pdbx_entity_src_syn.pdbx_src_id            1 
_pdbx_entity_src_syn.pdbx_alt_source_flag   sample 
_pdbx_entity_src_syn.pdbx_beg_seq_num       1 
_pdbx_entity_src_syn.pdbx_end_seq_num       13 
_pdbx_entity_src_syn.organism_scientific    'synthetic construct' 
_pdbx_entity_src_syn.organism_common_name   ? 
_pdbx_entity_src_syn.ncbi_taxonomy_id       32630 
_pdbx_entity_src_syn.details                ? 
# 
_struct_ref.id                         1 
_struct_ref.db_name                    PDB 
_struct_ref.db_code                    5XJW 
_struct_ref.pdbx_db_accession          5XJW 
_struct_ref.pdbx_db_isoform            ? 
_struct_ref.entity_id                  1 
_struct_ref.pdbx_seq_one_letter_code   ? 
_struct_ref.pdbx_align_begin           1 
# 
loop_
_struct_ref_seq.align_id 
_struct_ref_seq.ref_id 
_struct_ref_seq.pdbx_PDB_id_code 
_struct_ref_seq.pdbx_strand_id 
_struct_ref_seq.seq_align_beg 
_struct_ref_seq.pdbx_seq_align_beg_ins_code 
_struct_ref_seq.seq_align_end 
_struct_ref_seq.pdbx_seq_align_end_ins_code 
_struct_ref_seq.pdbx_db_accession 
_struct_ref_seq.db_align_beg 
_struct_ref_seq.pdbx_db_align_beg_ins_code 
_struct_ref_seq.db_align_end 
_struct_ref_seq.pdbx_db_align_end_ins_code 
_struct_ref_seq.pdbx_auth_seq_align_beg 
_struct_ref_seq.pdbx_auth_seq_align_end 
1 1 5XJW A 1 ? 13 ? 5XJW 1  ? 13 ? 1  13 
2 1 5XJW B 1 ? 13 ? 5XJW 14 ? 26 ? 14 26 
# 
loop_
_chem_comp.id 
_chem_comp.type 
_chem_comp.mon_nstd_flag 
_chem_comp.name 
_chem_comp.pdbx_synonyms 
_chem_comp.formula 
_chem_comp.formula_weight 
1GL 'D-saccharide, alpha linking' . 2,6-dideoxy-4-O-methyl-alpha-D-galactopyranose 
;4-O-METHYL-2,6-DIDEOXY-ALPHA-D-GALACTO-HEXOPYRANOSE; 2-deoxy-4-O-methyl-alpha-D-fucopyranose; 2,6-dideoxy-4-O-methyl-alpha-D-galactose; 2,6-dideoxy-4-O-methyl-D-galactose; 2,6-dideoxy-4-O-methyl-galactose
;
'C7 H14 O4'       162.184 
2GL 'D-saccharide, beta linking'  . 4-O-acetyl-2,6-dideoxy-beta-D-galactopyranose 
;4-O-ACETYL-2,6-DIDEOXY-ALPHA-D-GALACTO-HEXOPYRANOSE; 4-O-acetyl-2,6-dideoxy-beta-D-galactose; 4-O-acetyl-2,6-dideoxy-D-galactose; 4-O-acetyl-2,6-dideoxy-galactose
;
'C8 H14 O5'       190.194 
CO  non-polymer                   . 'COBALT (II) ION' ? 'Co 2'            58.933  
CPH non-polymer                   . 
'(1S)-5-deoxy-1-O-methyl-1-C-[(2R,3S)-3,5,7,10-tetrahydroxy-6-methyl-4-oxo-1,2,3,4-tetrahydroanthracen-2-yl]-D-xylulose' None 
'C21 H24 O9'      420.410 
DA  'DNA linking'                 y "2'-DEOXYADENOSINE-5'-MONOPHOSPHATE" ? 'C10 H14 N5 O6 P' 331.222 
DC  'DNA linking'                 y "2'-DEOXYCYTIDINE-5'-MONOPHOSPHATE" ? 'C9 H14 N3 O7 P'  307.197 
DDA 'D-saccharide, beta linking'  . beta-D-Olivopyranose 
;beta-D-Olivose; 2,6-dideoxy-beta-D-arabino-hexopyranose; 2,6-dideoxy-beta-D-glucopyranose; 2,6-dideoxy-beta-D-mannopyranose; 2-deoxy-beta-D-quinovopyranose; 2-deoxy-beta-D-rhamnoopyranose; D-Olivose; Olivose; 2,6-DIDEOXY-BETA-D-GLUCOSE; 2,6-DIDEOXY-BETA-D-MANNOSE
;
'C6 H12 O4'       148.157 
DG  'DNA linking'                 y "2'-DEOXYGUANOSINE-5'-MONOPHOSPHATE" ? 'C10 H14 N5 O7 P' 347.221 
DT  'DNA linking'                 y "THYMIDINE-5'-MONOPHOSPHATE" ? 'C10 H15 N2 O8 P' 322.208 
ERI 'L-saccharide, alpha linking' n 3-C-methyl-4-O-acetyl-alpha-L-Olivopyranose 
;4-O-ACETYL-2,6-DIDEOXY-3-C-METHYL-BETA-L-ARABINO-HEXOPYRANOSE; 3-C-methyl-4-O-acetyl-alpha-L-Olivose; 3-C-methyl-4-O-acetyl-L-Olivose; 3-C-methyl-4-O-acetyl-Olivose
;
'C9 H16 O5'       204.220 
HOH non-polymer                   . WATER ? 'H2 O'            18.015  
# 
_exptl.absorpt_coefficient_mu     ? 
_exptl.absorpt_correction_T_max   ? 
_exptl.absorpt_correction_T_min   ? 
_exptl.absorpt_correction_type    ? 
_exptl.absorpt_process_details    ? 
_exptl.entry_id                   5XJW 
_exptl.crystals_number            1 
_exptl.details                    ? 
_exptl.method                     'X-RAY DIFFRACTION' 
_exptl.method_details             ? 
# 
_exptl_crystal.colour                      ? 
_exptl_crystal.density_diffrn              ? 
_exptl_crystal.density_Matthews            3.89 
_exptl_crystal.density_method              ? 
_exptl_crystal.density_percent_sol         68.36 
_exptl_crystal.description                 ? 
_exptl_crystal.F_000                       ? 
_exptl_crystal.id                          1 
_exptl_crystal.preparation                 ? 
_exptl_crystal.size_max                    ? 
_exptl_crystal.size_mid                    ? 
_exptl_crystal.size_min                    ? 
_exptl_crystal.size_rad                    ? 
_exptl_crystal.colour_lustre               ? 
_exptl_crystal.colour_modifier             ? 
_exptl_crystal.colour_primary              ? 
_exptl_crystal.density_meas                ? 
_exptl_crystal.density_meas_esd            ? 
_exptl_crystal.density_meas_gt             ? 
_exptl_crystal.density_meas_lt             ? 
_exptl_crystal.density_meas_temp           ? 
_exptl_crystal.density_meas_temp_esd       ? 
_exptl_crystal.density_meas_temp_gt        ? 
_exptl_crystal.density_meas_temp_lt        ? 
_exptl_crystal.pdbx_crystal_image_url      ? 
_exptl_crystal.pdbx_crystal_image_format   ? 
_exptl_crystal.pdbx_mosaicity              ? 
_exptl_crystal.pdbx_mosaicity_esd          ? 
# 
_exptl_crystal_grow.apparatus       ? 
_exptl_crystal_grow.atmosphere      ? 
_exptl_crystal_grow.crystal_id      1 
_exptl_crystal_grow.details         ? 
_exptl_crystal_grow.method          'VAPOR DIFFUSION, SITTING DROP' 
_exptl_crystal_grow.method_ref      ? 
_exptl_crystal_grow.pH              6.0 
_exptl_crystal_grow.pressure        ? 
_exptl_crystal_grow.pressure_esd    ? 
_exptl_crystal_grow.seeding         ? 
_exptl_crystal_grow.seeding_ref     ? 
_exptl_crystal_grow.temp            277 
_exptl_crystal_grow.temp_details    ? 
_exptl_crystal_grow.temp_esd        ? 
_exptl_crystal_grow.time            ? 
_exptl_crystal_grow.pdbx_details    
'1.0 mM ssDNA, 2.0 mM Chromomycin A3, 4mM CoCl2.6H2O, 50 mM Sodium Cacodylate, 5 mM Spermine, 3% MPD' 
_exptl_crystal_grow.pdbx_pH_range   ? 
# 
_diffrn.ambient_environment    ? 
_diffrn.ambient_temp           100 
_diffrn.ambient_temp_details   ? 
_diffrn.ambient_temp_esd       ? 
_diffrn.crystal_id             1 
_diffrn.crystal_support        ? 
_diffrn.crystal_treatment      ? 
_diffrn.details                ? 
_diffrn.id                     1 
_diffrn.ambient_pressure       ? 
_diffrn.ambient_pressure_esd   ? 
_diffrn.ambient_pressure_gt    ? 
_diffrn.ambient_pressure_lt    ? 
_diffrn.ambient_temp_gt        ? 
_diffrn.ambient_temp_lt        ? 
# 
_diffrn_detector.details                      ? 
_diffrn_detector.detector                     CCD 
_diffrn_detector.diffrn_id                    1 
_diffrn_detector.type                         'ADSC QUANTUM 315r' 
_diffrn_detector.area_resol_mean              ? 
_diffrn_detector.dtime                        ? 
_diffrn_detector.pdbx_frames_total            ? 
_diffrn_detector.pdbx_collection_time_total   ? 
_diffrn_detector.pdbx_collection_date         2012-09-18 
# 
_diffrn_radiation.collimation                      ? 
_diffrn_radiation.diffrn_id                        1 
_diffrn_radiation.filter_edge                      ? 
_diffrn_radiation.inhomogeneity                    ? 
_diffrn_radiation.monochromator                    ? 
_diffrn_radiation.polarisn_norm                    ? 
_diffrn_radiation.polarisn_ratio                   ? 
_diffrn_radiation.probe                            ? 
_diffrn_radiation.type                             ? 
_diffrn_radiation.xray_symbol                      ? 
_diffrn_radiation.wavelength_id                    1 
_diffrn_radiation.pdbx_monochromatic_or_laue_m_l   M 
_diffrn_radiation.pdbx_wavelength_list             ? 
_diffrn_radiation.pdbx_wavelength                  ? 
_diffrn_radiation.pdbx_diffrn_protocol             'SINGLE WAVELENGTH' 
_diffrn_radiation.pdbx_analyzer                    ? 
_diffrn_radiation.pdbx_scattering_type             x-ray 
# 
_diffrn_radiation_wavelength.id           1 
_diffrn_radiation_wavelength.wavelength   1.56418 
_diffrn_radiation_wavelength.wt           1.0 
# 
_diffrn_source.current                     ? 
_diffrn_source.details                     ? 
_diffrn_source.diffrn_id                   1 
_diffrn_source.power                       ? 
_diffrn_source.size                        ? 
_diffrn_source.source                      SYNCHROTRON 
_diffrn_source.target                      ? 
_diffrn_source.type                        'NSRRC BEAMLINE BL13B1' 
_diffrn_source.voltage                     ? 
_diffrn_source.take-off_angle              ? 
_diffrn_source.pdbx_wavelength_list        1.56418 
_diffrn_source.pdbx_wavelength             ? 
_diffrn_source.pdbx_synchrotron_beamline   BL13B1 
_diffrn_source.pdbx_synchrotron_site       NSRRC 
# 
_reflns.B_iso_Wilson_estimate            47.680 
_reflns.entry_id                         5XJW 
_reflns.data_reduction_details           ? 
_reflns.data_reduction_method            ? 
_reflns.d_resolution_high                2.0970 
_reflns.d_resolution_low                 30.000 
_reflns.details                          ? 
_reflns.limit_h_max                      ? 
_reflns.limit_h_min                      ? 
_reflns.limit_k_max                      ? 
_reflns.limit_k_min                      ? 
_reflns.limit_l_max                      ? 
_reflns.limit_l_min                      ? 
_reflns.number_all                       ? 
_reflns.number_obs                       12596 
_reflns.observed_criterion               ? 
_reflns.observed_criterion_F_max         ? 
_reflns.observed_criterion_F_min         ? 
_reflns.observed_criterion_I_max         ? 
_reflns.observed_criterion_I_min         ? 
_reflns.observed_criterion_sigma_F       ? 
_reflns.observed_criterion_sigma_I       ? 
_reflns.percent_possible_obs             99.600 
_reflns.R_free_details                   ? 
_reflns.Rmerge_F_all                     ? 
_reflns.Rmerge_F_obs                     ? 
_reflns.Friedel_coverage                 ? 
_reflns.number_gt                        ? 
_reflns.threshold_expression             ? 
_reflns.pdbx_redundancy                  6.100 
_reflns.pdbx_Rmerge_I_obs                0.055 
_reflns.pdbx_Rmerge_I_all                ? 
_reflns.pdbx_Rsym_value                  ? 
_reflns.pdbx_netI_over_av_sigmaI         ? 
_reflns.pdbx_netI_over_sigmaI            24.800 
_reflns.pdbx_res_netI_over_av_sigmaI_2   ? 
_reflns.pdbx_res_netI_over_sigmaI_2      ? 
_reflns.pdbx_chi_squared                 1.887 
_reflns.pdbx_scaling_rejects             ? 
_reflns.pdbx_d_res_high_opt              ? 
_reflns.pdbx_d_res_low_opt               ? 
_reflns.pdbx_d_res_opt_method            ? 
_reflns.phase_calculation_details        ? 
_reflns.pdbx_Rrim_I_all                  ? 
_reflns.pdbx_Rpim_I_all                  ? 
_reflns.pdbx_d_opt                       ? 
_reflns.pdbx_number_measured_all         ? 
_reflns.pdbx_diffrn_id                   1 
_reflns.pdbx_ordinal                     1 
_reflns.pdbx_CC_half                     ? 
_reflns.pdbx_R_split                     ? 
# 
loop_
_reflns_shell.d_res_high 
_reflns_shell.d_res_low 
_reflns_shell.meanI_over_sigI_all 
_reflns_shell.meanI_over_sigI_obs 
_reflns_shell.number_measured_all 
_reflns_shell.number_measured_obs 
_reflns_shell.number_possible 
_reflns_shell.number_unique_all 
_reflns_shell.number_unique_obs 
_reflns_shell.percent_possible_all 
_reflns_shell.percent_possible_obs 
_reflns_shell.Rmerge_F_all 
_reflns_shell.Rmerge_F_obs 
_reflns_shell.Rmerge_I_all 
_reflns_shell.Rmerge_I_obs 
_reflns_shell.meanI_over_sigI_gt 
_reflns_shell.meanI_over_uI_all 
_reflns_shell.meanI_over_uI_gt 
_reflns_shell.number_measured_gt 
_reflns_shell.number_unique_gt 
_reflns_shell.percent_possible_gt 
_reflns_shell.Rmerge_F_gt 
_reflns_shell.Rmerge_I_gt 
_reflns_shell.pdbx_redundancy 
_reflns_shell.pdbx_Rsym_value 
_reflns_shell.pdbx_chi_squared 
_reflns_shell.pdbx_netI_over_sigmaI_all 
_reflns_shell.pdbx_netI_over_sigmaI_obs 
_reflns_shell.pdbx_Rrim_I_all 
_reflns_shell.pdbx_Rpim_I_all 
_reflns_shell.pdbx_rejects 
_reflns_shell.pdbx_ordinal 
_reflns_shell.pdbx_diffrn_id 
_reflns_shell.pdbx_CC_half 
_reflns_shell.pdbx_R_split 
2.100 2.180  ? ? ? ? ? ? ? 97.800  ? ? ? ? 0.267 ? ? ? ? ? ? ? ? 4.200 ? 0.961 ? ? ? ? ? 1  1 ? ? 
2.180 2.260  ? ? ? ? ? ? ? 100.000 ? ? ? ? 0.249 ? ? ? ? ? ? ? ? 5.800 ? 1.063 ? ? ? ? ? 2  1 ? ? 
2.260 2.370  ? ? ? ? ? ? ? 100.000 ? ? ? ? 0.185 ? ? ? ? ? ? ? ? 6.400 ? 1.234 ? ? ? ? ? 3  1 ? ? 
2.370 2.490  ? ? ? ? ? ? ? 100.000 ? ? ? ? 0.137 ? ? ? ? ? ? ? ? 6.400 ? 1.217 ? ? ? ? ? 4  1 ? ? 
2.490 2.650  ? ? ? ? ? ? ? 100.000 ? ? ? ? 0.121 ? ? ? ? ? ? ? ? 6.500 ? 1.289 ? ? ? ? ? 5  1 ? ? 
2.650 2.850  ? ? ? ? ? ? ? 100.000 ? ? ? ? 0.101 ? ? ? ? ? ? ? ? 6.500 ? 1.792 ? ? ? ? ? 6  1 ? ? 
2.850 3.140  ? ? ? ? ? ? ? 100.000 ? ? ? ? 0.069 ? ? ? ? ? ? ? ? 6.400 ? 1.955 ? ? ? ? ? 7  1 ? ? 
3.140 3.590  ? ? ? ? ? ? ? 100.000 ? ? ? ? 0.054 ? ? ? ? ? ? ? ? 6.100 ? 2.121 ? ? ? ? ? 8  1 ? ? 
3.590 4.520  ? ? ? ? ? ? ? 99.700  ? ? ? ? 0.047 ? ? ? ? ? ? ? ? 6.200 ? 2.346 ? ? ? ? ? 9  1 ? ? 
4.520 30.000 ? ? ? ? ? ? ? 98.100  ? ? ? ? 0.048 ? ? ? ? ? ? ? ? 6.000 ? 4.416 ? ? ? ? ? 10 1 ? ? 
# 
_refine.aniso_B[1][1]                            ? 
_refine.aniso_B[1][2]                            ? 
_refine.aniso_B[1][3]                            ? 
_refine.aniso_B[2][2]                            ? 
_refine.aniso_B[2][3]                            ? 
_refine.aniso_B[3][3]                            ? 
_refine.B_iso_max                                123.080 
_refine.B_iso_mean                               55.6101 
_refine.B_iso_min                                30.930 
_refine.correlation_coeff_Fo_to_Fc               ? 
_refine.correlation_coeff_Fo_to_Fc_free          ? 
_refine.details                                  
;The force field of Chro unit used in the refinement of CoII(Chro)2-DNA complex structure was generated using the atomic resolution crystal structure of NiII(Chro)2.
;
_refine.diff_density_max                         ? 
_refine.diff_density_max_esd                     ? 
_refine.diff_density_min                         ? 
_refine.diff_density_min_esd                     ? 
_refine.diff_density_rms                         ? 
_refine.diff_density_rms_esd                     ? 
_refine.entry_id                                 5XJW 
_refine.pdbx_refine_id                           'X-RAY DIFFRACTION' 
_refine.ls_abs_structure_details                 ? 
_refine.ls_abs_structure_Flack                   ? 
_refine.ls_abs_structure_Flack_esd               ? 
_refine.ls_abs_structure_Rogers                  ? 
_refine.ls_abs_structure_Rogers_esd              ? 
_refine.ls_d_res_high                            2.0970 
_refine.ls_d_res_low                             29.5760 
_refine.ls_extinction_coef                       ? 
_refine.ls_extinction_coef_esd                   ? 
_refine.ls_extinction_expression                 ? 
_refine.ls_extinction_method                     ? 
_refine.ls_goodness_of_fit_all                   ? 
_refine.ls_goodness_of_fit_all_esd               ? 
_refine.ls_goodness_of_fit_obs                   ? 
_refine.ls_goodness_of_fit_obs_esd               ? 
_refine.ls_hydrogen_treatment                    ? 
_refine.ls_matrix_type                           ? 
_refine.ls_number_constraints                    ? 
_refine.ls_number_parameters                     ? 
_refine.ls_number_reflns_all                     ? 
_refine.ls_number_reflns_obs                     12596 
_refine.ls_number_reflns_R_free                  1230 
_refine.ls_number_reflns_R_work                  ? 
_refine.ls_number_restraints                     ? 
_refine.ls_percent_reflns_obs                    98.4500 
_refine.ls_percent_reflns_R_free                 9.7700 
_refine.ls_R_factor_all                          ? 
_refine.ls_R_factor_obs                          0.2275 
_refine.ls_R_factor_R_free                       0.2457 
_refine.ls_R_factor_R_free_error                 ? 
_refine.ls_R_factor_R_free_error_details         ? 
_refine.ls_R_factor_R_work                       0.2253 
_refine.ls_R_Fsqd_factor_obs                     ? 
_refine.ls_R_I_factor_obs                        ? 
_refine.ls_redundancy_reflns_all                 ? 
_refine.ls_redundancy_reflns_obs                 ? 
_refine.ls_restrained_S_all                      ? 
_refine.ls_restrained_S_obs                      ? 
_refine.ls_shift_over_esd_max                    ? 
_refine.ls_shift_over_esd_mean                   ? 
_refine.ls_structure_factor_coef                 ? 
_refine.ls_weighting_details                     ? 
_refine.ls_weighting_scheme                      ? 
_refine.ls_wR_factor_all                         ? 
_refine.ls_wR_factor_obs                         ? 
_refine.ls_wR_factor_R_free                      ? 
_refine.ls_wR_factor_R_work                      ? 
_refine.occupancy_max                            ? 
_refine.occupancy_min                            ? 
_refine.solvent_model_details                    ? 
_refine.solvent_model_param_bsol                 ? 
_refine.solvent_model_param_ksol                 ? 
_refine.ls_R_factor_gt                           ? 
_refine.ls_goodness_of_fit_gt                    ? 
_refine.ls_goodness_of_fit_ref                   ? 
_refine.ls_shift_over_su_max                     ? 
_refine.ls_shift_over_su_max_lt                  ? 
_refine.ls_shift_over_su_mean                    ? 
_refine.ls_shift_over_su_mean_lt                 ? 
_refine.pdbx_ls_sigma_I                          ? 
_refine.pdbx_ls_sigma_F                          1.360 
_refine.pdbx_ls_sigma_Fsqd                       ? 
_refine.pdbx_data_cutoff_high_absF               ? 
_refine.pdbx_data_cutoff_high_rms_absF           ? 
_refine.pdbx_data_cutoff_low_absF                ? 
_refine.pdbx_isotropic_thermal_model             ? 
_refine.pdbx_ls_cross_valid_method               THROUGHOUT 
_refine.pdbx_method_to_determine_struct          'MOLECULAR REPLACEMENT' 
_refine.pdbx_starting_model                      5XEW 
_refine.pdbx_stereochemistry_target_values       ? 
_refine.pdbx_R_Free_selection_details            ? 
_refine.pdbx_stereochem_target_val_spec_case     ? 
_refine.pdbx_overall_ESU_R                       ? 
_refine.pdbx_overall_ESU_R_Free                  ? 
_refine.pdbx_solvent_vdw_probe_radii             1.1100 
_refine.pdbx_solvent_ion_probe_radii             ? 
_refine.pdbx_solvent_shrinkage_radii             0.9000 
_refine.pdbx_real_space_R                        ? 
_refine.pdbx_density_correlation                 ? 
_refine.pdbx_pd_number_of_powder_patterns        ? 
_refine.pdbx_pd_number_of_points                 ? 
_refine.pdbx_pd_meas_number_of_points            ? 
_refine.pdbx_pd_proc_ls_prof_R_factor            ? 
_refine.pdbx_pd_proc_ls_prof_wR_factor           ? 
_refine.pdbx_pd_Marquardt_correlation_coeff      ? 
_refine.pdbx_pd_Fsqrd_R_factor                   ? 
_refine.pdbx_pd_ls_matrix_band_width             ? 
_refine.pdbx_overall_phase_error                 31.0700 
_refine.pdbx_overall_SU_R_free_Cruickshank_DPI   ? 
_refine.pdbx_overall_SU_R_free_Blow_DPI          ? 
_refine.pdbx_overall_SU_R_Blow_DPI               ? 
_refine.pdbx_TLS_residual_ADP_flag               ? 
_refine.pdbx_diffrn_id                           1 
_refine.overall_SU_B                             ? 
_refine.overall_SU_ML                            0.2500 
_refine.overall_SU_R_Cruickshank_DPI             ? 
_refine.overall_SU_R_free                        ? 
_refine.overall_FOM_free_R_set                   ? 
_refine.overall_FOM_work_R_set                   ? 
_refine.pdbx_average_fsc_overall                 ? 
_refine.pdbx_average_fsc_work                    ? 
_refine.pdbx_average_fsc_free                    ? 
# 
_refine_hist.cycle_id                         final 
_refine_hist.pdbx_refine_id                   'X-RAY DIFFRACTION' 
_refine_hist.d_res_high                       2.0970 
_refine_hist.d_res_low                        29.5760 
_refine_hist.pdbx_number_atoms_ligand         169 
_refine_hist.number_atoms_solvent             50 
_refine_hist.number_atoms_total               699 
_refine_hist.pdbx_number_residues_total       24 
_refine_hist.pdbx_B_iso_mean_ligand           43.95 
_refine_hist.pdbx_B_iso_mean_solvent          57.27 
_refine_hist.pdbx_number_atoms_protein        0 
_refine_hist.pdbx_number_atoms_nucleic_acid   480 
# 
loop_
_refine_ls_restr.pdbx_refine_id 
_refine_ls_restr.criterion 
_refine_ls_restr.dev_ideal 
_refine_ls_restr.dev_ideal_target 
_refine_ls_restr.number 
_refine_ls_restr.rejects 
_refine_ls_restr.type 
_refine_ls_restr.weight 
_refine_ls_restr.pdbx_restraint_function 
'X-RAY DIFFRACTION' ? 0.004  ? 714  ? f_bond_d           ? ? 
'X-RAY DIFFRACTION' ? 0.764  ? 1056 ? f_angle_d          ? ? 
'X-RAY DIFFRACTION' ? 0.039  ? 136  ? f_chiral_restr     ? ? 
'X-RAY DIFFRACTION' ? 0.004  ? 30   ? f_plane_restr      ? ? 
'X-RAY DIFFRACTION' ? 28.767 ? 316  ? f_dihedral_angle_d ? ? 
# 
loop_
_refine_ls_shell.pdbx_refine_id 
_refine_ls_shell.d_res_high 
_refine_ls_shell.d_res_low 
_refine_ls_shell.number_reflns_all 
_refine_ls_shell.number_reflns_obs 
_refine_ls_shell.number_reflns_R_free 
_refine_ls_shell.number_reflns_R_work 
_refine_ls_shell.percent_reflns_obs 
_refine_ls_shell.percent_reflns_R_free 
_refine_ls_shell.R_factor_all 
_refine_ls_shell.R_factor_obs 
_refine_ls_shell.R_factor_R_free 
_refine_ls_shell.R_factor_R_free_error 
_refine_ls_shell.R_factor_R_work 
_refine_ls_shell.redundancy_reflns_all 
_refine_ls_shell.redundancy_reflns_obs 
_refine_ls_shell.wR_factor_all 
_refine_ls_shell.wR_factor_obs 
_refine_ls_shell.wR_factor_R_free 
_refine_ls_shell.wR_factor_R_work 
_refine_ls_shell.pdbx_total_number_of_bins_used 
_refine_ls_shell.pdbx_phase_error 
_refine_ls_shell.pdbx_fsc_work 
_refine_ls_shell.pdbx_fsc_free 
'X-RAY DIFFRACTION' 2.0967 2.1806  1278 . 123 1155 92.0000  . . . 0.3429 0.0000 0.2800 . . . . . . 9 . . . 
'X-RAY DIFFRACTION' 2.1806 2.2798  1457 . 145 1312 99.0000  . . . 0.3864 0.0000 0.2878 . . . . . . 9 . . . 
'X-RAY DIFFRACTION' 2.2798 2.4000  1386 . 140 1246 100.0000 . . . 0.3077 0.0000 0.3005 . . . . . . 9 . . . 
'X-RAY DIFFRACTION' 2.4000 2.5503  1403 . 132 1271 99.0000  . . . 0.2934 0.0000 0.2897 . . . . . . 9 . . . 
'X-RAY DIFFRACTION' 2.5503 2.7470  1426 . 140 1286 100.0000 . . . 0.3933 0.0000 0.2963 . . . . . . 9 . . . 
'X-RAY DIFFRACTION' 2.7470 3.0232  1429 . 132 1297 100.0000 . . . 0.2815 0.0000 0.3165 . . . . . . 9 . . . 
'X-RAY DIFFRACTION' 3.0232 3.4601  1415 . 140 1275 99.0000  . . . 0.2217 0.0000 0.2029 . . . . . . 9 . . . 
'X-RAY DIFFRACTION' 3.4601 4.3572  1394 . 134 1260 99.0000  . . . 0.2396 0.0000 0.2024 . . . . . . 9 . . . 
'X-RAY DIFFRACTION' 4.3572 29.5794 1408 . 144 1264 98.0000  . . . 0.1946 0.0000 0.1866 . . . . . . 9 . . . 
# 
_struct.entry_id                     5XJW 
_struct.title                        'Crystal Structure of the [Co2+-(Chromomycin A3)2]-CCG repeats Complex' 
_struct.pdbx_model_details           ? 
_struct.pdbx_formula_weight          ? 
_struct.pdbx_formula_weight_method   ? 
_struct.pdbx_model_type_details      ? 
_struct.pdbx_CASP_flag               N 
# 
_struct_keywords.entry_id        5XJW 
_struct_keywords.text            
;Nucleotide Flipping-out, CCG trinucleotide repeats, Chromomycin A3, Metalloantibiotics, Minor Groove Binding drug, DNA-ANTIBIOTIC complex
;
_struct_keywords.pdbx_keywords   DNA/ANTIBIOTIC 
# 
loop_
_struct_asym.id 
_struct_asym.pdbx_blank_PDB_chainid_flag 
_struct_asym.pdbx_modified 
_struct_asym.entity_id 
_struct_asym.details 
A N N 1 ? 
B N N 1 ? 
C N N 2 ? 
D N N 3 ? 
E N N 3 ? 
F N N 2 ? 
G N N 4 ? 
H N N 5 ? 
I N N 5 ? 
J N N 4 ? 
K N N 5 ? 
L N N 6 ? 
M N N 6 ? 
# 
loop_
_struct_conn.id 
_struct_conn.conn_type_id 
_struct_conn.pdbx_leaving_atom_flag 
_struct_conn.pdbx_PDB_id 
_struct_conn.ptnr1_label_asym_id 
_struct_conn.ptnr1_label_comp_id 
_struct_conn.ptnr1_label_seq_id 
_struct_conn.ptnr1_label_atom_id 
_struct_conn.pdbx_ptnr1_label_alt_id 
_struct_conn.pdbx_ptnr1_PDB_ins_code 
_struct_conn.pdbx_ptnr1_standard_comp_id 
_struct_conn.ptnr1_symmetry 
_struct_conn.ptnr2_label_asym_id 
_struct_conn.ptnr2_label_comp_id 
_struct_conn.ptnr2_label_seq_id 
_struct_conn.ptnr2_label_atom_id 
_struct_conn.pdbx_ptnr2_label_alt_id 
_struct_conn.pdbx_ptnr2_PDB_ins_code 
_struct_conn.ptnr1_auth_asym_id 
_struct_conn.ptnr1_auth_comp_id 
_struct_conn.ptnr1_auth_seq_id 
_struct_conn.ptnr2_auth_asym_id 
_struct_conn.ptnr2_auth_comp_id 
_struct_conn.ptnr2_auth_seq_id 
_struct_conn.ptnr2_symmetry 
_struct_conn.pdbx_ptnr3_label_atom_id 
_struct_conn.pdbx_ptnr3_label_seq_id 
_struct_conn.pdbx_ptnr3_label_comp_id 
_struct_conn.pdbx_ptnr3_label_asym_id 
_struct_conn.pdbx_ptnr3_label_alt_id 
_struct_conn.pdbx_ptnr3_PDB_ins_code 
_struct_conn.details 
_struct_conn.pdbx_dist_value 
_struct_conn.pdbx_value_order 
_struct_conn.pdbx_role 
covale1  covale one  ? G CPH .  C6 ? ? ? 1_555 D 2GL .  O1 ? ? A CPH 106 D 2GL 1   1_555 ? ? ? ? ? ? ?            1.371 ?    ? 
covale2  covale one  ? G CPH .  C2 ? ? ? 1_555 F DDA .  O1 ? ? A CPH 106 F DDA 1   1_555 ? ? ? ? ? ? ?            1.378 ?    ? 
covale3  covale one  ? J CPH .  C2 ? ? ? 1_555 C DDA .  O1 ? ? B CPH 103 C DDA 1   1_555 ? ? ? ? ? ? ?            1.373 ?    ? 
covale4  covale one  ? J CPH .  C6 ? ? ? 1_555 E 2GL .  O1 ? ? B CPH 103 E 2GL 1   1_555 ? ? ? ? ? ? ?            1.380 ?    ? 
covale5  covale both ? C DDA .  O3 ? ? ? 1_555 C DDA .  C1 ? ? C DDA 1   C DDA 2   1_555 ? ? ? ? ? ? ?            1.431 sing ? 
covale6  covale both ? C DDA .  O3 ? ? ? 1_555 C ERI .  C1 ? ? C DDA 2   C ERI 3   1_555 ? ? ? ? ? ? ?            1.429 sing ? 
covale7  covale both ? D 2GL .  O3 ? ? ? 1_555 D 1GL .  C1 ? ? D 2GL 1   D 1GL 2   1_555 ? ? ? ? ? ? ?            1.434 sing ? 
covale8  covale both ? E 2GL .  O3 ? ? ? 1_555 E 1GL .  C1 ? ? E 2GL 1   E 1GL 2   1_555 ? ? ? ? ? ? ?            1.432 sing ? 
covale9  covale both ? F DDA .  O3 ? ? ? 1_555 F DDA .  C1 ? ? F DDA 1   F DDA 2   1_555 ? ? ? ? ? ? ?            1.432 sing ? 
covale10 covale both ? F DDA .  O3 ? ? ? 1_555 F ERI .  C1 ? ? F DDA 2   F ERI 3   1_555 ? ? ? ? ? ? ?            1.430 sing ? 
metalc1  metalc ?    ? A DG  8  N7 ? ? ? 1_555 I CO  .  CO ? ? A DG  8   A CO  108 1_555 ? ? ? ? ? ? ?            2.224 ?    ? 
metalc2  metalc ?    ? G CPH .  O1 ? ? ? 1_555 H CO  .  CO ? ? A CPH 106 A CO  107 1_555 ? ? ? ? ? ? ?            1.937 ?    ? 
metalc3  metalc ?    ? G CPH .  O9 ? ? ? 1_555 H CO  .  CO ? ? A CPH 106 A CO  107 1_555 ? ? ? ? ? ? ?            1.907 ?    ? 
metalc4  metalc ?    ? H CO  .  CO ? ? ? 1_555 L HOH .  O  ? ? A CO  107 A HOH 206 1_555 ? ? ? ? ? ? ?            2.164 ?    ? 
metalc5  metalc ?    ? H CO  .  CO ? ? ? 1_555 J CPH .  O1 ? ? A CO  107 B CPH 103 1_555 ? ? ? ? ? ? ?            1.907 ?    ? 
metalc6  metalc ?    ? H CO  .  CO ? ? ? 1_555 J CPH .  O9 ? ? A CO  107 B CPH 103 1_555 ? ? ? ? ? ? ?            1.945 ?    ? 
metalc7  metalc ?    ? H CO  .  CO ? ? ? 1_555 M HOH .  O  ? ? A CO  107 B HOH 203 1_555 ? ? ? ? ? ? ?            2.186 ?    ? 
metalc8  metalc ?    ? I CO  .  CO ? ? ? 1_555 L HOH .  O  ? ? A CO  108 A HOH 202 1_555 ? ? ? ? ? ? ?            2.007 ?    ? 
metalc9  metalc ?    ? I CO  .  CO ? ? ? 1_555 L HOH .  O  ? ? A CO  108 A HOH 204 1_555 ? ? ? ? ? ? ?            2.006 ?    ? 
metalc10 metalc ?    ? I CO  .  CO ? ? ? 1_555 L HOH .  O  ? ? A CO  108 A HOH 207 1_555 ? ? ? ? ? ? ?            2.231 ?    ? 
metalc11 metalc ?    ? I CO  .  CO ? ? ? 1_555 L HOH .  O  ? ? A CO  108 A HOH 213 1_555 ? ? ? ? ? ? ?            1.882 ?    ? 
metalc12 metalc ?    ? I CO  .  CO ? ? ? 1_555 L HOH .  O  ? ? A CO  108 A HOH 218 1_555 ? ? ? ? ? ? ?            2.426 ?    ? 
metalc13 metalc ?    ? B DG  8  N7 ? ? ? 1_555 K CO  .  CO ? ? B DG  21  B CO  107 1_555 ? ? ? ? ? ? ?            2.272 ?    ? 
metalc14 metalc ?    ? K CO  .  CO ? ? ? 1_555 M HOH .  O  ? ? B CO  107 B HOH 202 1_555 ? ? ? ? ? ? ?            2.180 ?    ? 
metalc15 metalc ?    ? K CO  .  CO ? ? ? 1_555 M HOH .  O  ? ? B CO  107 B HOH 204 1_555 ? ? ? ? ? ? ?            2.003 ?    ? 
metalc16 metalc ?    ? K CO  .  CO ? ? ? 1_555 M HOH .  O  ? ? B CO  107 B HOH 208 1_555 ? ? ? ? ? ? ?            2.006 ?    ? 
metalc17 metalc ?    ? K CO  .  CO ? ? ? 1_555 M HOH .  O  ? ? B CO  107 B HOH 213 1_555 ? ? ? ? ? ? ?            1.891 ?    ? 
metalc18 metalc ?    ? K CO  .  CO ? ? ? 1_555 M HOH .  O  ? ? B CO  107 B HOH 222 1_555 ? ? ? ? ? ? ?            2.356 ?    ? 
hydrog1  hydrog ?    ? A DT  1  N3 ? ? ? 1_555 B DA  13 N7 ? ? A DT  1   B DA  26  1_555 ? ? ? ? ? ? HOOGSTEEN    ?     ?    ? 
hydrog2  hydrog ?    ? A DT  1  O4 ? ? ? 1_555 B DA  13 N6 ? ? A DT  1   B DA  26  1_555 ? ? ? ? ? ? HOOGSTEEN    ?     ?    ? 
hydrog3  hydrog ?    ? A DT  2  N3 ? ? ? 1_555 B DA  12 N1 ? ? A DT  2   B DA  25  1_555 ? ? ? ? ? ? WATSON-CRICK ?     ?    ? 
hydrog4  hydrog ?    ? A DT  2  O4 ? ? ? 1_555 B DA  12 N6 ? ? A DT  2   B DA  25  1_555 ? ? ? ? ? ? WATSON-CRICK ?     ?    ? 
hydrog5  hydrog ?    ? A DC  4  N3 ? ? ? 1_555 B DG  11 N1 ? ? A DC  4   B DG  24  1_555 ? ? ? ? ? ? WATSON-CRICK ?     ?    ? 
hydrog6  hydrog ?    ? A DC  4  N4 ? ? ? 1_555 B DG  11 O6 ? ? A DC  4   B DG  24  1_555 ? ? ? ? ? ? WATSON-CRICK ?     ?    ? 
hydrog7  hydrog ?    ? A DC  4  O2 ? ? ? 1_555 B DG  11 N2 ? ? A DC  4   B DG  24  1_555 ? ? ? ? ? ? WATSON-CRICK ?     ?    ? 
hydrog8  hydrog ?    ? A DG  5  N1 ? ? ? 1_555 B DC  10 N3 ? ? A DG  5   B DC  23  1_555 ? ? ? ? ? ? WATSON-CRICK ?     ?    ? 
hydrog9  hydrog ?    ? A DG  5  N2 ? ? ? 1_555 B DC  10 O2 ? ? A DG  5   B DC  23  1_555 ? ? ? ? ? ? WATSON-CRICK ?     ?    ? 
hydrog10 hydrog ?    ? A DG  5  O6 ? ? ? 1_555 B DC  10 N4 ? ? A DG  5   B DC  23  1_555 ? ? ? ? ? ? WATSON-CRICK ?     ?    ? 
hydrog11 hydrog ?    ? A DG  8  N1 ? ? ? 1_555 B DC  9  N3 ? ? A DG  8   B DC  22  1_555 ? ? ? ? ? ? WATSON-CRICK ?     ?    ? 
hydrog12 hydrog ?    ? A DG  8  N2 ? ? ? 1_555 B DC  9  O2 ? ? A DG  8   B DC  22  1_555 ? ? ? ? ? ? WATSON-CRICK ?     ?    ? 
hydrog13 hydrog ?    ? A DG  8  O6 ? ? ? 1_555 B DC  9  N4 ? ? A DG  8   B DC  22  1_555 ? ? ? ? ? ? WATSON-CRICK ?     ?    ? 
hydrog14 hydrog ?    ? A DC  9  N3 ? ? ? 1_555 B DG  8  N1 ? ? A DC  9   B DG  21  1_555 ? ? ? ? ? ? WATSON-CRICK ?     ?    ? 
hydrog15 hydrog ?    ? A DC  9  N4 ? ? ? 1_555 B DG  8  O6 ? ? A DC  9   B DG  21  1_555 ? ? ? ? ? ? WATSON-CRICK ?     ?    ? 
hydrog16 hydrog ?    ? A DC  9  O2 ? ? ? 1_555 B DG  8  N2 ? ? A DC  9   B DG  21  1_555 ? ? ? ? ? ? WATSON-CRICK ?     ?    ? 
hydrog17 hydrog ?    ? A DC  10 N3 ? ? ? 1_555 B DG  5  N1 ? ? A DC  10  B DG  18  1_555 ? ? ? ? ? ? WATSON-CRICK ?     ?    ? 
hydrog18 hydrog ?    ? A DC  10 N4 ? ? ? 1_555 B DG  5  O6 ? ? A DC  10  B DG  18  1_555 ? ? ? ? ? ? WATSON-CRICK ?     ?    ? 
hydrog19 hydrog ?    ? A DC  10 O2 ? ? ? 1_555 B DG  5  N2 ? ? A DC  10  B DG  18  1_555 ? ? ? ? ? ? WATSON-CRICK ?     ?    ? 
hydrog20 hydrog ?    ? A DG  11 N1 ? ? ? 1_555 B DC  4  N3 ? ? A DG  11  B DC  17  1_555 ? ? ? ? ? ? WATSON-CRICK ?     ?    ? 
hydrog21 hydrog ?    ? A DG  11 N2 ? ? ? 1_555 B DC  4  O2 ? ? A DG  11  B DC  17  1_555 ? ? ? ? ? ? WATSON-CRICK ?     ?    ? 
hydrog22 hydrog ?    ? A DG  11 O6 ? ? ? 1_555 B DC  4  N4 ? ? A DG  11  B DC  17  1_555 ? ? ? ? ? ? WATSON-CRICK ?     ?    ? 
hydrog23 hydrog ?    ? A DA  12 N1 ? ? ? 1_555 B DT  2  N3 ? ? A DA  12  B DT  15  1_555 ? ? ? ? ? ? WATSON-CRICK ?     ?    ? 
hydrog24 hydrog ?    ? A DA  12 N6 ? ? ? 1_555 B DT  2  O4 ? ? A DA  12  B DT  15  1_555 ? ? ? ? ? ? WATSON-CRICK ?     ?    ? 
hydrog25 hydrog ?    ? A DA  13 N7 ? ? ? 1_555 B DT  1  N3 ? ? A DA  13  B DT  14  1_555 ? ? ? ? ? ? 'DA-DT PAIR' ?     ?    ? 
# 
loop_
_struct_conn_type.id 
_struct_conn_type.criteria 
_struct_conn_type.reference 
covale ? ? 
metalc ? ? 
hydrog ? ? 
# 
_atom_sites.entry_id                    5XJW 
_atom_sites.fract_transf_matrix[1][1]   -0.00798804 
_atom_sites.fract_transf_matrix[1][2]   -0.01871777 
_atom_sites.fract_transf_matrix[1][3]   -0.01253606 
_atom_sites.fract_transf_matrix[2][1]   -0.02160984 
_atom_sites.fract_transf_matrix[2][2]   -0.00911939 
_atom_sites.fract_transf_matrix[2][3]   0.00459970 
_atom_sites.fract_transf_matrix[3][1]   -0.00484343 
_atom_sites.fract_transf_matrix[3][2]   0.00743476 
_atom_sites.fract_transf_matrix[3][3]   -0.00801469 
_atom_sites.fract_transf_vector[1]      -0.217531 
_atom_sites.fract_transf_vector[2]      -0.332488 
_atom_sites.fract_transf_vector[3]      0.084030 
# 
loop_
_atom_type.symbol 
C  
CO 
N  
O  
P  
# 
loop_
_atom_site.group_PDB 
_atom_site.id 
_atom_site.type_symbol 
_atom_site.label_atom_id 
_atom_site.label_alt_id 
_atom_site.label_comp_id 
_atom_site.label_asym_id 
_atom_site.label_entity_id 
_atom_site.label_seq_id 
_atom_site.pdbx_PDB_ins_code 
_atom_site.Cartn_x 
_atom_site.Cartn_y 
_atom_site.Cartn_z 
_atom_site.occupancy 
_atom_site.B_iso_or_equiv 
_atom_site.pdbx_formal_charge 
_atom_site.auth_seq_id 
_atom_site.auth_comp_id 
_atom_site.auth_asym_id 
_atom_site.auth_atom_id 
_atom_site.pdbx_PDB_model_num 
ATOM   1   O  "O5'" . DT  A 1 1  ? -0.854  -7.323  19.198  1.00 84.51  ? 1   DT  A "O5'" 1 
ATOM   2   C  "C5'" . DT  A 1 1  ? -1.855  -6.886  18.272  1.00 84.22  ? 1   DT  A "C5'" 1 
ATOM   3   C  "C4'" . DT  A 1 1  ? -1.209  -6.200  17.086  1.00 88.81  ? 1   DT  A "C4'" 1 
ATOM   4   O  "O4'" . DT  A 1 1  ? -0.578  -7.175  16.232  1.00 90.21  ? 1   DT  A "O4'" 1 
ATOM   5   C  "C3'" . DT  A 1 1  ? -2.166  -5.445  16.169  1.00 90.36  ? 1   DT  A "C3'" 1 
ATOM   6   O  "O3'" . DT  A 1 1  ? -2.212  -4.043  16.476  1.00 104.57 ? 1   DT  A "O3'" 1 
ATOM   7   C  "C2'" . DT  A 1 1  ? -1.626  -5.694  14.747  1.00 86.54  ? 1   DT  A "C2'" 1 
ATOM   8   C  "C1'" . DT  A 1 1  ? -0.406  -6.587  14.970  1.00 84.27  ? 1   DT  A "C1'" 1 
ATOM   9   N  N1    . DT  A 1 1  ? -0.276  -7.650  13.954  1.00 79.34  ? 1   DT  A N1    1 
ATOM   10  C  C2    . DT  A 1 1  ? 0.975   -8.059  13.574  1.00 76.37  ? 1   DT  A C2    1 
ATOM   11  O  O2    . DT  A 1 1  ? 1.998   -7.608  14.057  1.00 74.32  ? 1   DT  A O2    1 
ATOM   12  N  N3    . DT  A 1 1  ? 0.991   -9.033  12.614  1.00 68.21  ? 1   DT  A N3    1 
ATOM   13  C  C4    . DT  A 1 1  ? -0.100  -9.617  11.997  1.00 69.89  ? 1   DT  A C4    1 
ATOM   14  O  O4    . DT  A 1 1  ? 0.018   -10.487 11.141  1.00 71.25  ? 1   DT  A O4    1 
ATOM   15  C  C5    . DT  A 1 1  ? -1.386  -9.132  12.432  1.00 69.78  ? 1   DT  A C5    1 
ATOM   16  C  C7    . DT  A 1 1  ? -2.643  -9.695  11.833  1.00 72.93  ? 1   DT  A C7    1 
ATOM   17  C  C6    . DT  A 1 1  ? -1.412  -8.177  13.377  1.00 75.90  ? 1   DT  A C6    1 
ATOM   18  P  P     . DT  A 1 2  ? -1.026  -3.282  17.260  1.00 118.76 ? 2   DT  A P     1 
ATOM   19  O  OP1   . DT  A 1 2  ? 0.322   -3.799  16.943  1.00 105.55 ? 2   DT  A OP1   1 
ATOM   20  O  OP2   . DT  A 1 2  ? -1.449  -3.237  18.673  1.00 112.93 ? 2   DT  A OP2   1 
ATOM   21  O  "O5'" . DT  A 1 2  ? -1.082  -1.786  16.676  1.00 102.49 ? 2   DT  A "O5'" 1 
ATOM   22  C  "C5'" . DT  A 1 2  ? -0.906  -1.540  15.259  1.00 100.78 ? 2   DT  A "C5'" 1 
ATOM   23  C  "C4'" . DT  A 1 2  ? 0.564   -1.352  14.899  1.00 100.11 ? 2   DT  A "C4'" 1 
ATOM   24  O  "O4'" . DT  A 1 2  ? 1.178   -2.654  14.725  1.00 97.65  ? 2   DT  A "O4'" 1 
ATOM   25  C  "C3'" . DT  A 1 2  ? 0.817   -0.608  13.592  1.00 96.07  ? 2   DT  A "C3'" 1 
ATOM   26  O  "O3'" . DT  A 1 2  ? 0.947   0.789   13.837  1.00 109.73 ? 2   DT  A "O3'" 1 
ATOM   27  C  "C2'" . DT  A 1 2  ? 2.133   -1.210  13.104  1.00 90.36  ? 2   DT  A "C2'" 1 
ATOM   28  C  "C1'" . DT  A 1 2  ? 2.069   -2.646  13.627  1.00 86.67  ? 2   DT  A "C1'" 1 
ATOM   29  N  N1    . DT  A 1 2  ? 1.598   -3.660  12.615  1.00 80.86  ? 2   DT  A N1    1 
ATOM   30  C  C2    . DT  A 1 2  ? 2.482   -4.610  12.150  1.00 77.33  ? 2   DT  A C2    1 
ATOM   31  O  O2    . DT  A 1 2  ? 3.645   -4.672  12.507  1.00 78.42  ? 2   DT  A O2    1 
ATOM   32  N  N3    . DT  A 1 2  ? 1.951   -5.492  11.244  1.00 71.82  ? 2   DT  A N3    1 
ATOM   33  C  C4    . DT  A 1 2  ? 0.653   -5.522  10.767  1.00 71.47  ? 2   DT  A C4    1 
ATOM   34  O  O4    . DT  A 1 2  ? 0.270   -6.356  9.951   1.00 67.06  ? 2   DT  A O4    1 
ATOM   35  C  C5    . DT  A 1 2  ? -0.221  -4.502  11.297  1.00 78.02  ? 2   DT  A C5    1 
ATOM   36  C  C7    . DT  A 1 2  ? -1.652  -4.431  10.854  1.00 78.83  ? 2   DT  A C7    1 
ATOM   37  C  C6    . DT  A 1 2  ? 0.286   -3.636  12.185  1.00 79.42  ? 2   DT  A C6    1 
ATOM   38  P  P     . DC  A 1 4  ? 4.571   2.629   12.931  1.00 108.18 ? 4   DC  A P     1 
ATOM   39  O  OP1   . DC  A 1 4  ? 5.796   3.420   13.186  1.00 99.40  ? 4   DC  A OP1   1 
ATOM   40  O  OP2   . DC  A 1 4  ? 3.664   3.027   11.833  1.00 114.15 ? 4   DC  A OP2   1 
ATOM   41  O  "O5'" . DC  A 1 4  ? 4.972   1.095   12.713  1.00 87.38  ? 4   DC  A "O5'" 1 
ATOM   42  C  "C5'" . DC  A 1 4  ? 5.665   0.383   13.738  1.00 85.11  ? 4   DC  A "C5'" 1 
ATOM   43  C  "C4'" . DC  A 1 4  ? 6.588   -0.674  13.148  1.00 78.07  ? 4   DC  A "C4'" 1 
ATOM   44  O  "O4'" . DC  A 1 4  ? 5.799   -1.717  12.507  1.00 78.80  ? 4   DC  A "O4'" 1 
ATOM   45  C  "C3'" . DC  A 1 4  ? 7.562   -0.172  12.085  1.00 73.71  ? 4   DC  A "C3'" 1 
ATOM   46  O  "O3'" . DC  A 1 4  ? 8.794   -0.875  12.200  1.00 69.08  ? 4   DC  A "O3'" 1 
ATOM   47  C  "C2'" . DC  A 1 4  ? 6.842   -0.519  10.785  1.00 71.78  ? 4   DC  A "C2'" 1 
ATOM   48  C  "C1'" . DC  A 1 4  ? 6.187   -1.842  11.154  1.00 68.45  ? 4   DC  A "C1'" 1 
ATOM   49  N  N1    . DC  A 1 4  ? 4.976   -2.165  10.338  1.00 64.92  ? 4   DC  A N1    1 
ATOM   50  C  C2    . DC  A 1 4  ? 4.923   -3.365  9.619   1.00 62.07  ? 4   DC  A C2    1 
ATOM   51  O  O2    . DC  A 1 4  ? 5.882   -4.141  9.671   1.00 70.12  ? 4   DC  A O2    1 
ATOM   52  N  N3    . DC  A 1 4  ? 3.818   -3.644  8.885   1.00 61.71  ? 4   DC  A N3    1 
ATOM   53  C  C4    . DC  A 1 4  ? 2.802   -2.781  8.854   1.00 62.22  ? 4   DC  A C4    1 
ATOM   54  N  N4    . DC  A 1 4  ? 1.735   -3.099  8.115   1.00 56.41  ? 4   DC  A N4    1 
ATOM   55  C  C5    . DC  A 1 4  ? 2.838   -1.552  9.577   1.00 65.06  ? 4   DC  A C5    1 
ATOM   56  C  C6    . DC  A 1 4  ? 3.935   -1.286  10.295  1.00 69.85  ? 4   DC  A C6    1 
ATOM   57  P  P     . DG  A 1 5  ? 10.182  -0.165  11.803  1.00 74.33  ? 5   DG  A P     1 
ATOM   58  O  OP1   . DG  A 1 5  ? 11.249  -0.811  12.600  1.00 68.51  ? 5   DG  A OP1   1 
ATOM   59  O  OP2   . DG  A 1 5  ? 9.994   1.301   11.882  1.00 64.69  ? 5   DG  A OP2   1 
ATOM   60  O  "O5'" . DG  A 1 5  ? 10.390  -0.561  10.264  1.00 71.45  ? 5   DG  A "O5'" 1 
ATOM   61  C  "C5'" . DG  A 1 5  ? 10.621  -1.922  9.903   1.00 65.30  ? 5   DG  A "C5'" 1 
ATOM   62  C  "C4'" . DG  A 1 5  ? 10.378  -2.140  8.417   1.00 57.97  ? 5   DG  A "C4'" 1 
ATOM   63  O  "O4'" . DG  A 1 5  ? 8.963   -2.248  8.173   1.00 58.94  ? 5   DG  A "O4'" 1 
ATOM   64  C  "C3'" . DG  A 1 5  ? 10.869  -1.007  7.515   1.00 59.08  ? 5   DG  A "C3'" 1 
ATOM   65  O  "O3'" . DG  A 1 5  ? 12.025  -1.413  6.785   1.00 63.11  ? 5   DG  A "O3'" 1 
ATOM   66  C  "C2'" . DG  A 1 5  ? 9.680   -0.690  6.583   1.00 53.85  ? 5   DG  A "C2'" 1 
ATOM   67  C  "C1'" . DG  A 1 5  ? 8.700   -1.825  6.863   1.00 55.39  ? 5   DG  A "C1'" 1 
ATOM   68  N  N9    . DG  A 1 5  ? 7.290   -1.435  6.778   1.00 56.45  ? 5   DG  A N9    1 
ATOM   69  C  C8    . DG  A 1 5  ? 6.689   -0.347  7.367   1.00 57.35  ? 5   DG  A C8    1 
ATOM   70  N  N7    . DG  A 1 5  ? 5.407   -0.265  7.123   1.00 59.12  ? 5   DG  A N7    1 
ATOM   71  C  C5    . DG  A 1 5  ? 5.139   -1.375  6.329   1.00 54.80  ? 5   DG  A C5    1 
ATOM   72  C  C6    . DG  A 1 5  ? 3.919   -1.819  5.756   1.00 52.28  ? 5   DG  A C6    1 
ATOM   73  O  O6    . DG  A 1 5  ? 2.795   -1.301  5.838   1.00 51.96  ? 5   DG  A O6    1 
ATOM   74  N  N1    . DG  A 1 5  ? 4.092   -2.993  5.022   1.00 45.55  ? 5   DG  A N1    1 
ATOM   75  C  C2    . DG  A 1 5  ? 5.289   -3.651  4.865   1.00 47.05  ? 5   DG  A C2    1 
ATOM   76  N  N2    . DG  A 1 5  ? 5.262   -4.769  4.123   1.00 36.77  ? 5   DG  A N2    1 
ATOM   77  N  N3    . DG  A 1 5  ? 6.435   -3.247  5.397   1.00 46.91  ? 5   DG  A N3    1 
ATOM   78  C  C4    . DG  A 1 5  ? 6.285   -2.108  6.114   1.00 54.97  ? 5   DG  A C4    1 
ATOM   79  P  P     . DC  A 1 6  ? 13.501  -1.038  7.312   1.00 55.00  ? 6   DC  A P     1 
ATOM   80  O  OP1   . DC  A 1 6  ? 14.441  -1.360  6.210   1.00 60.48  ? 6   DC  A OP1   1 
ATOM   81  O  OP2   . DC  A 1 6  ? 13.666  -1.671  8.639   1.00 63.86  ? 6   DC  A OP2   1 
ATOM   82  O  "O5'" . DC  A 1 6  ? 13.484  0.562   7.490   1.00 57.90  ? 6   DC  A "O5'" 1 
ATOM   83  C  "C5'" . DC  A 1 6  ? 13.181  1.146   8.757   1.00 55.79  ? 6   DC  A "C5'" 1 
ATOM   84  C  "C4'" . DC  A 1 6  ? 13.976  2.421   8.991   1.00 57.08  ? 6   DC  A "C4'" 1 
ATOM   85  O  "O4'" . DC  A 1 6  ? 15.391  2.129   8.896   1.00 53.04  ? 6   DC  A "O4'" 1 
ATOM   86  C  "C3'" . DC  A 1 6  ? 13.727  3.547   7.992   1.00 55.40  ? 6   DC  A "C3'" 1 
ATOM   87  O  "O3'" . DC  A 1 6  ? 13.926  4.797   8.629   1.00 60.81  ? 6   DC  A "O3'" 1 
ATOM   88  C  "C2'" . DC  A 1 6  ? 14.803  3.292   6.948   1.00 55.13  ? 6   DC  A "C2'" 1 
ATOM   89  C  "C1'" . DC  A 1 6  ? 15.959  2.888   7.851   1.00 52.12  ? 6   DC  A "C1'" 1 
ATOM   90  N  N1    . DC  A 1 6  ? 16.999  2.065   7.190   1.00 52.00  ? 6   DC  A N1    1 
ATOM   91  C  C2    . DC  A 1 6  ? 18.057  2.694   6.538   1.00 51.92  ? 6   DC  A C2    1 
ATOM   92  O  O2    . DC  A 1 6  ? 18.095  3.929   6.500   1.00 50.97  ? 6   DC  A O2    1 
ATOM   93  N  N3    . DC  A 1 6  ? 19.009  1.932   5.956   1.00 52.61  ? 6   DC  A N3    1 
ATOM   94  C  C4    . DC  A 1 6  ? 18.940  0.605   6.018   1.00 52.38  ? 6   DC  A C4    1 
ATOM   95  N  N4    . DC  A 1 6  ? 19.910  -0.100  5.424   1.00 53.05  ? 6   DC  A N4    1 
ATOM   96  C  C5    . DC  A 1 6  ? 17.874  -0.059  6.686   1.00 45.90  ? 6   DC  A C5    1 
ATOM   97  C  C6    . DC  A 1 6  ? 16.937  0.703   7.260   1.00 48.86  ? 6   DC  A C6    1 
ATOM   98  P  P     . DC  A 1 7  ? 12.665  5.711   9.019   1.00 63.85  ? 7   DC  A P     1 
ATOM   99  O  OP1   . DC  A 1 7  ? 13.155  7.099   9.204   1.00 76.86  ? 7   DC  A OP1   1 
ATOM   100 O  OP2   . DC  A 1 7  ? 11.959  5.006   10.118  1.00 57.36  ? 7   DC  A OP2   1 
ATOM   101 O  "O5'" . DC  A 1 7  ? 11.763  5.699   7.698   1.00 59.50  ? 7   DC  A "O5'" 1 
ATOM   102 C  "C5'" . DC  A 1 7  ? 10.579  6.486   7.625   1.00 66.86  ? 7   DC  A "C5'" 1 
ATOM   103 C  "C4'" . DC  A 1 7  ? 10.141  6.636   6.182   1.00 64.28  ? 7   DC  A "C4'" 1 
ATOM   104 O  "O4'" . DC  A 1 7  ? 11.150  7.380   5.453   1.00 62.08  ? 7   DC  A "O4'" 1 
ATOM   105 C  "C3'" . DC  A 1 7  ? 9.959   5.317   5.435   1.00 65.12  ? 7   DC  A "C3'" 1 
ATOM   106 O  "O3'" . DC  A 1 7  ? 8.835   5.388   4.568   1.00 61.46  ? 7   DC  A "O3'" 1 
ATOM   107 C  "C2'" . DC  A 1 7  ? 11.264  5.153   4.658   1.00 60.12  ? 7   DC  A "C2'" 1 
ATOM   108 C  "C1'" . DC  A 1 7  ? 11.682  6.597   4.401   1.00 64.82  ? 7   DC  A "C1'" 1 
ATOM   109 N  N1    . DC  A 1 7  ? 13.163  6.775   4.382   1.00 60.61  ? 7   DC  A N1    1 
ATOM   110 C  C2    . DC  A 1 7  ? 13.853  6.691   3.171   1.00 59.32  ? 7   DC  A C2    1 
ATOM   111 O  O2    . DC  A 1 7  ? 13.222  6.483   2.127   1.00 57.66  ? 7   DC  A O2    1 
ATOM   112 N  N3    . DC  A 1 7  ? 15.200  6.847   3.174   1.00 55.62  ? 7   DC  A N3    1 
ATOM   113 C  C4    . DC  A 1 7  ? 15.849  7.070   4.316   1.00 58.77  ? 7   DC  A C4    1 
ATOM   114 N  N4    . DC  A 1 7  ? 17.176  7.214   4.265   1.00 56.67  ? 7   DC  A N4    1 
ATOM   115 C  C5    . DC  A 1 7  ? 15.165  7.155   5.561   1.00 59.39  ? 7   DC  A C5    1 
ATOM   116 C  C6    . DC  A 1 7  ? 13.835  7.001   5.550   1.00 62.76  ? 7   DC  A C6    1 
ATOM   117 P  P     . DG  A 1 8  ? 7.657   4.307   4.709   1.00 60.16  ? 8   DG  A P     1 
ATOM   118 O  OP1   . DG  A 1 8  ? 6.363   4.982   4.465   1.00 54.54  ? 8   DG  A OP1   1 
ATOM   119 O  OP2   . DG  A 1 8  ? 7.875   3.566   5.973   1.00 57.81  ? 8   DG  A OP2   1 
ATOM   120 O  "O5'" . DG  A 1 8  ? 7.914   3.298   3.493   1.00 60.68  ? 8   DG  A "O5'" 1 
ATOM   121 C  "C5'" . DG  A 1 8  ? 8.994   2.379   3.540   1.00 49.06  ? 8   DG  A "C5'" 1 
ATOM   122 C  "C4'" . DG  A 1 8  ? 8.615   1.073   2.865   1.00 46.01  ? 8   DG  A "C4'" 1 
ATOM   123 O  "O4'" . DG  A 1 8  ? 7.760   0.305   3.752   1.00 47.73  ? 8   DG  A "O4'" 1 
ATOM   124 C  "C3'" . DG  A 1 8  ? 7.812   1.222   1.578   1.00 43.65  ? 8   DG  A "C3'" 1 
ATOM   125 O  "O3'" . DG  A 1 8  ? 8.685   1.370   0.453   1.00 36.64  ? 8   DG  A "O3'" 1 
ATOM   126 C  "C2'" . DG  A 1 8  ? 7.050   -0.095  1.533   1.00 42.55  ? 8   DG  A "C2'" 1 
ATOM   127 C  "C1'" . DG  A 1 8  ? 6.712   -0.299  3.007   1.00 49.62  ? 8   DG  A "C1'" 1 
ATOM   128 N  N9    . DG  A 1 8  ? 5.437   0.304   3.414   1.00 49.53  ? 8   DG  A N9    1 
ATOM   129 C  C8    . DG  A 1 8  ? 5.248   1.293   4.350   1.00 48.08  ? 8   DG  A C8    1 
ATOM   130 N  N7    . DG  A 1 8  ? 3.994   1.628   4.509   1.00 48.53  ? 8   DG  A N7    1 
ATOM   131 C  C5    . DG  A 1 8  ? 3.307   0.810   3.619   1.00 51.21  ? 8   DG  A C5    1 
ATOM   132 C  C6    . DG  A 1 8  ? 1.918   0.722   3.344   1.00 49.51  ? 8   DG  A C6    1 
ATOM   133 O  O6    . DG  A 1 8  ? 0.992   1.371   3.851   1.00 45.33  ? 8   DG  A O6    1 
ATOM   134 N  N1    . DG  A 1 8  ? 1.644   -0.241  2.372   1.00 43.95  ? 8   DG  A N1    1 
ATOM   135 C  C2    . DG  A 1 8  ? 2.591   -1.016  1.745   1.00 46.86  ? 8   DG  A C2    1 
ATOM   136 N  N2    . DG  A 1 8  ? 2.137   -1.890  0.835   1.00 39.90  ? 8   DG  A N2    1 
ATOM   137 N  N3    . DG  A 1 8  ? 3.893   -0.941  1.994   1.00 45.67  ? 8   DG  A N3    1 
ATOM   138 C  C4    . DG  A 1 8  ? 4.179   -0.012  2.937   1.00 46.50  ? 8   DG  A C4    1 
ATOM   139 P  P     . DC  A 1 9  ? 8.264   2.314   -0.784  1.00 44.94  ? 9   DC  A P     1 
ATOM   140 O  OP1   . DC  A 1 9  ? 9.364   2.298   -1.781  1.00 44.54  ? 9   DC  A OP1   1 
ATOM   141 O  OP2   . DC  A 1 9  ? 7.801   3.609   -0.238  1.00 43.85  ? 9   DC  A OP2   1 
ATOM   142 O  "O5'" . DC  A 1 9  ? 7.009   1.558   -1.428  1.00 40.98  ? 9   DC  A "O5'" 1 
ATOM   143 C  "C5'" . DC  A 1 9  ? 7.191   0.295   -2.046  1.00 36.50  ? 9   DC  A "C5'" 1 
ATOM   144 C  "C4'" . DC  A 1 9  ? 5.867   -0.269  -2.538  1.00 39.06  ? 9   DC  A "C4'" 1 
ATOM   145 O  "O4'" . DC  A 1 9  ? 4.954   -0.401  -1.426  1.00 38.98  ? 9   DC  A "O4'" 1 
ATOM   146 C  "C3'" . DC  A 1 9  ? 5.131   0.604   -3.532  1.00 30.93  ? 9   DC  A "C3'" 1 
ATOM   147 O  "O3'" . DC  A 1 9  ? 5.609   0.356   -4.851  1.00 36.46  ? 9   DC  A "O3'" 1 
ATOM   148 C  "C2'" . DC  A 1 9  ? 3.687   0.139   -3.365  1.00 35.31  ? 9   DC  A "C2'" 1 
ATOM   149 C  "C1'" . DC  A 1 9  ? 3.622   -0.233  -1.881  1.00 37.60  ? 9   DC  A "C1'" 1 
ATOM   150 N  N1    . DC  A 1 9  ? 2.950   0.800   -1.038  1.00 36.74  ? 9   DC  A N1    1 
ATOM   151 C  C2    . DC  A 1 9  ? 1.559   0.938   -1.096  1.00 41.29  ? 9   DC  A C2    1 
ATOM   152 O  O2    . DC  A 1 9  ? 0.910   0.201   -1.849  1.00 43.48  ? 9   DC  A O2    1 
ATOM   153 N  N3    . DC  A 1 9  ? 0.961   1.878   -0.325  1.00 44.67  ? 9   DC  A N3    1 
ATOM   154 C  C4    . DC  A 1 9  ? 1.697   2.654   0.473   1.00 47.51  ? 9   DC  A C4    1 
ATOM   155 N  N4    . DC  A 1 9  ? 1.064   3.566   1.216   1.00 40.75  ? 9   DC  A N4    1 
ATOM   156 C  C5    . DC  A 1 9  ? 3.116   2.528   0.544   1.00 41.16  ? 9   DC  A C5    1 
ATOM   157 C  C6    . DC  A 1 9  ? 3.694   1.597   -0.221  1.00 39.94  ? 9   DC  A C6    1 
ATOM   158 P  P     . DC  A 1 10 ? 5.271   1.390   -6.036  1.00 42.42  ? 10  DC  A P     1 
ATOM   159 O  OP1   . DC  A 1 10 ? 6.135   1.063   -7.195  1.00 47.87  ? 10  DC  A OP1   1 
ATOM   160 O  OP2   . DC  A 1 10 ? 5.270   2.750   -5.449  1.00 41.56  ? 10  DC  A OP2   1 
ATOM   161 O  "O5'" . DC  A 1 10 ? 3.754   1.074   -6.409  1.00 40.33  ? 10  DC  A "O5'" 1 
ATOM   162 C  "C5'" . DC  A 1 10 ? 3.361   -0.235  -6.776  1.00 37.06  ? 10  DC  A "C5'" 1 
ATOM   163 C  "C4'" . DC  A 1 10 ? 1.903   -0.241  -7.177  1.00 42.34  ? 10  DC  A "C4'" 1 
ATOM   164 O  "O4'" . DC  A 1 10 ? 1.096   0.198   -6.055  1.00 39.59  ? 10  DC  A "O4'" 1 
ATOM   165 C  "C3'" . DC  A 1 10 ? 1.578   0.694   -8.342  1.00 37.52  ? 10  DC  A "C3'" 1 
ATOM   166 O  "O3'" . DC  A 1 10 ? 0.915   -0.008  -9.369  1.00 42.67  ? 10  DC  A "O3'" 1 
ATOM   167 C  "C2'" . DC  A 1 10 ? 0.694   1.785   -7.734  1.00 37.60  ? 10  DC  A "C2'" 1 
ATOM   168 C  "C1'" . DC  A 1 10 ? 0.125   1.122   -6.491  1.00 43.33  ? 10  DC  A "C1'" 1 
ATOM   169 N  N1    . DC  A 1 10 ? -0.127  2.092   -5.383  1.00 40.53  ? 10  DC  A N1    1 
ATOM   170 C  C2    . DC  A 1 10 ? -1.438  2.463   -5.064  1.00 43.71  ? 10  DC  A C2    1 
ATOM   171 O  O2    . DC  A 1 10 ? -2.377  1.972   -5.704  1.00 46.26  ? 10  DC  A O2    1 
ATOM   172 N  N3    . DC  A 1 10 ? -1.643  3.346   -4.056  1.00 41.51  ? 10  DC  A N3    1 
ATOM   173 C  C4    . DC  A 1 10 ? -0.604  3.853   -3.388  1.00 45.94  ? 10  DC  A C4    1 
ATOM   174 N  N4    . DC  A 1 10 ? -0.859  4.721   -2.401  1.00 47.68  ? 10  DC  A N4    1 
ATOM   175 C  C5    . DC  A 1 10 ? 0.739   3.492   -3.700  1.00 37.62  ? 10  DC  A C5    1 
ATOM   176 C  C6    . DC  A 1 10 ? 0.930   2.621   -4.698  1.00 41.15  ? 10  DC  A C6    1 
ATOM   177 P  P     . DG  A 1 11 ? 0.705   0.696   -10.797 1.00 49.51  ? 11  DG  A P     1 
ATOM   178 O  OP1   . DG  A 1 11 ? 0.793   -0.368  -11.825 1.00 48.57  ? 11  DG  A OP1   1 
ATOM   179 O  OP2   . DG  A 1 11 ? 1.608   1.869   -10.848 1.00 41.20  ? 11  DG  A OP2   1 
ATOM   180 O  "O5'" . DG  A 1 11 ? -0.781  1.276   -10.725 1.00 40.43  ? 11  DG  A "O5'" 1 
ATOM   181 C  "C5'" . DG  A 1 11 ? -1.892  0.397   -10.676 1.00 38.80  ? 11  DG  A "C5'" 1 
ATOM   182 C  "C4'" . DG  A 1 11 ? -3.187  1.151   -10.927 1.00 40.26  ? 11  DG  A "C4'" 1 
ATOM   183 O  "O4'" . DG  A 1 11 ? -3.483  2.017   -9.801  1.00 43.19  ? 11  DG  A "O4'" 1 
ATOM   184 C  "C3'" . DG  A 1 11 ? -3.194  2.044   -12.160 1.00 45.84  ? 11  DG  A "C3'" 1 
ATOM   185 O  "O3'" . DG  A 1 11 ? -4.495  2.032   -12.736 1.00 52.97  ? 11  DG  A "O3'" 1 
ATOM   186 C  "C2'" . DG  A 1 11 ? -2.828  3.418   -11.593 1.00 47.07  ? 11  DG  A "C2'" 1 
ATOM   187 C  "C1'" . DG  A 1 11 ? -3.447  3.377   -10.197 1.00 49.39  ? 11  DG  A "C1'" 1 
ATOM   188 N  N9    . DG  A 1 11 ? -2.687  4.130   -9.193  1.00 45.65  ? 11  DG  A N9    1 
ATOM   189 C  C8    . DG  A 1 11 ? -1.322  4.158   -9.039  1.00 46.95  ? 11  DG  A C8    1 
ATOM   190 N  N7    . DG  A 1 11 ? -0.924  4.913   -8.050  1.00 46.61  ? 11  DG  A N7    1 
ATOM   191 C  C5    . DG  A 1 11 ? -2.098  5.419   -7.510  1.00 44.97  ? 11  DG  A C5    1 
ATOM   192 C  C6    . DG  A 1 11 ? -2.296  6.298   -6.417  1.00 50.07  ? 11  DG  A C6    1 
ATOM   193 O  O6    . DG  A 1 11 ? -1.441  6.819   -5.683  1.00 54.45  ? 11  DG  A O6    1 
ATOM   194 N  N1    . DG  A 1 11 ? -3.647  6.559   -6.202  1.00 51.63  ? 11  DG  A N1    1 
ATOM   195 C  C2    . DG  A 1 11 ? -4.676  6.038   -6.949  1.00 53.67  ? 11  DG  A C2    1 
ATOM   196 N  N2    . DG  A 1 11 ? -5.916  6.406   -6.591  1.00 51.66  ? 11  DG  A N2    1 
ATOM   197 N  N3    . DG  A 1 11 ? -4.505  5.213   -7.979  1.00 52.15  ? 11  DG  A N3    1 
ATOM   198 C  C4    . DG  A 1 11 ? -3.195  4.947   -8.201  1.00 49.28  ? 11  DG  A C4    1 
ATOM   199 P  P     . DA  A 1 12 ? -4.807  2.788   -14.122 1.00 58.70  ? 12  DA  A P     1 
ATOM   200 O  OP1   . DA  A 1 12 ? -5.776  1.934   -14.847 1.00 57.79  ? 12  DA  A OP1   1 
ATOM   201 O  OP2   . DA  A 1 12 ? -3.533  3.172   -14.774 1.00 57.70  ? 12  DA  A OP2   1 
ATOM   202 O  "O5'" . DA  A 1 12 ? -5.583  4.104   -13.656 1.00 51.66  ? 12  DA  A "O5'" 1 
ATOM   203 C  "C5'" . DA  A 1 12 ? -6.744  3.976   -12.850 1.00 52.97  ? 12  DA  A "C5'" 1 
ATOM   204 C  "C4'" . DA  A 1 12 ? -7.277  5.332   -12.433 1.00 58.12  ? 12  DA  A "C4'" 1 
ATOM   205 O  "O4'" . DA  A 1 12 ? -6.436  5.889   -11.391 1.00 58.71  ? 12  DA  A "O4'" 1 
ATOM   206 C  "C3'" . DA  A 1 12 ? -7.337  6.379   -13.543 1.00 53.02  ? 12  DA  A "C3'" 1 
ATOM   207 O  "O3'" . DA  A 1 12 ? -8.549  7.099   -13.437 1.00 63.78  ? 12  DA  A "O3'" 1 
ATOM   208 C  "C2'" . DA  A 1 12 ? -6.125  7.264   -13.253 1.00 54.52  ? 12  DA  A "C2'" 1 
ATOM   209 C  "C1'" . DA  A 1 12 ? -6.073  7.206   -11.736 1.00 61.38  ? 12  DA  A "C1'" 1 
ATOM   210 N  N9    . DA  A 1 12 ? -4.754  7.471   -11.172 1.00 59.69  ? 12  DA  A N9    1 
ATOM   211 C  C8    . DA  A 1 12 ? -3.544  7.053   -11.656 1.00 57.33  ? 12  DA  A C8    1 
ATOM   212 N  N7    . DA  A 1 12 ? -2.523  7.430   -10.921 1.00 55.83  ? 12  DA  A N7    1 
ATOM   213 C  C5    . DA  A 1 12 ? -3.106  8.136   -9.881  1.00 54.57  ? 12  DA  A C5    1 
ATOM   214 C  C6    . DA  A 1 12 ? -2.565  8.798   -8.761  1.00 60.55  ? 12  DA  A C6    1 
ATOM   215 N  N6    . DA  A 1 12 ? -1.254  8.852   -8.498  1.00 64.09  ? 12  DA  A N6    1 
ATOM   216 N  N1    . DA  A 1 12 ? -3.427  9.405   -7.918  1.00 62.42  ? 12  DA  A N1    1 
ATOM   217 C  C2    . DA  A 1 12 ? -4.738  9.349   -8.183  1.00 62.36  ? 12  DA  A C2    1 
ATOM   218 N  N3    . DA  A 1 12 ? -5.361  8.760   -9.202  1.00 57.83  ? 12  DA  A N3    1 
ATOM   219 C  C4    . DA  A 1 12 ? -4.479  8.167   -10.021 1.00 53.57  ? 12  DA  A C4    1 
ATOM   220 P  P     . DA  A 1 13 ? -9.041  8.039   -14.641 1.00 63.87  ? 13  DA  A P     1 
ATOM   221 O  OP1   . DA  A 1 13 ? -10.498 7.818   -14.796 1.00 61.39  ? 13  DA  A OP1   1 
ATOM   222 O  OP2   . DA  A 1 13 ? -8.136  7.786   -15.788 1.00 60.85  ? 13  DA  A OP2   1 
ATOM   223 O  "O5'" . DA  A 1 13 ? -8.772  9.525   -14.088 1.00 70.45  ? 13  DA  A "O5'" 1 
ATOM   224 C  "C5'" . DA  A 1 13 ? -9.296  9.907   -12.821 1.00 62.24  ? 13  DA  A "C5'" 1 
ATOM   225 C  "C4'" . DA  A 1 13 ? -8.563  11.106  -12.226 1.00 62.27  ? 13  DA  A "C4'" 1 
ATOM   226 O  "O4'" . DA  A 1 13 ? -7.265  10.729  -11.735 1.00 64.00  ? 13  DA  A "O4'" 1 
ATOM   227 C  "C3'" . DA  A 1 13 ? -8.302  12.287  -13.170 1.00 69.08  ? 13  DA  A "C3'" 1 
ATOM   228 O  "O3'" . DA  A 1 13 ? -9.221  13.330  -12.896 1.00 69.85  ? 13  DA  A "O3'" 1 
ATOM   229 C  "C2'" . DA  A 1 13 ? -6.857  12.720  -12.840 1.00 68.89  ? 13  DA  A "C2'" 1 
ATOM   230 C  "C1'" . DA  A 1 13 ? -6.556  11.923  -11.577 1.00 64.90  ? 13  DA  A "C1'" 1 
ATOM   231 N  N9    . DA  A 1 13 ? -5.140  11.637  -11.372 1.00 61.27  ? 13  DA  A N9    1 
ATOM   232 C  C8    . DA  A 1 13 ? -4.390  11.965  -10.275 1.00 63.42  ? 13  DA  A C8    1 
ATOM   233 N  N7    . DA  A 1 13 ? -3.135  11.594  -10.360 1.00 63.17  ? 13  DA  A N7    1 
ATOM   234 C  C5    . DA  A 1 13 ? -3.053  10.988  -11.605 1.00 59.24  ? 13  DA  A C5    1 
ATOM   235 C  C6    . DA  A 1 13 ? -1.985  10.382  -12.297 1.00 57.17  ? 13  DA  A C6    1 
ATOM   236 N  N6    . DA  A 1 13 ? -0.747  10.287  -11.804 1.00 60.53  ? 13  DA  A N6    1 
ATOM   237 N  N1    . DA  A 1 13 ? -2.243  9.873   -13.519 1.00 55.14  ? 13  DA  A N1    1 
ATOM   238 C  C2    . DA  A 1 13 ? -3.485  9.965   -14.009 1.00 51.32  ? 13  DA  A C2    1 
ATOM   239 N  N3    . DA  A 1 13 ? -4.566  10.511  -13.455 1.00 56.31  ? 13  DA  A N3    1 
ATOM   240 C  C4    . DA  A 1 13 ? -4.280  11.009  -12.243 1.00 58.20  ? 13  DA  A C4    1 
ATOM   241 O  "O5'" . DT  B 1 1  ? -1.076  19.027  -6.058  1.00 98.36  ? 14  DT  B "O5'" 1 
ATOM   242 C  "C5'" . DT  B 1 1  ? -0.224  18.031  -5.497  1.00 96.68  ? 14  DT  B "C5'" 1 
ATOM   243 C  "C4'" . DT  B 1 1  ? -1.029  16.859  -4.964  1.00 97.90  ? 14  DT  B "C4'" 1 
ATOM   244 O  "O4'" . DT  B 1 1  ? -1.414  15.984  -6.060  1.00 95.48  ? 14  DT  B "O4'" 1 
ATOM   245 C  "C3'" . DT  B 1 1  ? -0.289  15.972  -3.956  1.00 103.17 ? 14  DT  B "C3'" 1 
ATOM   246 O  "O3'" . DT  B 1 1  ? -1.165  15.624  -2.898  1.00 114.64 ? 14  DT  B "O3'" 1 
ATOM   247 C  "C2'" . DT  B 1 1  ? 0.081   14.743  -4.784  1.00 91.62  ? 14  DT  B "C2'" 1 
ATOM   248 C  "C1'" . DT  B 1 1  ? -1.125  14.654  -5.702  1.00 86.91  ? 14  DT  B "C1'" 1 
ATOM   249 N  N1    . DT  B 1 1  ? -0.883  13.860  -6.932  1.00 78.36  ? 14  DT  B N1    1 
ATOM   250 C  C2    . DT  B 1 1  ? -1.950  13.524  -7.735  1.00 74.01  ? 14  DT  B C2    1 
ATOM   251 O  O2    . DT  B 1 1  ? -3.097  13.857  -7.498  1.00 70.10  ? 14  DT  B O2    1 
ATOM   252 N  N3    . DT  B 1 1  ? -1.621  12.782  -8.837  1.00 68.12  ? 14  DT  B N3    1 
ATOM   253 C  C4    . DT  B 1 1  ? -0.360  12.349  -9.205  1.00 72.97  ? 14  DT  B C4    1 
ATOM   254 O  O4    . DT  B 1 1  ? -0.163  11.686  -10.215 1.00 71.25  ? 14  DT  B O4    1 
ATOM   255 C  C5    . DT  B 1 1  ? 0.710   12.732  -8.319  1.00 69.72  ? 14  DT  B C5    1 
ATOM   256 C  C7    . DT  B 1 1  ? 2.120   12.316  -8.620  1.00 69.83  ? 14  DT  B C7    1 
ATOM   257 C  C6    . DT  B 1 1  ? 0.400   13.459  -7.237  1.00 76.65  ? 14  DT  B C6    1 
ATOM   258 P  P     . DT  B 1 2  ? -1.173  16.474  -1.535  1.00 119.60 ? 15  DT  B P     1 
ATOM   259 O  OP1   . DT  B 1 2  ? -0.673  17.829  -1.855  1.00 123.08 ? 15  DT  B OP1   1 
ATOM   260 O  OP2   . DT  B 1 2  ? -0.493  15.661  -0.499  1.00 111.18 ? 15  DT  B OP2   1 
ATOM   261 O  "O5'" . DT  B 1 2  ? -2.726  16.561  -1.155  1.00 109.48 ? 15  DT  B "O5'" 1 
ATOM   262 C  "C5'" . DT  B 1 2  ? -3.713  16.256  -2.130  1.00 104.91 ? 15  DT  B "C5'" 1 
ATOM   263 C  "C4'" . DT  B 1 2  ? -4.437  14.966  -1.777  1.00 97.21  ? 15  DT  B "C4'" 1 
ATOM   264 O  "O4'" . DT  B 1 2  ? -4.554  14.146  -2.959  1.00 91.21  ? 15  DT  B "O4'" 1 
ATOM   265 C  "C3'" . DT  B 1 2  ? -3.732  14.107  -0.740  1.00 97.57  ? 15  DT  B "C3'" 1 
ATOM   266 O  "O3'" . DT  B 1 2  ? -4.239  14.416  0.559   1.00 103.10 ? 15  DT  B "O3'" 1 
ATOM   267 C  "C2'" . DT  B 1 2  ? -4.072  12.666  -1.144  1.00 89.17  ? 15  DT  B "C2'" 1 
ATOM   268 C  "C1'" . DT  B 1 2  ? -4.503  12.777  -2.613  1.00 82.70  ? 15  DT  B "C1'" 1 
ATOM   269 N  N1    . DT  B 1 2  ? -3.590  12.086  -3.569  1.00 77.49  ? 15  DT  B N1    1 
ATOM   270 C  C2    . DT  B 1 2  ? -4.109  11.577  -4.734  1.00 73.36  ? 15  DT  B C2    1 
ATOM   271 O  O2    . DT  B 1 2  ? -5.287  11.656  -5.028  1.00 75.85  ? 15  DT  B O2    1 
ATOM   272 N  N3    . DT  B 1 2  ? -3.195  10.968  -5.552  1.00 70.74  ? 15  DT  B N3    1 
ATOM   273 C  C4    . DT  B 1 2  ? -1.839  10.819  -5.324  1.00 72.90  ? 15  DT  B C4    1 
ATOM   274 O  O4    . DT  B 1 2  ? -1.096  10.253  -6.121  1.00 69.66  ? 15  DT  B O4    1 
ATOM   275 C  C5    . DT  B 1 2  ? -1.357  11.376  -4.083  1.00 76.68  ? 15  DT  B C5    1 
ATOM   276 C  C7    . DT  B 1 2  ? 0.096   11.275  -3.726  1.00 78.52  ? 15  DT  B C7    1 
ATOM   277 C  C6    . DT  B 1 2  ? -2.244  11.977  -3.275  1.00 79.58  ? 15  DT  B C6    1 
ATOM   278 P  P     . DC  B 1 4  ? -7.697  11.683  2.004   1.00 99.88  ? 17  DC  B P     1 
ATOM   279 O  OP1   . DC  B 1 4  ? -9.130  11.717  2.370   1.00 87.44  ? 17  DC  B OP1   1 
ATOM   280 O  OP2   . DC  B 1 4  ? -6.781  10.762  2.714   1.00 82.08  ? 17  DC  B OP2   1 
ATOM   281 O  "O5'" . DC  B 1 4  ? -7.571  11.418  0.429   1.00 81.87  ? 17  DC  B "O5'" 1 
ATOM   282 C  "C5'" . DC  B 1 4  ? -8.087  12.374  -0.497  1.00 79.10  ? 17  DC  B "C5'" 1 
ATOM   283 C  "C4'" . DC  B 1 4  ? -8.751  11.695  -1.689  1.00 71.55  ? 17  DC  B "C4'" 1 
ATOM   284 O  "O4'" . DC  B 1 4  ? -7.742  11.246  -2.632  1.00 76.08  ? 17  DC  B "O4'" 1 
ATOM   285 C  "C3'" . DC  B 1 4  ? -9.593  10.467  -1.365  1.00 71.62  ? 17  DC  B "C3'" 1 
ATOM   286 O  "O3'" . DC  B 1 4  ? -10.685 10.394  -2.270  1.00 62.12  ? 17  DC  B "O3'" 1 
ATOM   287 C  "C2'" . DC  B 1 4  ? -8.607  9.324   -1.587  1.00 71.97  ? 17  DC  B "C2'" 1 
ATOM   288 C  "C1'" . DC  B 1 4  ? -7.801  9.841   -2.772  1.00 65.43  ? 17  DC  B "C1'" 1 
ATOM   289 N  N1    . DC  B 1 4  ? -6.406  9.322   -2.814  1.00 63.69  ? 17  DC  B N1    1 
ATOM   290 C  C2    . DC  B 1 4  ? -5.941  8.661   -3.960  1.00 62.27  ? 17  DC  B C2    1 
ATOM   291 O  O2    . DC  B 1 4  ? -6.700  8.515   -4.924  1.00 69.74  ? 17  DC  B O2    1 
ATOM   292 N  N3    . DC  B 1 4  ? -4.664  8.201   -3.978  1.00 61.91  ? 17  DC  B N3    1 
ATOM   293 C  C4    . DC  B 1 4  ? -3.876  8.378   -2.919  1.00 61.40  ? 17  DC  B C4    1 
ATOM   294 N  N4    . DC  B 1 4  ? -2.627  7.907   -2.985  1.00 57.45  ? 17  DC  B N4    1 
ATOM   295 C  C5    . DC  B 1 4  ? -4.331  9.048   -1.745  1.00 62.37  ? 17  DC  B C5    1 
ATOM   296 C  C6    . DC  B 1 4  ? -5.591  9.498   -1.737  1.00 67.23  ? 17  DC  B C6    1 
ATOM   297 P  P     . DG  B 1 5  ? -12.050 9.662   -1.844  1.00 76.98  ? 18  DG  B P     1 
ATOM   298 O  OP1   . DG  B 1 5  ? -13.137 10.240  -2.665  1.00 69.14  ? 18  DG  B OP1   1 
ATOM   299 O  OP2   . DG  B 1 5  ? -12.158 9.697   -0.368  1.00 69.67  ? 18  DG  B OP2   1 
ATOM   300 O  "O5'" . DG  B 1 5  ? -11.829 8.142   -2.297  1.00 70.43  ? 18  DG  B "O5'" 1 
ATOM   301 C  "C5'" . DG  B 1 5  ? -11.692 7.823   -3.679  1.00 65.54  ? 18  DG  B "C5'" 1 
ATOM   302 C  "C4'" . DG  B 1 5  ? -11.107 6.431   -3.857  1.00 57.97  ? 18  DG  B "C4'" 1 
ATOM   303 O  "O4'" . DG  B 1 5  ? -9.684  6.477   -3.654  1.00 56.72  ? 18  DG  B "O4'" 1 
ATOM   304 C  "C3'" . DG  B 1 5  ? -11.627 5.388   -2.867  1.00 58.61  ? 18  DG  B "C3'" 1 
ATOM   305 O  "O3'" . DG  B 1 5  ? -12.522 4.492   -3.515  1.00 59.87  ? 18  DG  B "O3'" 1 
ATOM   306 C  "C2'" . DG  B 1 5  ? -10.366 4.665   -2.346  1.00 54.63  ? 18  DG  B "C2'" 1 
ATOM   307 C  "C1'" . DG  B 1 5  ? -9.254  5.211   -3.236  1.00 54.18  ? 18  DG  B "C1'" 1 
ATOM   308 N  N9    . DG  B 1 5  ? -7.961  5.358   -2.561  1.00 54.04  ? 18  DG  B N9    1 
ATOM   309 C  C8    . DG  B 1 5  ? -7.711  5.986   -1.363  1.00 56.09  ? 18  DG  B C8    1 
ATOM   310 N  N7    . DG  B 1 5  ? -6.449  5.967   -1.021  1.00 55.13  ? 18  DG  B N7    1 
ATOM   311 C  C5    . DG  B 1 5  ? -5.822  5.292   -2.063  1.00 52.36  ? 18  DG  B C5    1 
ATOM   312 C  C6    . DG  B 1 5  ? -4.455  4.965   -2.255  1.00 48.87  ? 18  DG  B C6    1 
ATOM   313 O  O6    . DG  B 1 5  ? -3.492  5.218   -1.516  1.00 49.42  ? 18  DG  B O6    1 
ATOM   314 N  N1    . DG  B 1 5  ? -4.251  4.275   -3.449  1.00 44.16  ? 18  DG  B N1    1 
ATOM   315 C  C2    . DG  B 1 5  ? -5.242  3.944   -4.345  1.00 47.38  ? 18  DG  B C2    1 
ATOM   316 N  N2    . DG  B 1 5  ? -4.857  3.278   -5.445  1.00 37.43  ? 18  DG  B N2    1 
ATOM   317 N  N3    . DG  B 1 5  ? -6.523  4.244   -4.176  1.00 46.50  ? 18  DG  B N3    1 
ATOM   318 C  C4    . DG  B 1 5  ? -6.739  4.916   -3.021  1.00 53.90  ? 18  DG  B C4    1 
ATOM   319 P  P     . DC  B 1 6  ? -14.116 4.701   -3.410  1.00 53.66  ? 19  DC  B P     1 
ATOM   320 O  OP1   . DC  B 1 6  ? -14.739 3.455   -3.922  1.00 56.21  ? 19  DC  B OP1   1 
ATOM   321 O  OP2   . DC  B 1 6  ? -14.436 6.006   -4.028  1.00 66.46  ? 19  DC  B OP2   1 
ATOM   322 O  "O5'" . DC  B 1 6  ? -14.421 4.778   -1.832  1.00 54.93  ? 19  DC  B "O5'" 1 
ATOM   323 C  "C5'" . DC  B 1 6  ? -14.479 6.038   -1.166  1.00 53.34  ? 19  DC  B "C5'" 1 
ATOM   324 C  "C4'" . DC  B 1 6  ? -15.523 6.033   -0.064  1.00 55.95  ? 19  DC  B "C4'" 1 
ATOM   325 O  "O4'" . DC  B 1 6  ? -16.815 5.702   -0.630  1.00 54.14  ? 19  DC  B "O4'" 1 
ATOM   326 C  "C3'" . DC  B 1 6  ? -15.295 5.019   1.054   1.00 55.89  ? 19  DC  B "C3'" 1 
ATOM   327 O  "O3'" . DC  B 1 6  ? -15.824 5.525   2.268   1.00 59.59  ? 19  DC  B "O3'" 1 
ATOM   328 C  "C2'" . DC  B 1 6  ? -16.096 3.821   0.570   1.00 54.42  ? 19  DC  B "C2'" 1 
ATOM   329 C  "C1'" . DC  B 1 6  ? -17.305 4.523   -0.029  1.00 50.77  ? 19  DC  B "C1'" 1 
ATOM   330 N  N1    . DC  B 1 6  ? -18.011 3.733   -1.063  1.00 48.10  ? 19  DC  B N1    1 
ATOM   331 C  C2    . DC  B 1 6  ? -19.030 2.861   -0.682  1.00 51.49  ? 19  DC  B C2    1 
ATOM   332 O  O2    . DC  B 1 6  ? -19.314 2.751   0.517   1.00 50.63  ? 19  DC  B O2    1 
ATOM   333 N  N3    . DC  B 1 6  ? -19.675 2.152   -1.638  1.00 52.33  ? 19  DC  B N3    1 
ATOM   334 C  C4    . DC  B 1 6  ? -19.344 2.298   -2.920  1.00 51.30  ? 19  DC  B C4    1 
ATOM   335 N  N4    . DC  B 1 6  ? -20.012 1.575   -3.823  1.00 53.17  ? 19  DC  B N4    1 
ATOM   336 C  C5    . DC  B 1 6  ? -18.310 3.187   -3.329  1.00 45.55  ? 19  DC  B C5    1 
ATOM   337 C  C6    . DC  B 1 6  ? -17.678 3.882   -2.376  1.00 47.40  ? 19  DC  B C6    1 
ATOM   338 P  P     . DC  B 1 7  ? -14.839 6.072   3.408   1.00 66.55  ? 20  DC  B P     1 
ATOM   339 O  OP1   . DC  B 1 7  ? -15.641 6.211   4.645   1.00 75.64  ? 20  DC  B OP1   1 
ATOM   340 O  OP2   . DC  B 1 7  ? -14.129 7.250   2.852   1.00 59.96  ? 20  DC  B OP2   1 
ATOM   341 O  "O5'" . DC  B 1 7  ? -13.817 4.862   3.633   1.00 58.92  ? 20  DC  B "O5'" 1 
ATOM   342 C  "C5'" . DC  B 1 7  ? -12.731 4.998   4.541   1.00 65.06  ? 20  DC  B "C5'" 1 
ATOM   343 C  "C4'" . DC  B 1 7  ? -12.041 3.662   4.761   1.00 64.24  ? 20  DC  B "C4'" 1 
ATOM   344 O  "O4'" . DC  B 1 7  ? -12.993 2.705   5.290   1.00 60.79  ? 20  DC  B "O4'" 1 
ATOM   345 C  "C3'" . DC  B 1 7  ? -11.449 3.020   3.510   1.00 66.95  ? 20  DC  B "C3'" 1 
ATOM   346 O  "O3'" . DC  B 1 7  ? -10.245 2.327   3.832   1.00 64.75  ? 20  DC  B "O3'" 1 
ATOM   347 C  "C2'" . DC  B 1 7  ? -12.546 2.060   3.058   1.00 61.84  ? 20  DC  B "C2'" 1 
ATOM   348 C  "C1'" . DC  B 1 7  ? -13.179 1.635   4.381   1.00 66.19  ? 20  DC  B "C1'" 1 
ATOM   349 N  N1    . DC  B 1 7  ? -14.642 1.368   4.267   1.00 61.11  ? 20  DC  B N1    1 
ATOM   350 C  C2    . DC  B 1 7  ? -15.093 0.082   3.949   1.00 56.66  ? 20  DC  B C2    1 
ATOM   351 O  O2    . DC  B 1 7  ? -14.269 -0.824  3.774   1.00 55.28  ? 20  DC  B O2    1 
ATOM   352 N  N3    . DC  B 1 7  ? -16.428 -0.134  3.843   1.00 56.90  ? 20  DC  B N3    1 
ATOM   353 C  C4    . DC  B 1 7  ? -17.288 0.868   4.037   1.00 61.90  ? 20  DC  B C4    1 
ATOM   354 N  N4    . DC  B 1 7  ? -18.593 0.606   3.919   1.00 61.01  ? 20  DC  B N4    1 
ATOM   355 C  C5    . DC  B 1 7  ? -16.846 2.183   4.359   1.00 60.88  ? 20  DC  B C5    1 
ATOM   356 C  C6    . DC  B 1 7  ? -15.529 2.385   4.461   1.00 62.80  ? 20  DC  B C6    1 
ATOM   357 P  P     . DG  B 1 8  ? -8.914  2.592   2.972   1.00 59.96  ? 21  DG  B P     1 
ATOM   358 O  OP1   . DG  B 1 8  ? -7.735  2.313   3.821   1.00 59.37  ? 21  DG  B OP1   1 
ATOM   359 O  OP2   . DG  B 1 8  ? -9.073  3.916   2.332   1.00 55.25  ? 21  DG  B OP2   1 
ATOM   360 O  "O5'" . DG  B 1 8  ? -8.942  1.452   1.848   1.00 59.37  ? 21  DG  B "O5'" 1 
ATOM   361 C  "C5'" . DG  B 1 8  ? -9.710  1.619   0.666   1.00 49.84  ? 21  DG  B "C5'" 1 
ATOM   362 C  "C4'" . DG  B 1 8  ? -8.961  1.072   -0.534  1.00 46.71  ? 21  DG  B "C4'" 1 
ATOM   363 O  "O4'" . DG  B 1 8  ? -8.145  2.123   -1.109  1.00 44.27  ? 21  DG  B "O4'" 1 
ATOM   364 C  "C3'" . DG  B 1 8  ? -7.984  -0.053  -0.221  1.00 42.01  ? 21  DG  B "C3'" 1 
ATOM   365 O  "O3'" . DG  B 1 8  ? -8.643  -1.313  -0.262  1.00 39.68  ? 21  DG  B "O3'" 1 
ATOM   366 C  "C2'" . DG  B 1 8  ? -6.974  0.084   -1.351  1.00 42.90  ? 21  DG  B "C2'" 1 
ATOM   367 C  "C1'" . DG  B 1 8  ? -6.882  1.599   -1.489  1.00 46.29  ? 21  DG  B "C1'" 1 
ATOM   368 N  N9    . DG  B 1 8  ? -5.851  2.201   -0.644  1.00 47.02  ? 21  DG  B N9    1 
ATOM   369 C  C8    . DG  B 1 8  ? -6.038  3.100   0.381   1.00 46.57  ? 21  DG  B C8    1 
ATOM   370 N  N7    . DG  B 1 8  ? -4.926  3.469   0.956   1.00 48.95  ? 21  DG  B N7    1 
ATOM   371 C  C5    . DG  B 1 8  ? -3.940  2.768   0.273   1.00 49.12  ? 21  DG  B C5    1 
ATOM   372 C  C6    . DG  B 1 8  ? -2.535  2.761   0.452   1.00 48.13  ? 21  DG  B C6    1 
ATOM   373 O  O6    . DG  B 1 8  ? -1.864  3.393   1.278   1.00 44.08  ? 21  DG  B O6    1 
ATOM   374 N  N1    . DG  B 1 8  ? -1.903  1.910   -0.455  1.00 42.32  ? 21  DG  B N1    1 
ATOM   375 C  C2    . DG  B 1 8  ? -2.549  1.162   -1.410  1.00 44.40  ? 21  DG  B C2    1 
ATOM   376 N  N2    . DG  B 1 8  ? -1.772  0.405   -2.196  1.00 37.58  ? 21  DG  B N2    1 
ATOM   377 N  N3    . DG  B 1 8  ? -3.864  1.162   -1.588  1.00 43.29  ? 21  DG  B N3    1 
ATOM   378 C  C4    . DG  B 1 8  ? -4.494  1.984   -0.714  1.00 44.36  ? 21  DG  B C4    1 
ATOM   379 P  P     . DC  B 1 9  ? -8.178  -2.496  0.723   1.00 44.19  ? 22  DC  B P     1 
ATOM   380 O  OP1   . DC  B 1 9  ? -9.036  -3.674  0.451   1.00 44.24  ? 22  DC  B OP1   1 
ATOM   381 O  OP2   . DC  B 1 9  ? -8.099  -1.942  2.090   1.00 42.84  ? 22  DC  B OP2   1 
ATOM   382 O  "O5'" . DC  B 1 9  ? -6.694  -2.838  0.234   1.00 38.92  ? 22  DC  B "O5'" 1 
ATOM   383 C  "C5'" . DC  B 1 9  ? -6.500  -3.471  -1.024  1.00 36.74  ? 22  DC  B "C5'" 1 
ATOM   384 C  "C4'" . DC  B 1 9  ? -5.022  -3.604  -1.353  1.00 40.06  ? 22  DC  B "C4'" 1 
ATOM   385 O  "O4'" . DC  B 1 9  ? -4.382  -2.311  -1.264  1.00 39.25  ? 22  DC  B "O4'" 1 
ATOM   386 C  "C3'" . DC  B 1 9  ? -4.228  -4.482  -0.407  1.00 32.01  ? 22  DC  B "C3'" 1 
ATOM   387 O  "O3'" . DC  B 1 9  ? -4.369  -5.856  -0.774  1.00 35.73  ? 22  DC  B "O3'" 1 
ATOM   388 C  "C2'" . DC  B 1 9  ? -2.805  -3.982  -0.643  1.00 36.05  ? 22  DC  B "C2'" 1 
ATOM   389 C  "C1'" . DC  B 1 9  ? -3.021  -2.486  -0.897  1.00 38.65  ? 22  DC  B "C1'" 1 
ATOM   390 N  N1    . DC  B 1 9  ? -2.726  -1.628  0.295   1.00 39.15  ? 22  DC  B N1    1 
ATOM   391 C  C2    . DC  B 1 9  ? -1.398  -1.409  0.677   1.00 42.76  ? 22  DC  B C2    1 
ATOM   392 O  O2    . DC  B 1 9  ? -0.487  -1.934  0.022   1.00 41.73  ? 22  DC  B O2    1 
ATOM   393 N  N3    . DC  B 1 9  ? -1.144  -0.628  1.757   1.00 43.30  ? 22  DC  B N3    1 
ATOM   394 C  C4    . DC  B 1 9  ? -2.154  -0.082  2.437   1.00 47.86  ? 22  DC  B C4    1 
ATOM   395 N  N4    . DC  B 1 9  ? -1.856  0.680   3.493   1.00 41.60  ? 22  DC  B N4    1 
ATOM   396 C  C5    . DC  B 1 9  ? -3.514  -0.294  2.064   1.00 39.02  ? 22  DC  B C5    1 
ATOM   397 C  C6    . DC  B 1 9  ? -3.751  -1.064  0.997   1.00 39.45  ? 22  DC  B C6    1 
ATOM   398 P  P     . DC  B 1 10 ? -3.963  -7.022  0.261   1.00 41.62  ? 23  DC  B P     1 
ATOM   399 O  OP1   . DC  B 1 10 ? -4.466  -8.306  -0.273  1.00 47.13  ? 23  DC  B OP1   1 
ATOM   400 O  OP2   . DC  B 1 10 ? -4.317  -6.569  1.624   1.00 37.65  ? 23  DC  B OP2   1 
ATOM   401 O  "O5'" . DC  B 1 10 ? -2.373  -7.055  0.200   1.00 38.62  ? 23  DC  B "O5'" 1 
ATOM   402 C  "C5'" . DC  B 1 10 ? -1.718  -7.252  -1.037  1.00 40.35  ? 23  DC  B "C5'" 1 
ATOM   403 C  "C4'" . DC  B 1 10 ? -0.245  -7.470  -0.806  1.00 43.67  ? 23  DC  B "C4'" 1 
ATOM   404 O  "O4'" . DC  B 1 10 ? 0.331   -6.272  -0.219  1.00 40.74  ? 23  DC  B "O4'" 1 
ATOM   405 C  "C3'" . DC  B 1 10 ? 0.065   -8.619  0.150   1.00 40.95  ? 23  DC  B "C3'" 1 
ATOM   406 O  "O3'" . DC  B 1 10 ? 1.059   -9.453  -0.393  1.00 44.82  ? 23  DC  B "O3'" 1 
ATOM   407 C  "C2'" . DC  B 1 10 ? 0.538   -7.930  1.429   1.00 43.29  ? 23  DC  B "C2'" 1 
ATOM   408 C  "C1'" . DC  B 1 10 ? 1.091   -6.607  0.920   1.00 44.15  ? 23  DC  B "C1'" 1 
ATOM   409 N  N1    . DC  B 1 10 ? 0.951   -5.507  1.919   1.00 40.25  ? 23  DC  B N1    1 
ATOM   410 C  C2    . DC  B 1 10 ? 2.089   -4.986  2.544   1.00 44.34  ? 23  DC  B C2    1 
ATOM   411 O  O2    . DC  B 1 10 ? 3.201   -5.432  2.244   1.00 47.65  ? 23  DC  B O2    1 
ATOM   412 N  N3    . DC  B 1 10 ? 1.938   -3.995  3.459   1.00 42.27  ? 23  DC  B N3    1 
ATOM   413 C  C4    . DC  B 1 10 ? 0.720   -3.539  3.757   1.00 48.00  ? 23  DC  B C4    1 
ATOM   414 N  N4    . DC  B 1 10 ? 0.622   -2.562  4.665   1.00 48.58  ? 23  DC  B N4    1 
ATOM   415 C  C5    . DC  B 1 10 ? -0.453  -4.063  3.137   1.00 37.81  ? 23  DC  B C5    1 
ATOM   416 C  C6    . DC  B 1 10 ? -0.292  -5.040  2.238   1.00 40.41  ? 23  DC  B C6    1 
ATOM   417 P  P     . DG  B 1 11 ? 1.405   -10.849 0.325   1.00 48.48  ? 24  DG  B P     1 
ATOM   418 O  OP1   . DG  B 1 11 ? 1.766   -11.812 -0.743  1.00 48.62  ? 24  DG  B OP1   1 
ATOM   419 O  OP2   . DG  B 1 11 ? 0.304   -11.159 1.268   1.00 42.53  ? 24  DG  B OP2   1 
ATOM   420 O  "O5'" . DG  B 1 11 ? 2.684   -10.509 1.223   1.00 40.73  ? 24  DG  B "O5'" 1 
ATOM   421 C  "C5'" . DG  B 1 11 ? 3.906   -10.149 0.612   1.00 37.14  ? 24  DG  B "C5'" 1 
ATOM   422 C  "C4'" . DG  B 1 11 ? 5.062   -10.226 1.599   1.00 42.38  ? 24  DG  B "C4'" 1 
ATOM   423 O  "O4'" . DG  B 1 11 ? 4.990   -9.119  2.533   1.00 43.41  ? 24  DG  B "O4'" 1 
ATOM   424 C  "C3'" . DG  B 1 11 ? 5.128   -11.485 2.450   1.00 44.27  ? 24  DG  B "C3'" 1 
ATOM   425 O  "O3'" . DG  B 1 11 ? 6.497   -11.796 2.704   1.00 52.94  ? 24  DG  B "O3'" 1 
ATOM   426 C  "C2'" . DG  B 1 11 ? 4.378   -11.072 3.723   1.00 49.25  ? 24  DG  B "C2'" 1 
ATOM   427 C  "C1'" . DG  B 1 11 ? 4.735   -9.592  3.845   1.00 48.87  ? 24  DG  B "C1'" 1 
ATOM   428 N  N9    . DG  B 1 11 ? 3.680   -8.758  4.443   1.00 44.75  ? 24  DG  B N9    1 
ATOM   429 C  C8    . DG  B 1 11 ? 2.330   -8.797  4.175   1.00 48.87  ? 24  DG  B C8    1 
ATOM   430 N  N7    . DG  B 1 11 ? 1.636   -7.921  4.859   1.00 48.23  ? 24  DG  B N7    1 
ATOM   431 C  C5    . DG  B 1 11 ? 2.583   -7.257  5.625   1.00 44.32  ? 24  DG  B C5    1 
ATOM   432 C  C6    . DG  B 1 11 ? 2.428   -6.202  6.560   1.00 50.77  ? 24  DG  B C6    1 
ATOM   433 O  O6    . DG  B 1 11 ? 1.385   -5.627  6.907   1.00 51.37  ? 24  DG  B O6    1 
ATOM   434 N  N1    . DG  B 1 11 ? 3.648   -5.822  7.114   1.00 53.08  ? 24  DG  B N1    1 
ATOM   435 C  C2    . DG  B 1 11 ? 4.862   -6.387  6.806   1.00 53.88  ? 24  DG  B C2    1 
ATOM   436 N  N2    . DG  B 1 11 ? 5.932   -5.888  7.443   1.00 53.67  ? 24  DG  B N2    1 
ATOM   437 N  N3    . DG  B 1 11 ? 5.022   -7.374  5.932   1.00 52.20  ? 24  DG  B N3    1 
ATOM   438 C  C4    . DG  B 1 11 ? 3.845   -7.758  5.382   1.00 49.82  ? 24  DG  B C4    1 
ATOM   439 P  P     . DA  B 1 12 ? 6.941   -13.189 3.383   1.00 54.01  ? 25  DA  B P     1 
ATOM   440 O  OP1   . DA  B 1 12 ? 8.108   -13.689 2.616   1.00 55.23  ? 25  DA  B OP1   1 
ATOM   441 O  OP2   . DA  B 1 12 ? 5.761   -14.070 3.573   1.00 57.89  ? 25  DA  B OP2   1 
ATOM   442 O  "O5'" . DA  B 1 12 ? 7.446   -12.742 4.832   1.00 51.21  ? 25  DA  B "O5'" 1 
ATOM   443 C  "C5'" . DA  B 1 12 ? 8.385   -11.691 4.964   1.00 53.26  ? 25  DA  B "C5'" 1 
ATOM   444 C  "C4'" . DA  B 1 12 ? 8.566   -11.291 6.419   1.00 62.27  ? 25  DA  B "C4'" 1 
ATOM   445 O  "O4'" . DA  B 1 12 ? 7.463   -10.445 6.842   1.00 58.78  ? 25  DA  B "O4'" 1 
ATOM   446 C  "C3'" . DA  B 1 12 ? 8.612   -12.444 7.417   1.00 57.25  ? 25  DA  B "C3'" 1 
ATOM   447 O  "O3'" . DA  B 1 12 ? 9.502   -12.116 8.462   1.00 66.44  ? 25  DA  B "O3'" 1 
ATOM   448 C  "C2'" . DA  B 1 12 ? 7.173   -12.499 7.913   1.00 60.66  ? 25  DA  B "C2'" 1 
ATOM   449 C  "C1'" . DA  B 1 12 ? 6.848   -11.019 7.979   1.00 60.32  ? 25  DA  B "C1'" 1 
ATOM   450 N  N9    . DA  B 1 12 ? 5.422   -10.718 7.934   1.00 58.47  ? 25  DA  B N9    1 
ATOM   451 C  C8    . DA  B 1 12 ? 4.456   -11.382 7.229   1.00 57.31  ? 25  DA  B C8    1 
ATOM   452 N  N7    . DA  B 1 12 ? 3.254   -10.867 7.366   1.00 56.34  ? 25  DA  B N7    1 
ATOM   453 C  C5    . DA  B 1 12 ? 3.450   -9.789  8.215   1.00 54.12  ? 25  DA  B C5    1 
ATOM   454 C  C6    . DA  B 1 12 ? 2.570   -8.829  8.752   1.00 61.73  ? 25  DA  B C6    1 
ATOM   455 N  N6    . DA  B 1 12 ? 1.257   -8.808  8.497   1.00 62.20  ? 25  DA  B N6    1 
ATOM   456 N  N1    . DA  B 1 12 ? 3.094   -7.888  9.566   1.00 61.05  ? 25  DA  B N1    1 
ATOM   457 C  C2    . DA  B 1 12 ? 4.406   -7.912  9.820   1.00 64.07  ? 25  DA  B C2    1 
ATOM   458 N  N3    . DA  B 1 12 ? 5.330   -8.762  9.375   1.00 61.33  ? 25  DA  B N3    1 
ATOM   459 C  C4    . DA  B 1 12 ? 4.781   -9.683  8.570   1.00 56.83  ? 25  DA  B C4    1 
ATOM   460 P  P     . DA  B 1 13 ? 10.339  -13.262 9.213   1.00 67.09  ? 26  DA  B P     1 
ATOM   461 O  OP1   . DA  B 1 13 ? 11.771  -12.918 9.063   1.00 67.15  ? 26  DA  B OP1   1 
ATOM   462 O  OP2   . DA  B 1 13 ? 9.836   -14.580 8.757   1.00 70.08  ? 26  DA  B OP2   1 
ATOM   463 O  "O5'" . DA  B 1 13 ? 9.938   -13.073 10.749  1.00 77.41  ? 26  DA  B "O5'" 1 
ATOM   464 C  "C5'" . DA  B 1 13 ? 8.578   -12.888 11.108  1.00 73.65  ? 26  DA  B "C5'" 1 
ATOM   465 C  "C4'" . DA  B 1 13 ? 8.436   -11.774 12.130  1.00 67.43  ? 26  DA  B "C4'" 1 
ATOM   466 O  "O4'" . DA  B 1 13 ? 7.292   -10.946 11.791  1.00 62.80  ? 26  DA  B "O4'" 1 
ATOM   467 C  "C3'" . DA  B 1 13 ? 8.209   -12.245 13.563  1.00 72.62  ? 26  DA  B "C3'" 1 
ATOM   468 O  "O3'" . DA  B 1 13 ? 8.874   -11.378 14.476  1.00 76.46  ? 26  DA  B "O3'" 1 
ATOM   469 C  "C2'" . DA  B 1 13 ? 6.691   -12.164 13.713  1.00 68.51  ? 26  DA  B "C2'" 1 
ATOM   470 C  "C1'" . DA  B 1 13 ? 6.361   -10.948 12.853  1.00 67.45  ? 26  DA  B "C1'" 1 
ATOM   471 N  N9    . DA  B 1 13 ? 5.015   -10.971 12.280  1.00 62.10  ? 26  DA  B N9    1 
ATOM   472 C  C8    . DA  B 1 13 ? 4.039   -10.028 12.446  1.00 63.51  ? 26  DA  B C8    1 
ATOM   473 N  N7    . DA  B 1 13 ? 2.926   -10.298 11.805  1.00 65.45  ? 26  DA  B N7    1 
ATOM   474 C  C5    . DA  B 1 13 ? 3.189   -11.502 11.172  1.00 61.65  ? 26  DA  B C5    1 
ATOM   475 C  C6    . DA  B 1 13 ? 2.409   -12.322 10.332  1.00 59.41  ? 26  DA  B C6    1 
ATOM   476 N  N6    . DA  B 1 13 ? 1.152   -12.032 9.978   1.00 61.92  ? 26  DA  B N6    1 
ATOM   477 N  N1    . DA  B 1 13 ? 2.972   -13.456 9.867   1.00 57.47  ? 26  DA  B N1    1 
ATOM   478 C  C2    . DA  B 1 13 ? 4.231   -13.742 10.219  1.00 51.28  ? 26  DA  B C2    1 
ATOM   479 N  N3    . DA  B 1 13 ? 5.062   -13.054 11.002  1.00 58.21  ? 26  DA  B N3    1 
ATOM   480 C  C4    . DA  B 1 13 ? 4.474   -11.931 11.450  1.00 59.81  ? 26  DA  B C4    1 
HETATM 481 C  C1    . DDA C 2 .  ? 2.010   -7.868  -4.409  1.00 42.93  ? 1   DDA C C1    1 
HETATM 482 C  C2    . DDA C 2 .  ? 2.818   -7.862  -3.117  1.00 41.17  ? 1   DDA C C2    1 
HETATM 483 C  C3    . DDA C 2 .  ? 4.308   -7.739  -3.417  1.00 43.59  ? 1   DDA C C3    1 
HETATM 484 C  C4    . DDA C 2 .  ? 4.721   -8.790  -4.440  1.00 44.55  ? 1   DDA C C4    1 
HETATM 485 C  C5    . DDA C 2 .  ? 3.834   -8.694  -5.677  1.00 51.02  ? 1   DDA C C5    1 
HETATM 486 C  C6    . DDA C 2 .  ? 4.215   -9.746  -6.711  1.00 51.11  ? 1   DDA C C6    1 
HETATM 487 O  O5    . DDA C 2 .  ? 2.477   -8.890  -5.285  1.00 48.24  ? 1   DDA C O5    1 
HETATM 488 O  O1    . DDA C 2 .  ? 0.626   -8.094  -4.100  1.00 45.64  ? 1   DDA C O1    1 
HETATM 489 O  O3    . DDA C 2 .  ? 4.933   -7.968  -2.216  1.00 44.56  ? 1   DDA C O3    1 
HETATM 490 O  O4    . DDA C 2 .  ? 6.088   -8.585  -4.809  1.00 43.10  ? 1   DDA C O4    1 
HETATM 491 C  C1    . DDA C 2 .  ? 6.150   -7.297  -1.873  1.00 40.80  ? 2   DDA C C1    1 
HETATM 492 C  C2    . DDA C 2 .  ? 6.467   -7.567  -0.409  1.00 36.99  ? 2   DDA C C2    1 
HETATM 493 C  C3    . DDA C 2 .  ? 7.798   -6.933  -0.031  1.00 39.95  ? 2   DDA C C3    1 
HETATM 494 C  C4    . DDA C 2 .  ? 8.884   -7.370  -1.004  1.00 36.72  ? 2   DDA C C4    1 
HETATM 495 C  C5    . DDA C 2 .  ? 8.447   -7.106  -2.440  1.00 41.54  ? 2   DDA C C5    1 
HETATM 496 C  C6    . DDA C 2 .  ? 9.503   -7.581  -3.432  1.00 43.03  ? 2   DDA C C6    1 
HETATM 497 O  O5    . DDA C 2 .  ? 7.216   -7.785  -2.689  1.00 37.68  ? 2   DDA C O5    1 
HETATM 498 O  O3    . DDA C 2 .  ? 8.457   -7.234  1.134   1.00 39.28  ? 2   DDA C O3    1 
HETATM 499 O  O4    . DDA C 2 .  ? 10.083  -6.640  -0.721  1.00 39.62  ? 2   DDA C O4    1 
HETATM 500 C  C1    . ERI C 2 .  ? 7.763   -7.030  2.366   1.00 38.93  ? 3   ERI C C1    1 
HETATM 501 C  C2    . ERI C 2 .  ? 8.330   -7.926  3.472   1.00 44.04  ? 3   ERI C C2    1 
HETATM 502 C  C3    . ERI C 2 .  ? 9.717   -7.501  3.952   1.00 43.32  ? 3   ERI C C3    1 
HETATM 503 O  O3    . ERI C 2 .  ? 9.958   -8.088  5.232   1.00 46.47  ? 3   ERI C O3    1 
HETATM 504 C  CC3   . ERI C 2 .  ? 10.810  -7.981  3.007   1.00 42.62  ? 3   ERI C CC3   1 
HETATM 505 C  C4    . ERI C 2 .  ? 9.802   -5.991  4.133   1.00 44.29  ? 3   ERI C C4    1 
HETATM 506 O  O4    . ERI C 2 .  ? 11.174  -5.637  4.286   1.00 48.34  ? 3   ERI C O4    1 
HETATM 507 C  CME   . ERI C 2 .  ? 12.865  -4.652  5.908   1.00 47.49  ? 3   ERI C CME   1 
HETATM 508 C  CO4   . ERI C 2 .  ? 11.458  -5.066  5.590   1.00 50.90  ? 3   ERI C CO4   1 
HETATM 509 O  OC4   . ERI C 2 .  ? 10.551  -4.999  6.404   1.00 50.64  ? 3   ERI C OC4   1 
HETATM 510 C  C5    . ERI C 2 .  ? 9.214   -5.245  2.944   1.00 40.09  ? 3   ERI C C5    1 
HETATM 511 O  O5    . ERI C 2 .  ? 7.863   -5.655  2.734   1.00 39.33  ? 3   ERI C O5    1 
HETATM 512 C  C6    . ERI C 2 .  ? 9.247   -3.740  3.185   1.00 44.99  ? 3   ERI C C6    1 
HETATM 513 O  O5    . 2GL D 3 .  ? 10.334  -3.807  -1.767  1.00 38.14  ? 1   2GL D O5    1 
HETATM 514 C  C1    . 2GL D 3 .  ? 9.697   -2.680  -1.160  1.00 40.12  ? 1   2GL D C1    1 
HETATM 515 C  C2    . 2GL D 3 .  ? 10.502  -2.213  0.049   1.00 41.24  ? 1   2GL D C2    1 
HETATM 516 C  C3    . 2GL D 3 .  ? 11.958  -1.954  -0.326  1.00 43.26  ? 1   2GL D C3    1 
HETATM 517 O  O3    . 2GL D 3 .  ? 12.483  -1.412  0.820   1.00 43.55  ? 1   2GL D O3    1 
HETATM 518 C  C4    . 2GL D 3 .  ? 12.518  -3.177  -1.039  1.00 35.74  ? 1   2GL D C4    1 
HETATM 519 O  O4    . 2GL D 3 .  ? 12.470  -4.294  -0.156  1.00 36.15  ? 1   2GL D O4    1 
HETATM 520 C  CME   . 2GL D 3 .  ? 13.584  -5.422  1.821   1.00 43.19  ? 1   2GL D CME   1 
HETATM 521 C  CO4   . 2GL D 3 .  ? 13.619  -4.395  0.731   1.00 41.25  ? 1   2GL D CO4   1 
HETATM 522 O  OC4   . 2GL D 3 .  ? 14.653  -3.824  0.420   1.00 36.66  ? 1   2GL D OC4   1 
HETATM 523 C  C5    . 2GL D 3 .  ? 11.644  -3.502  -2.238  1.00 40.92  ? 1   2GL D C5    1 
HETATM 524 O  O1    . 2GL D 3 .  ? 8.378   -3.059  -0.739  1.00 44.04  ? 1   2GL D O1    1 
HETATM 525 C  C6    . 2GL D 3 .  ? 12.178  -4.705  -2.999  1.00 42.87  ? 1   2GL D C6    1 
HETATM 526 C  C1    . 1GL D 3 .  ? 13.711  -0.710  0.579   1.00 41.23  ? 2   1GL D C1    1 
HETATM 527 C  C2    . 1GL D 3 .  ? 14.557  -0.711  1.848   1.00 42.28  ? 2   1GL D C2    1 
HETATM 528 C  C3    . 1GL D 3 .  ? 13.895  0.125   2.936   1.00 45.72  ? 2   1GL D C3    1 
HETATM 529 O  O3    . 1GL D 3 .  ? 14.744  0.211   4.085   1.00 52.49  ? 2   1GL D O3    1 
HETATM 530 C  C4    . 1GL D 3 .  ? 13.608  1.516   2.398   1.00 51.97  ? 2   1GL D C4    1 
HETATM 531 O  O4    . 1GL D 3 .  ? 14.842  2.155   2.075   1.00 51.74  ? 2   1GL D O4    1 
HETATM 532 C  CME   . 1GL D 3 .  ? 15.179  3.174   3.014   1.00 54.25  ? 2   1GL D CME   1 
HETATM 533 C  C5    . 1GL D 3 .  ? 12.746  1.402   1.148   1.00 46.13  ? 2   1GL D C5    1 
HETATM 534 O  O5    . 1GL D 3 .  ? 13.439  0.633   0.162   1.00 44.68  ? 2   1GL D O5    1 
HETATM 535 C  C6    . 1GL D 3 .  ? 12.412  2.782   0.589   1.00 47.82  ? 2   1GL D C6    1 
HETATM 536 O  O5    . 2GL E 3 .  ? -8.764  -3.460  -5.736  1.00 37.42  ? 1   2GL E O5    1 
HETATM 537 C  C1    . 2GL E 3 .  ? -8.487  -2.803  -4.499  1.00 39.91  ? 1   2GL E C1    1 
HETATM 538 C  C2    . 2GL E 3 .  ? -9.574  -1.778  -4.195  1.00 41.72  ? 1   2GL E C2    1 
HETATM 539 C  C3    . 2GL E 3 .  ? -10.954 -2.423  -4.228  1.00 42.98  ? 1   2GL E C3    1 
HETATM 540 O  O3    . 2GL E 3 .  ? -11.835 -1.491  -3.734  1.00 40.49  ? 1   2GL E O3    1 
HETATM 541 C  C4    . 2GL E 3 .  ? -11.133 -3.155  -5.547  1.00 36.46  ? 1   2GL E C4    1 
HETATM 542 O  O4    . 2GL E 3 .  ? -11.067 -2.213  -6.615  1.00 39.94  ? 1   2GL E O4    1 
HETATM 543 C  CME   . 2GL E 3 .  ? -12.393 -0.506  -7.946  1.00 43.20  ? 1   2GL E CME   1 
HETATM 544 C  CO4   . 2GL E 3 .  ? -12.349 -1.593  -6.914  1.00 43.47  ? 1   2GL E CO4   1 
HETATM 545 O  OC4   . 2GL E 3 .  ? -13.365 -2.135  -6.512  1.00 40.59  ? 1   2GL E OC4   1 
HETATM 546 C  C5    . 2GL E 3 .  ? -10.005 -4.160  -5.726  1.00 39.98  ? 1   2GL E C5    1 
HETATM 547 O  O1    . 2GL E 3 .  ? -7.228  -2.133  -4.598  1.00 43.37  ? 1   2GL E O1    1 
HETATM 548 C  C6    . 2GL E 3 .  ? -10.141 -4.919  -7.037  1.00 39.81  ? 1   2GL E C6    1 
HETATM 549 C  C1    . 1GL E 3 .  ? -13.092 -2.001  -3.277  1.00 40.57  ? 2   1GL E C1    1 
HETATM 550 C  C2    . 1GL E 3 .  ? -14.150 -0.909  -3.395  1.00 41.98  ? 2   1GL E C2    1 
HETATM 551 C  C3    . 1GL E 3 .  ? -13.849 0.234   -2.436  1.00 41.09  ? 2   1GL E C3    1 
HETATM 552 O  O3    . 1GL E 3 .  ? -14.907 1.199   -2.472  1.00 49.01  ? 2   1GL E O3    1 
HETATM 553 C  C4    . 1GL E 3 .  ? -13.686 -0.312  -1.028  1.00 48.09  ? 2   1GL E C4    1 
HETATM 554 O  O4    . 1GL E 3 .  ? -14.924 -0.869  -0.592  1.00 49.97  ? 2   1GL E O4    1 
HETATM 555 C  CME   . 1GL E 3 .  ? -15.567 -0.048  0.383   1.00 51.87  ? 2   1GL E CME   1 
HETATM 556 C  C5    . 1GL E 3 .  ? -12.609 -1.390  -1.023  1.00 43.91  ? 2   1GL E C5    1 
HETATM 557 O  O5    . 1GL E 3 .  ? -12.984 -2.439  -1.919  1.00 42.17  ? 2   1GL E O5    1 
HETATM 558 C  C6    . 1GL E 3 .  ? -12.406 -1.959  0.378   1.00 44.40  ? 2   1GL E C6    1 
HETATM 559 C  C1    . DDA F 2 .  ? 0.544   -4.203  -8.200  1.00 43.62  ? 1   DDA F C1    1 
HETATM 560 C  C2    . DDA F 2 .  ? -0.477  -3.078  -8.337  1.00 40.76  ? 1   DDA F C2    1 
HETATM 561 C  C3    . DDA F 2 .  ? -1.889  -3.633  -8.500  1.00 42.26  ? 1   DDA F C3    1 
HETATM 562 C  C4    . DDA F 2 .  ? -1.910  -4.692  -9.599  1.00 42.01  ? 1   DDA F C4    1 
HETATM 563 C  C5    . DDA F 2 .  ? -0.845  -5.749  -9.333  1.00 51.69  ? 1   DDA F C5    1 
HETATM 564 C  C6    . DDA F 2 .  ? -0.844  -6.817  -10.421 1.00 50.63  ? 1   DDA F C6    1 
HETATM 565 O  O5    . DDA F 2 .  ? 0.433   -5.116  -9.291  1.00 48.88  ? 1   DDA F O5    1 
HETATM 566 O  O1    . DDA F 2 .  ? 1.868   -3.648  -8.164  1.00 45.69  ? 1   DDA F O1    1 
HETATM 567 O  O3    . DDA F 2 .  ? -2.727  -2.571  -8.726  1.00 41.50  ? 1   DDA F O3    1 
HETATM 568 O  O4    . DDA F 2 .  ? -3.201  -5.308  -9.651  1.00 40.08  ? 1   DDA F O4    1 
HETATM 569 C  C1    . DDA F 2 .  ? -4.094  -2.515  -8.299  1.00 39.93  ? 2   DDA F C1    1 
HETATM 570 C  C2    . DDA F 2 .  ? -4.645  -1.123  -8.579  1.00 35.72  ? 2   DDA F C2    1 
HETATM 571 C  C3    . DDA F 2 .  ? -6.128  -1.054  -8.240  1.00 36.90  ? 2   DDA F C3    1 
HETATM 572 C  C4    . DDA F 2 .  ? -6.882  -2.183  -8.926  1.00 35.28  ? 2   DDA F C4    1 
HETATM 573 C  C5    . DDA F 2 .  ? -6.224  -3.526  -8.633  1.00 42.21  ? 2   DDA F C5    1 
HETATM 574 C  C6    . DDA F 2 .  ? -6.924  -4.648  -9.390  1.00 42.75  ? 2   DDA F C6    1 
HETATM 575 O  O5    . DDA F 2 .  ? -4.852  -3.485  -9.024  1.00 38.40  ? 2   DDA F O5    1 
HETATM 576 O  O3    . DDA F 2 .  ? -6.857  0.027   -8.676  1.00 38.38  ? 2   DDA F O3    1 
HETATM 577 O  O4    . DDA F 2 .  ? -8.232  -2.194  -8.450  1.00 38.34  ? 2   DDA F O4    1 
HETATM 578 C  C1    . ERI F 2 .  ? -6.487  1.348   -8.273  1.00 38.01  ? 3   ERI F C1    1 
HETATM 579 C  C2    . ERI F 2 .  ? -7.103  2.401   -9.201  1.00 44.01  ? 3   ERI F C2    1 
HETATM 580 C  C3    . ERI F 2 .  ? -8.614  2.560   -9.028  1.00 42.99  ? 3   ERI F C3    1 
HETATM 581 O  O3    . ERI F 2 .  ? -9.007  3.819   -9.581  1.00 46.76  ? 3   ERI F O3    1 
HETATM 582 C  CC3   . ERI F 2 .  ? -9.379  1.471   -9.765  1.00 41.38  ? 3   ERI F CC3   1 
HETATM 583 C  C4    . ERI F 2 .  ? -9.002  2.582   -7.555  1.00 44.19  ? 3   ERI F C4    1 
HETATM 584 O  O4    . ERI F 2 .  ? -10.418 2.436   -7.457  1.00 49.25  ? 3   ERI F O4    1 
HETATM 585 C  CME   . ERI F 2 .  ? -12.561 3.637   -6.787  1.00 48.86  ? 3   ERI F CME   1 
HETATM 586 C  CO4   . ERI F 2 .  ? -11.069 3.635   -6.956  1.00 53.68  ? 3   ERI F CO4   1 
HETATM 587 O  OC4   . ERI F 2 .  ? -10.383 4.619   -6.737  1.00 54.15  ? 3   ERI F OC4   1 
HETATM 588 C  C5    . ERI F 2 .  ? -8.319  1.471   -6.768  1.00 43.26  ? 3   ERI F C5    1 
HETATM 589 O  O5    . ERI F 2 .  ? -6.903  1.560   -6.924  1.00 36.66  ? 3   ERI F O5    1 
HETATM 590 C  C6    . ERI F 2 .  ? -8.664  1.576   -5.287  1.00 41.95  ? 3   ERI F C6    1 
HETATM 591 C  C1    . CPH G 4 .  ? 2.658   -3.913  -5.869  1.00 37.04  ? 106 CPH A C1    1 
HETATM 592 O  O1    . CPH G 4 .  ? 1.582   -3.598  -5.395  1.00 32.14  ? 106 CPH A O1    1 
HETATM 593 C  C2    . CPH G 4 .  ? 2.771   -4.271  -7.331  1.00 43.45  ? 106 CPH A C2    1 
HETATM 594 C  C3    . CPH G 4 .  ? 3.989   -3.529  -7.863  1.00 43.40  ? 106 CPH A C3    1 
HETATM 595 C  C4    . CPH G 4 .  ? 5.246   -4.023  -7.147  1.00 45.94  ? 106 CPH A C4    1 
HETATM 596 C  C5    . CPH G 4 .  ? 7.393   -3.709  -2.725  1.00 34.92  ? 106 CPH A C5    1 
HETATM 597 C  C6    . CPH G 4 .  ? 7.278   -3.614  -1.339  1.00 37.71  ? 106 CPH A C6    1 
HETATM 598 C  C7    . CPH G 4 .  ? 6.027   -3.573  -0.721  1.00 38.89  ? 106 CPH A C7    1 
HETATM 599 C  C8    . CPH G 4 .  ? 4.861   -3.627  -1.467  1.00 35.64  ? 106 CPH A C8    1 
HETATM 600 O  O8    . CPH G 4 .  ? 3.653   -3.583  -0.841  1.00 38.17  ? 106 CPH A O8    1 
HETATM 601 C  C9    . CPH G 4 .  ? 3.782   -3.776  -3.635  1.00 37.24  ? 106 CPH A C9    1 
HETATM 602 O  O9    . CPH G 4 .  ? 2.562   -3.738  -3.031  1.00 38.92  ? 106 CPH A O9    1 
HETATM 603 C  "C1'" . CPH G 4 .  ? 4.115   -3.636  -9.383  1.00 50.26  ? 106 CPH A "C1'" 1 
HETATM 604 O  "O1'" . CPH G 4 .  ? 4.775   -4.850  -9.731  1.00 53.36  ? 106 CPH A "O1'" 1 
HETATM 605 C  C10   . CPH G 4 .  ? 6.313   -3.865  -4.892  1.00 36.12  ? 106 CPH A C10   1 
HETATM 606 C  "C2'" . CPH G 4 .  ? 4.900   -2.468  -9.907  1.00 50.43  ? 106 CPH A "C2'" 1 
HETATM 607 O  "O2'" . CPH G 4 .  ? 4.354   -1.392  -10.096 1.00 47.72  ? 106 CPH A "O2'" 1 
HETATM 608 C  "C3'" . CPH G 4 .  ? 6.367   -2.632  -10.173 1.00 48.33  ? 106 CPH A "C3'" 1 
HETATM 609 O  "O3'" . CPH G 4 .  ? 6.563   -3.801  -10.976 1.00 54.62  ? 106 CPH A "O3'" 1 
HETATM 610 C  "C4'" . CPH G 4 .  ? 6.933   -1.389  -10.858 1.00 62.59  ? 106 CPH A "C4'" 1 
HETATM 611 O  "O4'" . CPH G 4 .  ? 6.471   -0.218  -10.172 1.00 68.09  ? 106 CPH A "O4'" 1 
HETATM 612 C  C4A   . CPH G 4 .  ? 5.137   -3.911  -5.639  1.00 35.45  ? 106 CPH A C4A   1 
HETATM 613 C  "C5'" . CPH G 4 .  ? 6.546   -1.309  -12.333 1.00 66.04  ? 106 CPH A "C5'" 1 
HETATM 614 C  C5A   . CPH G 4 .  ? 6.251   -3.767  -3.508  1.00 36.38  ? 106 CPH A C5A   1 
HETATM 615 C  C8A   . CPH G 4 .  ? 4.927   -3.723  -2.851  1.00 39.18  ? 106 CPH A C8A   1 
HETATM 616 C  C9A   . CPH G 4 .  ? 3.894   -3.875  -5.019  1.00 37.64  ? 106 CPH A C9A   1 
HETATM 617 C  CC7   . CPH G 4 .  ? 5.939   -3.472  0.780   1.00 37.67  ? 106 CPH A CC7   1 
HETATM 618 C  CME   . CPH G 4 .  ? 3.957   -5.691  -10.541 1.00 51.26  ? 106 CPH A CME   1 
HETATM 619 CO CO    . CO  H 5 .  ? 0.767   -3.524  -3.639  1.00 39.73  ? 107 CO  A CO    1 
HETATM 620 CO CO    . CO  I 5 .  ? 3.286   2.989   6.119   1.00 56.87  ? 108 CO  A CO    1 
HETATM 621 C  C1    . CPH J 4 .  ? -0.532  -6.016  -4.474  1.00 36.69  ? 103 CPH B C1    1 
HETATM 622 O  O1    . CPH J 4 .  ? 0.343   -5.359  -3.938  1.00 32.78  ? 103 CPH B O1    1 
HETATM 623 C  C2    . CPH J 4 .  ? -0.263  -7.433  -4.911  1.00 44.26  ? 103 CPH B C2    1 
HETATM 624 C  C3    . CPH J 4 .  ? -1.441  -8.281  -4.445  1.00 44.58  ? 103 CPH B C3    1 
HETATM 625 C  C4    . CPH J 4 .  ? -2.735  -7.789  -5.089  1.00 46.78  ? 103 CPH B C4    1 
HETATM 626 C  C5    . CPH J 4 .  ? -5.772  -3.908  -5.072  1.00 36.60  ? 103 CPH B C5    1 
HETATM 627 C  C6    . CPH J 4 .  ? -5.949  -2.536  -4.924  1.00 36.82  ? 103 CPH B C6    1 
HETATM 628 C  C7    . CPH J 4 .  ? -4.885  -1.685  -4.637  1.00 38.19  ? 103 CPH B C7    1 
HETATM 629 C  C8    . CPH J 4 .  ? -3.602  -2.182  -4.495  1.00 34.86  ? 103 CPH B C8    1 
HETATM 630 O  O8    . CPH J 4 .  ? -2.567  -1.344  -4.213  1.00 38.21  ? 103 CPH B O8    1 
HETATM 631 C  C9    . CPH J 4 .  ? -2.103  -4.073  -4.495  1.00 37.24  ? 103 CPH B C9    1 
HETATM 632 O  O9    . CPH J 4 .  ? -1.067  -3.233  -4.218  1.00 41.00  ? 103 CPH B O9    1 
HETATM 633 C  "C1'" . CPH J 4 .  ? -1.201  -9.760  -4.738  1.00 48.58  ? 103 CPH B "C1'" 1 
HETATM 634 O  "O1'" . CPH J 4 .  ? -1.508  -10.036 -6.100  1.00 54.52  ? 103 CPH B "O1'" 1 
HETATM 635 C  C10   . CPH J 4 .  ? -4.258  -5.806  -5.079  1.00 36.75  ? 103 CPH B C10   1 
HETATM 636 C  "C2'" . CPH J 4 .  ? -2.068  -10.612 -3.861  1.00 51.55  ? 103 CPH B "C2'" 1 
HETATM 637 O  "O2'" . CPH J 4 .  ? -1.776  -10.786 -2.686  1.00 49.02  ? 103 CPH B "O2'" 1 
HETATM 638 C  "C3'" . CPH J 4 .  ? -3.293  -11.245 -4.446  1.00 46.27  ? 103 CPH B "C3'" 1 
HETATM 639 O  "O3'" . CPH J 4 .  ? -2.950  -12.520 -4.998  1.00 80.86  ? 103 CPH B "O3'" 1 
HETATM 640 C  "C4'" . CPH J 4 .  ? -4.335  -11.420 -3.347  1.00 64.23  ? 103 CPH B "C4'" 1 
HETATM 641 O  "O4'" . CPH J 4 .  ? -4.222  -10.328 -2.427  1.00 67.22  ? 103 CPH B "O4'" 1 
HETATM 642 C  C4A   . CPH J 4 .  ? -2.963  -6.298  -4.922  1.00 36.97  ? 103 CPH B C4A   1 
HETATM 643 C  "C5'" . CPH J 4 .  ? -4.174  -12.748 -2.610  1.00 68.27  ? 103 CPH B "C5'" 1 
HETATM 644 C  C5A   . CPH J 4 .  ? -4.502  -4.447  -4.938  1.00 35.94  ? 103 CPH B C5A   1 
HETATM 645 C  C8A   . CPH J 4 .  ? -3.372  -3.543  -4.636  1.00 39.10  ? 103 CPH B C8A   1 
HETATM 646 C  C9A   . CPH J 4 .  ? -1.905  -5.442  -4.643  1.00 37.47  ? 103 CPH B C9A   1 
HETATM 647 C  CC7   . CPH J 4 .  ? -5.128  -0.204  -4.487  1.00 36.98  ? 103 CPH B CC7   1 
HETATM 648 C  CME   . CPH J 4 .  ? -0.432  -10.695 -6.763  1.00 50.75  ? 103 CPH B CME   1 
HETATM 649 CO CO    . CO  K 5 .  ? -4.810  5.118   2.515   1.00 58.28  ? 107 CO  B CO    1 
HETATM 650 O  O     . HOH L 6 .  ? 1.126   -2.620  -11.636 1.00 52.01  ? 201 HOH A O     1 
HETATM 651 O  O     . HOH L 6 .  ? 4.255   4.576   5.363   1.00 52.72  ? 202 HOH A O     1 
HETATM 652 O  O     . HOH L 6 .  ? 10.481  3.083   10.049  1.00 60.11  ? 203 HOH A O     1 
HETATM 653 O  O     . HOH L 6 .  ? 1.637   3.410   5.058   1.00 43.85  ? 204 HOH A O     1 
HETATM 654 O  O     . HOH L 6 .  ? 8.484   1.119   -6.435  1.00 55.32  ? 205 HOH A O     1 
HETATM 655 O  O     . HOH L 6 .  ? 0.636   -1.368  -3.776  1.00 31.78  ? 206 HOH A O     1 
HETATM 656 O  O     . HOH L 6 .  ? 4.769   2.122   7.542   1.00 54.66  ? 207 HOH A O     1 
HETATM 657 O  O     . HOH L 6 .  ? -0.877  8.217   -14.977 1.00 61.21  ? 208 HOH A O     1 
HETATM 658 O  O     . HOH L 6 .  ? 8.236   -7.539  7.107   1.00 47.28  ? 209 HOH A O     1 
HETATM 659 O  O     . HOH L 6 .  ? 12.264  -8.100  -1.029  1.00 39.49  ? 210 HOH A O     1 
HETATM 660 O  O     . HOH L 6 .  ? 15.884  2.860   -0.289  1.00 46.56  ? 211 HOH A O     1 
HETATM 661 O  O     . HOH L 6 .  ? 1.269   6.330   -5.613  1.00 55.67  ? 212 HOH A O     1 
HETATM 662 O  O     . HOH L 6 .  ? 2.408   1.463   6.785   1.00 46.34  ? 213 HOH A O     1 
HETATM 663 O  O     . HOH L 6 .  ? 17.004  -4.358  2.029   1.00 40.71  ? 214 HOH A O     1 
HETATM 664 O  O     . HOH L 6 .  ? 11.758  1.909   5.381   1.00 51.65  ? 215 HOH A O     1 
HETATM 665 O  O     . HOH L 6 .  ? 1.645   7.781   -8.955  1.00 72.60  ? 216 HOH A O     1 
HETATM 666 O  O     . HOH L 6 .  ? 2.202   4.897   -8.219  1.00 66.83  ? 217 HOH A O     1 
HETATM 667 O  O     . HOH L 6 .  ? 2.480   3.643   8.312   1.00 56.75  ? 218 HOH A O     1 
HETATM 668 O  O     . HOH L 6 .  ? 7.984   2.155   16.461  1.00 85.98  ? 219 HOH A O     1 
HETATM 669 O  O     . HOH L 6 .  ? 10.037  -3.481  -5.905  1.00 48.65  ? 220 HOH A O     1 
HETATM 670 O  O     . HOH L 6 .  ? 12.790  -9.013  -3.617  1.00 57.63  ? 221 HOH A O     1 
HETATM 671 O  O     . HOH L 6 .  ? 10.082  -5.758  -6.317  1.00 56.87  ? 222 HOH A O     1 
HETATM 672 O  O     . HOH L 6 .  ? 2.820   -11.931 -9.571  1.00 75.70  ? 223 HOH A O     1 
HETATM 673 O  O     . HOH L 6 .  ? 13.718  2.120   16.275  1.00 76.45  ? 224 HOH A O     1 
HETATM 674 O  O     . HOH L 6 .  ? 6.233   8.845   13.364  1.00 72.52  ? 225 HOH A O     1 
HETATM 675 O  O     . HOH L 6 .  ? -13.955 10.079  -9.467  1.00 83.23  ? 226 HOH A O     1 
HETATM 676 O  O     . HOH M 6 .  ? -7.938  5.821   -8.794  1.00 49.00  ? 201 HOH B O     1 
HETATM 677 O  O     . HOH M 6 .  ? -6.236  6.289   1.354   1.00 51.90  ? 202 HOH B O     1 
HETATM 678 O  O     . HOH M 6 .  ? 0.476   -3.743  -1.484  1.00 33.78  ? 203 HOH B O     1 
HETATM 679 O  O     . HOH M 6 .  ? -3.142  4.337   3.302   1.00 47.23  ? 204 HOH B O     1 
HETATM 680 O  O     . HOH M 6 .  ? -0.918  -9.491  7.289   1.00 69.20  ? 205 HOH B O     1 
HETATM 681 O  O     . HOH M 6 .  ? -9.640  -4.890  -1.751  1.00 43.87  ? 206 HOH B O     1 
HETATM 682 O  O     . HOH M 6 .  ? -9.879  -2.900  -10.358 1.00 42.97  ? 207 HOH B O     1 
HETATM 683 O  O     . HOH M 6 .  ? -5.728  4.027   3.926   1.00 52.19  ? 208 HOH B O     1 
HETATM 684 O  O     . HOH M 6 .  ? -10.292 -4.062  2.820   1.00 62.59  ? 209 HOH B O     1 
HETATM 685 O  O     . HOH M 6 .  ? -15.833 -3.409  -0.315  1.00 45.98  ? 210 HOH B O     1 
HETATM 686 O  O     . HOH M 6 .  ? -19.600 1.560   -6.530  1.00 53.35  ? 211 HOH B O     1 
HETATM 687 O  O     . HOH M 6 .  ? -1.107  -6.255  5.960   1.00 55.60  ? 212 HOH B O     1 
HETATM 688 O  O     . HOH M 6 .  ? -4.017  6.185   1.171   1.00 47.87  ? 213 HOH B O     1 
HETATM 689 O  O     . HOH M 6 .  ? 2.818   -14.496 -0.404  1.00 68.52  ? 214 HOH B O     1 
HETATM 690 O  O     . HOH M 6 .  ? -15.462 10.202  -0.888  1.00 65.65  ? 215 HOH B O     1 
HETATM 691 O  O     . HOH M 6 .  ? -15.915 -1.061  -7.699  1.00 43.33  ? 216 HOH B O     1 
HETATM 692 O  O     . HOH M 6 .  ? -19.067 7.124   -2.648  1.00 55.12  ? 217 HOH B O     1 
HETATM 693 O  O     . HOH M 6 .  ? -8.749  -6.822  1.845   1.00 71.14  ? 218 HOH B O     1 
HETATM 694 O  O     . HOH M 6 .  ? -1.874  -9.701  3.656   1.00 65.84  ? 219 HOH B O     1 
HETATM 695 O  O     . HOH M 6 .  ? -8.152  15.550  -2.282  1.00 89.89  ? 220 HOH B O     1 
HETATM 696 O  O     . HOH M 6 .  ? 0.127   15.019  3.545   0.50 91.83  ? 221 HOH B O     1 
HETATM 697 O  O     . HOH M 6 .  ? -4.801  7.162   3.687   1.00 61.57  ? 222 HOH B O     1 
HETATM 698 O  O     . HOH M 6 .  ? -9.861  -5.324  -11.561 1.00 43.81  ? 223 HOH B O     1 
HETATM 699 O  O     . HOH M 6 .  ? -7.215  -7.688  -7.898  1.00 58.91  ? 224 HOH B O     1 
# 
loop_
_pdbx_poly_seq_scheme.asym_id 
_pdbx_poly_seq_scheme.entity_id 
_pdbx_poly_seq_scheme.seq_id 
_pdbx_poly_seq_scheme.mon_id 
_pdbx_poly_seq_scheme.ndb_seq_num 
_pdbx_poly_seq_scheme.pdb_seq_num 
_pdbx_poly_seq_scheme.auth_seq_num 
_pdbx_poly_seq_scheme.pdb_mon_id 
_pdbx_poly_seq_scheme.auth_mon_id 
_pdbx_poly_seq_scheme.pdb_strand_id 
_pdbx_poly_seq_scheme.pdb_ins_code 
_pdbx_poly_seq_scheme.hetero 
A 1 1  DT 1  1  1  DT T A . n 
A 1 2  DT 2  2  2  DT T A . n 
A 1 3  DC 3  3  ?  ?  ? A . n 
A 1 4  DC 4  4  4  DC C A . n 
A 1 5  DG 5  5  5  DG G A . n 
A 1 6  DC 6  6  6  DC C A . n 
A 1 7  DC 7  7  7  DC C A . n 
A 1 8  DG 8  8  8  DG G A . n 
A 1 9  DC 9  9  9  DC C A . n 
A 1 10 DC 10 10 10 DC C A . n 
A 1 11 DG 11 11 11 DG G A . n 
A 1 12 DA 12 12 12 DA A A . n 
A 1 13 DA 13 13 13 DA A A . n 
B 1 1  DT 1  14 14 DT T B . n 
B 1 2  DT 2  15 15 DT T B . n 
B 1 3  DC 3  16 ?  ?  ? B . n 
B 1 4  DC 4  17 17 DC C B . n 
B 1 5  DG 5  18 18 DG G B . n 
B 1 6  DC 6  19 19 DC C B . n 
B 1 7  DC 7  20 20 DC C B . n 
B 1 8  DG 8  21 21 DG G B . n 
B 1 9  DC 9  22 22 DC C B . n 
B 1 10 DC 10 23 23 DC C B . n 
B 1 11 DG 11 24 24 DG G B . n 
B 1 12 DA 12 25 25 DA A B . n 
B 1 13 DA 13 26 26 DA A B . n 
# 
loop_
_pdbx_nonpoly_scheme.asym_id 
_pdbx_nonpoly_scheme.entity_id 
_pdbx_nonpoly_scheme.mon_id 
_pdbx_nonpoly_scheme.ndb_seq_num 
_pdbx_nonpoly_scheme.pdb_seq_num 
_pdbx_nonpoly_scheme.auth_seq_num 
_pdbx_nonpoly_scheme.pdb_mon_id 
_pdbx_nonpoly_scheme.auth_mon_id 
_pdbx_nonpoly_scheme.pdb_strand_id 
_pdbx_nonpoly_scheme.pdb_ins_code 
G 4 CPH 1  106 62  CPH CPH A . 
H 5 CO  1  107 600 CO  CO  A . 
I 5 CO  1  108 601 CO  CO  A . 
J 4 CPH 1  103 56  CPH CPH B . 
K 5 CO  1  107 602 CO  CO  B . 
L 6 HOH 1  201 116 HOH HOH A . 
L 6 HOH 2  202 103 HOH HOH A . 
L 6 HOH 3  203 241 HOH HOH A . 
L 6 HOH 4  204 105 HOH HOH A . 
L 6 HOH 5  205 219 HOH HOH A . 
L 6 HOH 6  206 100 HOH HOH A . 
L 6 HOH 7  207 104 HOH HOH A . 
L 6 HOH 8  208 156 HOH HOH A . 
L 6 HOH 9  209 112 HOH HOH A . 
L 6 HOH 10 210 186 HOH HOH A . 
L 6 HOH 11 211 115 HOH HOH A . 
L 6 HOH 12 212 170 HOH HOH A . 
L 6 HOH 13 213 102 HOH HOH A . 
L 6 HOH 14 214 125 HOH HOH A . 
L 6 HOH 15 215 204 HOH HOH A . 
L 6 HOH 16 216 157 HOH HOH A . 
L 6 HOH 17 217 175 HOH HOH A . 
L 6 HOH 18 218 106 HOH HOH A . 
L 6 HOH 19 219 163 HOH HOH A . 
L 6 HOH 20 220 178 HOH HOH A . 
L 6 HOH 21 221 215 HOH HOH A . 
L 6 HOH 22 222 184 HOH HOH A . 
L 6 HOH 23 223 220 HOH HOH A . 
L 6 HOH 24 224 195 HOH HOH A . 
L 6 HOH 25 225 192 HOH HOH A . 
L 6 HOH 26 226 203 HOH HOH A . 
M 6 HOH 1  201 113 HOH HOH B . 
M 6 HOH 2  202 109 HOH HOH B . 
M 6 HOH 3  203 101 HOH HOH B . 
M 6 HOH 4  204 110 HOH HOH B . 
M 6 HOH 5  205 180 HOH HOH B . 
M 6 HOH 6  206 134 HOH HOH B . 
M 6 HOH 7  207 127 HOH HOH B . 
M 6 HOH 8  208 108 HOH HOH B . 
M 6 HOH 9  209 126 HOH HOH B . 
M 6 HOH 10 210 114 HOH HOH B . 
M 6 HOH 11 211 171 HOH HOH B . 
M 6 HOH 12 212 193 HOH HOH B . 
M 6 HOH 13 213 107 HOH HOH B . 
M 6 HOH 14 214 189 HOH HOH B . 
M 6 HOH 15 215 158 HOH HOH B . 
M 6 HOH 16 216 145 HOH HOH B . 
M 6 HOH 17 217 121 HOH HOH B . 
M 6 HOH 18 218 153 HOH HOH B . 
M 6 HOH 19 219 133 HOH HOH B . 
M 6 HOH 20 220 185 HOH HOH B . 
M 6 HOH 21 221 140 HOH HOH B . 
M 6 HOH 22 222 111 HOH HOH B . 
M 6 HOH 23 223 194 HOH HOH B . 
M 6 HOH 24 224 237 HOH HOH B . 
# 
_pdbx_molecule_features.prd_id    PRD_001136 
_pdbx_molecule_features.name      'Chromomycin A3, Monomer' 
_pdbx_molecule_features.type      Oligosaccharide 
_pdbx_molecule_features.class     Antibiotic 
_pdbx_molecule_features.details   ? 
# 
loop_
_pdbx_molecule.instance_id 
_pdbx_molecule.prd_id 
_pdbx_molecule.asym_id 
1 PRD_001136 C 
1 PRD_001136 D 
1 PRD_001136 G 
2 PRD_001136 E 
2 PRD_001136 F 
2 PRD_001136 J 
# 
_pdbx_struct_assembly.id                   1 
_pdbx_struct_assembly.details              author_defined_assembly 
_pdbx_struct_assembly.method_details       ? 
_pdbx_struct_assembly.oligomeric_details   dimeric 
_pdbx_struct_assembly.oligomeric_count     2 
# 
_pdbx_struct_assembly_gen.assembly_id       1 
_pdbx_struct_assembly_gen.oper_expression   1 
_pdbx_struct_assembly_gen.asym_id_list      A,B,C,D,E,F,G,H,I,J,K,L,M 
# 
_pdbx_struct_oper_list.id                   1 
_pdbx_struct_oper_list.type                 'identity operation' 
_pdbx_struct_oper_list.name                 1_555 
_pdbx_struct_oper_list.symmetry_operation   x,y,z 
_pdbx_struct_oper_list.matrix[1][1]         1.0000000000 
_pdbx_struct_oper_list.matrix[1][2]         0.0000000000 
_pdbx_struct_oper_list.matrix[1][3]         0.0000000000 
_pdbx_struct_oper_list.vector[1]            0.0000000000 
_pdbx_struct_oper_list.matrix[2][1]         0.0000000000 
_pdbx_struct_oper_list.matrix[2][2]         1.0000000000 
_pdbx_struct_oper_list.matrix[2][3]         0.0000000000 
_pdbx_struct_oper_list.vector[2]            0.0000000000 
_pdbx_struct_oper_list.matrix[3][1]         0.0000000000 
_pdbx_struct_oper_list.matrix[3][2]         0.0000000000 
_pdbx_struct_oper_list.matrix[3][3]         1.0000000000 
_pdbx_struct_oper_list.vector[3]            0.0000000000 
# 
_pdbx_struct_special_symmetry.id              1 
_pdbx_struct_special_symmetry.PDB_model_num   1 
_pdbx_struct_special_symmetry.auth_asym_id    B 
_pdbx_struct_special_symmetry.auth_comp_id    HOH 
_pdbx_struct_special_symmetry.auth_seq_id     221 
_pdbx_struct_special_symmetry.PDB_ins_code    ? 
_pdbx_struct_special_symmetry.label_asym_id   M 
_pdbx_struct_special_symmetry.label_comp_id   HOH 
_pdbx_struct_special_symmetry.label_seq_id    . 
# 
loop_
_pdbx_struct_conn_angle.id 
_pdbx_struct_conn_angle.ptnr1_label_atom_id 
_pdbx_struct_conn_angle.ptnr1_label_alt_id 
_pdbx_struct_conn_angle.ptnr1_label_asym_id 
_pdbx_struct_conn_angle.ptnr1_label_comp_id 
_pdbx_struct_conn_angle.ptnr1_label_seq_id 
_pdbx_struct_conn_angle.ptnr1_auth_atom_id 
_pdbx_struct_conn_angle.ptnr1_auth_asym_id 
_pdbx_struct_conn_angle.ptnr1_auth_comp_id 
_pdbx_struct_conn_angle.ptnr1_auth_seq_id 
_pdbx_struct_conn_angle.ptnr1_PDB_ins_code 
_pdbx_struct_conn_angle.ptnr1_symmetry 
_pdbx_struct_conn_angle.ptnr2_label_atom_id 
_pdbx_struct_conn_angle.ptnr2_label_alt_id 
_pdbx_struct_conn_angle.ptnr2_label_asym_id 
_pdbx_struct_conn_angle.ptnr2_label_comp_id 
_pdbx_struct_conn_angle.ptnr2_label_seq_id 
_pdbx_struct_conn_angle.ptnr2_auth_atom_id 
_pdbx_struct_conn_angle.ptnr2_auth_asym_id 
_pdbx_struct_conn_angle.ptnr2_auth_comp_id 
_pdbx_struct_conn_angle.ptnr2_auth_seq_id 
_pdbx_struct_conn_angle.ptnr2_PDB_ins_code 
_pdbx_struct_conn_angle.ptnr2_symmetry 
_pdbx_struct_conn_angle.ptnr3_label_atom_id 
_pdbx_struct_conn_angle.ptnr3_label_alt_id 
_pdbx_struct_conn_angle.ptnr3_label_asym_id 
_pdbx_struct_conn_angle.ptnr3_label_comp_id 
_pdbx_struct_conn_angle.ptnr3_label_seq_id 
_pdbx_struct_conn_angle.ptnr3_auth_atom_id 
_pdbx_struct_conn_angle.ptnr3_auth_asym_id 
_pdbx_struct_conn_angle.ptnr3_auth_comp_id 
_pdbx_struct_conn_angle.ptnr3_auth_seq_id 
_pdbx_struct_conn_angle.ptnr3_PDB_ins_code 
_pdbx_struct_conn_angle.ptnr3_symmetry 
_pdbx_struct_conn_angle.value 
_pdbx_struct_conn_angle.value_esd 
1  N7 ? A DG  8 ? A DG  8   ? 1_555 CO ? I CO . ? A CO 108 ? 1_555 O  ? L HOH . ? A HOH 202 ? 1_555 93.3  ? 
2  N7 ? A DG  8 ? A DG  8   ? 1_555 CO ? I CO . ? A CO 108 ? 1_555 O  ? L HOH . ? A HOH 204 ? 1_555 90.4  ? 
3  O  ? L HOH . ? A HOH 202 ? 1_555 CO ? I CO . ? A CO 108 ? 1_555 O  ? L HOH . ? A HOH 204 ? 1_555 91.8  ? 
4  N7 ? A DG  8 ? A DG  8   ? 1_555 CO ? I CO . ? A CO 108 ? 1_555 O  ? L HOH . ? A HOH 207 ? 1_555 90.7  ? 
5  O  ? L HOH . ? A HOH 202 ? 1_555 CO ? I CO . ? A CO 108 ? 1_555 O  ? L HOH . ? A HOH 207 ? 1_555 103.1 ? 
6  O  ? L HOH . ? A HOH 204 ? 1_555 CO ? I CO . ? A CO 108 ? 1_555 O  ? L HOH . ? A HOH 207 ? 1_555 164.9 ? 
7  N7 ? A DG  8 ? A DG  8   ? 1_555 CO ? I CO . ? A CO 108 ? 1_555 O  ? L HOH . ? A HOH 213 ? 1_555 84.8  ? 
8  O  ? L HOH . ? A HOH 202 ? 1_555 CO ? I CO . ? A CO 108 ? 1_555 O  ? L HOH . ? A HOH 213 ? 1_555 178.1 ? 
9  O  ? L HOH . ? A HOH 204 ? 1_555 CO ? I CO . ? A CO 108 ? 1_555 O  ? L HOH . ? A HOH 213 ? 1_555 88.5  ? 
10 O  ? L HOH . ? A HOH 207 ? 1_555 CO ? I CO . ? A CO 108 ? 1_555 O  ? L HOH . ? A HOH 213 ? 1_555 76.6  ? 
11 N7 ? A DG  8 ? A DG  8   ? 1_555 CO ? I CO . ? A CO 108 ? 1_555 O  ? L HOH . ? A HOH 218 ? 1_555 157.7 ? 
12 O  ? L HOH . ? A HOH 202 ? 1_555 CO ? I CO . ? A CO 108 ? 1_555 O  ? L HOH . ? A HOH 218 ? 1_555 106.7 ? 
13 O  ? L HOH . ? A HOH 204 ? 1_555 CO ? I CO . ? A CO 108 ? 1_555 O  ? L HOH . ? A HOH 218 ? 1_555 98.5  ? 
14 O  ? L HOH . ? A HOH 207 ? 1_555 CO ? I CO . ? A CO 108 ? 1_555 O  ? L HOH . ? A HOH 218 ? 1_555 75.5  ? 
15 O  ? L HOH . ? A HOH 213 ? 1_555 CO ? I CO . ? A CO 108 ? 1_555 O  ? L HOH . ? A HOH 218 ? 1_555 75.1  ? 
16 O1 ? G CPH . ? A CPH 106 ? 1_555 CO ? H CO . ? A CO 107 ? 1_555 O9 ? G CPH . ? A CPH 106 ? 1_555 83.6  ? 
17 O1 ? G CPH . ? A CPH 106 ? 1_555 CO ? H CO . ? A CO 107 ? 1_555 O  ? L HOH . ? A HOH 206 ? 1_555 90.4  ? 
18 O9 ? G CPH . ? A CPH 106 ? 1_555 CO ? H CO . ? A CO 107 ? 1_555 O  ? L HOH . ? A HOH 206 ? 1_555 100.9 ? 
19 O1 ? G CPH . ? A CPH 106 ? 1_555 CO ? H CO . ? A CO 107 ? 1_555 O1 ? J CPH . ? B CPH 103 ? 1_555 85.1  ? 
20 O9 ? G CPH . ? A CPH 106 ? 1_555 CO ? H CO . ? A CO 107 ? 1_555 O1 ? J CPH . ? B CPH 103 ? 1_555 98.7  ? 
21 O  ? L HOH . ? A HOH 206 ? 1_555 CO ? H CO . ? A CO 107 ? 1_555 O1 ? J CPH . ? B CPH 103 ? 1_555 159.3 ? 
22 O1 ? G CPH . ? A CPH 106 ? 1_555 CO ? H CO . ? A CO 107 ? 1_555 O9 ? J CPH . ? B CPH 103 ? 1_555 97.6  ? 
23 O9 ? G CPH . ? A CPH 106 ? 1_555 CO ? H CO . ? A CO 107 ? 1_555 O9 ? J CPH . ? B CPH 103 ? 1_555 177.6 ? 
24 O  ? L HOH . ? A HOH 206 ? 1_555 CO ? H CO . ? A CO 107 ? 1_555 O9 ? J CPH . ? B CPH 103 ? 1_555 77.0  ? 
25 O1 ? J CPH . ? B CPH 103 ? 1_555 CO ? H CO . ? A CO 107 ? 1_555 O9 ? J CPH . ? B CPH 103 ? 1_555 83.5  ? 
26 O1 ? G CPH . ? A CPH 106 ? 1_555 CO ? H CO . ? A CO 107 ? 1_555 O  ? M HOH . ? B HOH 203 ? 1_555 161.1 ? 
27 O9 ? G CPH . ? A CPH 106 ? 1_555 CO ? H CO . ? A CO 107 ? 1_555 O  ? M HOH . ? B HOH 203 ? 1_555 78.5  ? 
28 O  ? L HOH . ? A HOH 206 ? 1_555 CO ? H CO . ? A CO 107 ? 1_555 O  ? M HOH . ? B HOH 203 ? 1_555 98.9  ? 
29 O1 ? J CPH . ? B CPH 103 ? 1_555 CO ? H CO . ? A CO 107 ? 1_555 O  ? M HOH . ? B HOH 203 ? 1_555 91.6  ? 
30 O9 ? J CPH . ? B CPH 103 ? 1_555 CO ? H CO . ? A CO 107 ? 1_555 O  ? M HOH . ? B HOH 203 ? 1_555 100.5 ? 
31 N7 ? B DG  8 ? B DG  21  ? 1_555 CO ? K CO . ? B CO 107 ? 1_555 O  ? M HOH . ? B HOH 202 ? 1_555 89.5  ? 
32 N7 ? B DG  8 ? B DG  21  ? 1_555 CO ? K CO . ? B CO 107 ? 1_555 O  ? M HOH . ? B HOH 204 ? 1_555 91.7  ? 
33 O  ? M HOH . ? B HOH 202 ? 1_555 CO ? K CO . ? B CO 107 ? 1_555 O  ? M HOH . ? B HOH 204 ? 1_555 164.5 ? 
34 N7 ? B DG  8 ? B DG  21  ? 1_555 CO ? K CO . ? B CO 107 ? 1_555 O  ? M HOH . ? B HOH 208 ? 1_555 93.7  ? 
35 O  ? M HOH . ? B HOH 202 ? 1_555 CO ? K CO . ? B CO 107 ? 1_555 O  ? M HOH . ? B HOH 208 ? 1_555 111.6 ? 
36 O  ? M HOH . ? B HOH 204 ? 1_555 CO ? K CO . ? B CO 107 ? 1_555 O  ? M HOH . ? B HOH 208 ? 1_555 83.8  ? 
37 N7 ? B DG  8 ? B DG  21  ? 1_555 CO ? K CO . ? B CO 107 ? 1_555 O  ? M HOH . ? B HOH 213 ? 1_555 86.8  ? 
38 O  ? M HOH . ? B HOH 202 ? 1_555 CO ? K CO . ? B CO 107 ? 1_555 O  ? M HOH . ? B HOH 213 ? 1_555 66.0  ? 
39 O  ? M HOH . ? B HOH 204 ? 1_555 CO ? K CO . ? B CO 107 ? 1_555 O  ? M HOH . ? B HOH 213 ? 1_555 98.6  ? 
40 O  ? M HOH . ? B HOH 208 ? 1_555 CO ? K CO . ? B CO 107 ? 1_555 O  ? M HOH . ? B HOH 213 ? 1_555 177.5 ? 
41 N7 ? B DG  8 ? B DG  21  ? 1_555 CO ? K CO . ? B CO 107 ? 1_555 O  ? M HOH . ? B HOH 222 ? 1_555 166.2 ? 
42 O  ? M HOH . ? B HOH 202 ? 1_555 CO ? K CO . ? B CO 107 ? 1_555 O  ? M HOH . ? B HOH 222 ? 1_555 78.6  ? 
43 O  ? M HOH . ? B HOH 204 ? 1_555 CO ? K CO . ? B CO 107 ? 1_555 O  ? M HOH . ? B HOH 222 ? 1_555 98.0  ? 
44 O  ? M HOH . ? B HOH 208 ? 1_555 CO ? K CO . ? B CO 107 ? 1_555 O  ? M HOH . ? B HOH 222 ? 1_555 97.1  ? 
45 O  ? M HOH . ? B HOH 213 ? 1_555 CO ? K CO . ? B CO 107 ? 1_555 O  ? M HOH . ? B HOH 222 ? 1_555 82.1  ? 
# 
loop_
_pdbx_audit_revision_history.ordinal 
_pdbx_audit_revision_history.data_content_type 
_pdbx_audit_revision_history.major_revision 
_pdbx_audit_revision_history.minor_revision 
_pdbx_audit_revision_history.revision_date 
1 'Structure model' 1 0 2018-05-16 
2 'Structure model' 2 0 2018-06-06 
3 'Structure model' 2 1 2018-09-12 
4 'Structure model' 2 2 2018-10-03 
5 'Structure model' 3 0 2020-07-29 
6 'Structure model' 3 1 2023-11-22 
# 
loop_
_pdbx_audit_revision_details.ordinal 
_pdbx_audit_revision_details.revision_ordinal 
_pdbx_audit_revision_details.data_content_type 
_pdbx_audit_revision_details.provider 
_pdbx_audit_revision_details.type 
_pdbx_audit_revision_details.description 
_pdbx_audit_revision_details.details 
1 1 'Structure model' repository 'Initial release' ?                          ? 
2 5 'Structure model' repository Remediation       'Carbohydrate remediation' ? 
# 
loop_
_pdbx_audit_revision_group.ordinal 
_pdbx_audit_revision_group.revision_ordinal 
_pdbx_audit_revision_group.data_content_type 
_pdbx_audit_revision_group.group 
1  2 'Structure model' Advisory                  
2  2 'Structure model' 'Atomic model'            
3  2 'Structure model' 'Data collection'         
4  2 'Structure model' 'Derived calculations'    
5  2 'Structure model' 'Non-polymer description' 
6  2 'Structure model' 'Structure summary'       
7  3 'Structure model' 'Data collection'         
8  3 'Structure model' 'Structure summary'       
9  4 'Structure model' 'Data collection'         
10 4 'Structure model' 'Structure summary'       
11 5 'Structure model' Advisory                  
12 5 'Structure model' 'Atomic model'            
13 5 'Structure model' 'Data collection'         
14 5 'Structure model' 'Derived calculations'    
15 5 'Structure model' 'Structure summary'       
16 6 'Structure model' 'Data collection'         
17 6 'Structure model' 'Database references'     
18 6 'Structure model' 'Derived calculations'    
19 6 'Structure model' 'Refinement description'  
20 6 'Structure model' 'Structure summary'       
# 
loop_
_pdbx_audit_revision_category.ordinal 
_pdbx_audit_revision_category.revision_ordinal 
_pdbx_audit_revision_category.data_content_type 
_pdbx_audit_revision_category.category 
1  2 'Structure model' atom_site                     
2  2 'Structure model' chem_comp                     
3  2 'Structure model' entity                        
4  2 'Structure model' pdbx_entity_nonpoly           
5  2 'Structure model' pdbx_molecule                 
6  2 'Structure model' pdbx_molecule_features        
7  2 'Structure model' pdbx_nonpoly_scheme           
8  2 'Structure model' pdbx_validate_close_contact   
9  2 'Structure model' struct_conn                   
10 3 'Structure model' pdbx_molecule                 
11 4 'Structure model' pdbx_molecule                 
12 5 'Structure model' atom_site                     
13 5 'Structure model' chem_comp                     
14 5 'Structure model' entity                        
15 5 'Structure model' pdbx_branch_scheme            
16 5 'Structure model' pdbx_chem_comp_identifier     
17 5 'Structure model' pdbx_entity_branch            
18 5 'Structure model' pdbx_entity_branch_descriptor 
19 5 'Structure model' pdbx_entity_branch_link       
20 5 'Structure model' pdbx_entity_branch_list       
21 5 'Structure model' pdbx_entity_nonpoly           
22 5 'Structure model' pdbx_molecule                 
23 5 'Structure model' pdbx_nonpoly_scheme           
24 5 'Structure model' pdbx_struct_assembly_gen      
25 5 'Structure model' pdbx_struct_conn_angle        
26 5 'Structure model' pdbx_struct_special_symmetry  
27 5 'Structure model' pdbx_validate_close_contact   
28 5 'Structure model' struct_asym                   
29 5 'Structure model' struct_conn                   
30 5 'Structure model' struct_conn_type              
31 6 'Structure model' chem_comp                     
32 6 'Structure model' chem_comp_atom                
33 6 'Structure model' chem_comp_bond                
34 6 'Structure model' database_2                    
35 6 'Structure model' pdbx_initial_refinement_model 
36 6 'Structure model' struct_conn                   
# 
loop_
_pdbx_audit_revision_item.ordinal 
_pdbx_audit_revision_item.revision_ordinal 
_pdbx_audit_revision_item.data_content_type 
_pdbx_audit_revision_item.item 
1  2 'Structure model' '_atom_site.B_iso_or_equiv'                   
2  2 'Structure model' '_atom_site.Cartn_x'                          
3  2 'Structure model' '_atom_site.Cartn_y'                          
4  2 'Structure model' '_atom_site.Cartn_z'                          
5  2 'Structure model' '_atom_site.auth_atom_id'                     
6  2 'Structure model' '_atom_site.auth_comp_id'                     
7  2 'Structure model' '_atom_site.label_atom_id'                    
8  2 'Structure model' '_atom_site.label_comp_id'                    
9  2 'Structure model' '_atom_site.type_symbol'                      
10 2 'Structure model' '_chem_comp.formula'                          
11 2 'Structure model' '_chem_comp.formula_weight'                   
12 2 'Structure model' '_chem_comp.id'                               
13 2 'Structure model' '_chem_comp.mon_nstd_flag'                    
14 2 'Structure model' '_chem_comp.name'                             
15 2 'Structure model' '_chem_comp.pdbx_synonyms'                    
16 2 'Structure model' '_chem_comp.type'                             
17 2 'Structure model' '_entity.formula_weight'                      
18 2 'Structure model' '_entity.pdbx_description'                    
19 2 'Structure model' '_pdbx_entity_nonpoly.comp_id'                
20 2 'Structure model' '_pdbx_entity_nonpoly.name'                   
21 2 'Structure model' '_pdbx_molecule.prd_id'                       
22 2 'Structure model' '_pdbx_molecule_features.class'               
23 2 'Structure model' '_pdbx_molecule_features.name'                
24 2 'Structure model' '_pdbx_molecule_features.prd_id'              
25 2 'Structure model' '_pdbx_molecule_features.type'                
26 2 'Structure model' '_pdbx_nonpoly_scheme.mon_id'                 
27 2 'Structure model' '_pdbx_nonpoly_scheme.pdb_mon_id'             
28 2 'Structure model' '_pdbx_validate_close_contact.auth_atom_id_1' 
29 2 'Structure model' '_pdbx_validate_close_contact.auth_atom_id_2' 
30 2 'Structure model' '_pdbx_validate_close_contact.auth_comp_id_1' 
31 2 'Structure model' '_pdbx_validate_close_contact.auth_comp_id_2' 
32 2 'Structure model' '_struct_conn.pdbx_dist_value'                
33 2 'Structure model' '_struct_conn.ptnr1_auth_comp_id'             
34 2 'Structure model' '_struct_conn.ptnr1_label_atom_id'            
35 2 'Structure model' '_struct_conn.ptnr1_label_comp_id'            
36 2 'Structure model' '_struct_conn.ptnr2_auth_asym_id'             
37 2 'Structure model' '_struct_conn.ptnr2_auth_comp_id'             
38 2 'Structure model' '_struct_conn.ptnr2_auth_seq_id'              
39 2 'Structure model' '_struct_conn.ptnr2_label_asym_id'            
40 2 'Structure model' '_struct_conn.ptnr2_label_atom_id'            
41 2 'Structure model' '_struct_conn.ptnr2_label_comp_id'            
42 5 'Structure model' '_atom_site.B_iso_or_equiv'                   
43 5 'Structure model' '_atom_site.Cartn_x'                          
44 5 'Structure model' '_atom_site.Cartn_y'                          
45 5 'Structure model' '_atom_site.Cartn_z'                          
46 5 'Structure model' '_atom_site.auth_asym_id'                     
47 5 'Structure model' '_atom_site.auth_atom_id'                     
48 5 'Structure model' '_atom_site.auth_comp_id'                     
49 5 'Structure model' '_atom_site.auth_seq_id'                      
50 5 'Structure model' '_atom_site.label_asym_id'                    
51 5 'Structure model' '_atom_site.label_atom_id'                    
52 5 'Structure model' '_atom_site.label_comp_id'                    
53 5 'Structure model' '_atom_site.label_entity_id'                  
54 5 'Structure model' '_atom_site.type_symbol'                      
55 5 'Structure model' '_chem_comp.mon_nstd_flag'                    
56 5 'Structure model' '_chem_comp.name'                             
57 5 'Structure model' '_chem_comp.type'                             
58 5 'Structure model' '_pdbx_struct_assembly_gen.asym_id_list'      
59 5 'Structure model' '_pdbx_struct_conn_angle.ptnr1_auth_asym_id'  
60 5 'Structure model' '_pdbx_struct_conn_angle.ptnr1_auth_comp_id'  
61 5 'Structure model' '_pdbx_struct_conn_angle.ptnr1_auth_seq_id'   
62 5 'Structure model' '_pdbx_struct_conn_angle.ptnr1_label_asym_id' 
63 5 'Structure model' '_pdbx_struct_conn_angle.ptnr1_label_atom_id' 
64 5 'Structure model' '_pdbx_struct_conn_angle.ptnr1_label_comp_id' 
65 5 'Structure model' '_pdbx_struct_conn_angle.ptnr1_label_seq_id'  
66 5 'Structure model' '_pdbx_struct_conn_angle.ptnr2_auth_asym_id'  
67 5 'Structure model' '_pdbx_struct_conn_angle.ptnr2_label_asym_id' 
68 5 'Structure model' '_pdbx_struct_conn_angle.ptnr3_auth_asym_id'  
69 5 'Structure model' '_pdbx_struct_conn_angle.ptnr3_auth_comp_id'  
70 5 'Structure model' '_pdbx_struct_conn_angle.ptnr3_auth_seq_id'   
71 5 'Structure model' '_pdbx_struct_conn_angle.ptnr3_label_asym_id' 
72 5 'Structure model' '_pdbx_struct_conn_angle.ptnr3_label_atom_id' 
73 5 'Structure model' '_pdbx_struct_conn_angle.ptnr3_label_comp_id' 
74 5 'Structure model' '_pdbx_struct_conn_angle.value'               
75 5 'Structure model' '_pdbx_struct_special_symmetry.label_asym_id' 
76 5 'Structure model' '_struct_conn.conn_type_id'                   
77 5 'Structure model' '_struct_conn.id'                             
78 5 'Structure model' '_struct_conn.pdbx_dist_value'                
79 5 'Structure model' '_struct_conn.pdbx_leaving_atom_flag'         
80 5 'Structure model' '_struct_conn.pdbx_value_order'               
81 5 'Structure model' '_struct_conn.ptnr1_auth_asym_id'             
82 5 'Structure model' '_struct_conn.ptnr1_auth_comp_id'             
83 5 'Structure model' '_struct_conn.ptnr1_auth_seq_id'              
84 5 'Structure model' '_struct_conn.ptnr1_label_asym_id'            
85 5 'Structure model' '_struct_conn.ptnr1_label_atom_id'            
86 5 'Structure model' '_struct_conn.ptnr1_label_comp_id'            
87 5 'Structure model' '_struct_conn.ptnr1_label_seq_id'             
88 5 'Structure model' '_struct_conn.ptnr2_auth_asym_id'             
89 5 'Structure model' '_struct_conn.ptnr2_auth_comp_id'             
90 5 'Structure model' '_struct_conn.ptnr2_auth_seq_id'              
91 5 'Structure model' '_struct_conn.ptnr2_label_asym_id'            
92 5 'Structure model' '_struct_conn.ptnr2_label_atom_id'            
93 5 'Structure model' '_struct_conn.ptnr2_label_comp_id'            
94 5 'Structure model' '_struct_conn_type.id'                        
95 6 'Structure model' '_chem_comp.pdbx_synonyms'                    
96 6 'Structure model' '_database_2.pdbx_DOI'                        
97 6 'Structure model' '_database_2.pdbx_database_accession'         
98 6 'Structure model' '_struct_conn.pdbx_leaving_atom_flag'         
# 
loop_
_software.citation_id 
_software.classification 
_software.compiler_name 
_software.compiler_version 
_software.contact_author 
_software.contact_author_email 
_software.date 
_software.description 
_software.dependencies 
_software.hardware 
_software.language 
_software.location 
_software.mods 
_software.name 
_software.os 
_software.os_version 
_software.type 
_software.version 
_software.pdbx_ordinal 
? 'data collection' ? ? ? ? ? ? ? ? ? ? ? Blu-Ice   ? ? ? .           1 
? 'data processing' ? ? ? ? ? ? ? ? ? ? ? HKL-2000  ? ? ? .           2 
? 'data scaling'    ? ? ? ? ? ? ? ? ? ? ? SCALEPACK ? ? ? .           3 
? 'model building'  ? ? ? ? ? ? ? ? ? ? ? PHENIX    ? ? ? 1.10.1-2155 4 
? refinement        ? ? ? ? ? ? ? ? ? ? ? PHENIX    ? ? ? 1.10.1-2155 5 
# 
loop_
_pdbx_validate_close_contact.id 
_pdbx_validate_close_contact.PDB_model_num 
_pdbx_validate_close_contact.auth_atom_id_1 
_pdbx_validate_close_contact.auth_asym_id_1 
_pdbx_validate_close_contact.auth_comp_id_1 
_pdbx_validate_close_contact.auth_seq_id_1 
_pdbx_validate_close_contact.PDB_ins_code_1 
_pdbx_validate_close_contact.label_alt_id_1 
_pdbx_validate_close_contact.auth_atom_id_2 
_pdbx_validate_close_contact.auth_asym_id_2 
_pdbx_validate_close_contact.auth_comp_id_2 
_pdbx_validate_close_contact.auth_seq_id_2 
_pdbx_validate_close_contact.PDB_ins_code_2 
_pdbx_validate_close_contact.label_alt_id_2 
_pdbx_validate_close_contact.dist 
1 1 O1 C DDA 1 ? ? C3 B CPH 103 ? ? 2.10 
2 1 O1 F DDA 1 ? ? C3 A CPH 106 ? ? 2.15 
# 
_pdbx_distant_solvent_atoms.id                                1 
_pdbx_distant_solvent_atoms.PDB_model_num                     1 
_pdbx_distant_solvent_atoms.auth_atom_id                      O 
_pdbx_distant_solvent_atoms.label_alt_id                      ? 
_pdbx_distant_solvent_atoms.auth_asym_id                      A 
_pdbx_distant_solvent_atoms.auth_comp_id                      HOH 
_pdbx_distant_solvent_atoms.auth_seq_id                       226 
_pdbx_distant_solvent_atoms.PDB_ins_code                      ? 
_pdbx_distant_solvent_atoms.neighbor_macromolecule_distance   6.69 
_pdbx_distant_solvent_atoms.neighbor_ligand_distance          . 
# 
loop_
_pdbx_unobs_or_zero_occ_residues.id 
_pdbx_unobs_or_zero_occ_residues.PDB_model_num 
_pdbx_unobs_or_zero_occ_residues.polymer_flag 
_pdbx_unobs_or_zero_occ_residues.occupancy_flag 
_pdbx_unobs_or_zero_occ_residues.auth_asym_id 
_pdbx_unobs_or_zero_occ_residues.auth_comp_id 
_pdbx_unobs_or_zero_occ_residues.auth_seq_id 
_pdbx_unobs_or_zero_occ_residues.PDB_ins_code 
_pdbx_unobs_or_zero_occ_residues.label_asym_id 
_pdbx_unobs_or_zero_occ_residues.label_comp_id 
_pdbx_unobs_or_zero_occ_residues.label_seq_id 
1 1 Y 1 A DC 3  ? A DC 3 
2 1 Y 1 B DC 16 ? B DC 3 
# 
loop_
_chem_comp_atom.comp_id 
_chem_comp_atom.atom_id 
_chem_comp_atom.type_symbol 
_chem_comp_atom.pdbx_aromatic_flag 
_chem_comp_atom.pdbx_stereo_config 
_chem_comp_atom.pdbx_ordinal 
1GL O1     O  N N 1   
1GL C1     C  N S 2   
1GL C2     C  N N 3   
1GL C3     C  N R 4   
1GL O3     O  N N 5   
1GL C4     C  N R 6   
1GL O4     O  N N 7   
1GL CME    C  N N 8   
1GL C5     C  N R 9   
1GL O5     O  N N 10  
1GL C6     C  N N 11  
1GL HO1    H  N N 12  
1GL H1     H  N N 13  
1GL H2     H  N N 14  
1GL H22    H  N N 15  
1GL H3     H  N N 16  
1GL HO3    H  N N 17  
1GL H4     H  N N 18  
1GL HM41   H  N N 19  
1GL HM42   H  N N 20  
1GL HM43   H  N N 21  
1GL H5     H  N N 22  
1GL H61    H  N N 23  
1GL H62    H  N N 24  
1GL H63    H  N N 25  
2GL O5     O  N N 26  
2GL C1     C  N R 27  
2GL C2     C  N N 28  
2GL C3     C  N R 29  
2GL O3     O  N N 30  
2GL C4     C  N R 31  
2GL O4     O  N N 32  
2GL CME    C  N N 33  
2GL CO4    C  N N 34  
2GL OC4    O  N N 35  
2GL C5     C  N R 36  
2GL O1     O  N N 37  
2GL C6     C  N N 38  
2GL HO1    H  N N 39  
2GL H1     H  N N 40  
2GL H2     H  N N 41  
2GL H22    H  N N 42  
2GL H3     H  N N 43  
2GL HO3    H  N N 44  
2GL H4     H  N N 45  
2GL HM41   H  N N 46  
2GL HM42   H  N N 47  
2GL HM43   H  N N 48  
2GL H5     H  N N 49  
2GL H61    H  N N 50  
2GL H62    H  N N 51  
2GL H63    H  N N 52  
CO  CO     CO N N 53  
CPH C1     C  N N 54  
CPH O1     O  N N 55  
CPH C2     C  N S 56  
CPH C3     C  N R 57  
CPH C4     C  N N 58  
CPH C5     C  Y N 59  
CPH C6     C  Y N 60  
CPH C7     C  Y N 61  
CPH C8     C  Y N 62  
CPH O8     O  N N 63  
CPH C9     C  Y N 64  
CPH O9     O  N N 65  
CPH "C1'"  C  N S 66  
CPH "O1'"  O  N N 67  
CPH C10    C  Y N 68  
CPH "C2'"  C  N N 69  
CPH "O2'"  O  N N 70  
CPH "C3'"  C  N S 71  
CPH "O3'"  O  N N 72  
CPH "C4'"  C  N R 73  
CPH "O4'"  O  N N 74  
CPH C4A    C  Y N 75  
CPH "C5'"  C  N N 76  
CPH C5A    C  Y N 77  
CPH C8A    C  Y N 78  
CPH C9A    C  Y N 79  
CPH CC7    C  N N 80  
CPH O6     O  N N 81  
CPH O2     O  N N 82  
CPH CME    C  N N 83  
CPH H2     H  N N 84  
CPH H3     H  N N 85  
CPH H4     H  N N 86  
CPH H4A    H  N N 87  
CPH H5     H  N N 88  
CPH HO8    H  N N 89  
CPH HO9    H  N N 90  
CPH "H1'"  H  N N 91  
CPH H10    H  N N 92  
CPH "H3'"  H  N N 93  
CPH "HO3'" H  N N 94  
CPH "H4'"  H  N N 95  
CPH "HO4'" H  N N 96  
CPH "H5'"  H  N N 97  
CPH "H5'A" H  N N 98  
CPH "H5'B" H  N N 99  
CPH HC7    H  N N 100 
CPH HC7A   H  N N 101 
CPH HC7B   H  N N 102 
CPH HO6    H  N N 103 
CPH HO2    H  N N 104 
CPH HME    H  N N 105 
CPH HMEA   H  N N 106 
CPH HMEB   H  N N 107 
DA  OP3    O  N N 108 
DA  P      P  N N 109 
DA  OP1    O  N N 110 
DA  OP2    O  N N 111 
DA  "O5'"  O  N N 112 
DA  "C5'"  C  N N 113 
DA  "C4'"  C  N R 114 
DA  "O4'"  O  N N 115 
DA  "C3'"  C  N S 116 
DA  "O3'"  O  N N 117 
DA  "C2'"  C  N N 118 
DA  "C1'"  C  N R 119 
DA  N9     N  Y N 120 
DA  C8     C  Y N 121 
DA  N7     N  Y N 122 
DA  C5     C  Y N 123 
DA  C6     C  Y N 124 
DA  N6     N  N N 125 
DA  N1     N  Y N 126 
DA  C2     C  Y N 127 
DA  N3     N  Y N 128 
DA  C4     C  Y N 129 
DA  HOP3   H  N N 130 
DA  HOP2   H  N N 131 
DA  "H5'"  H  N N 132 
DA  "H5''" H  N N 133 
DA  "H4'"  H  N N 134 
DA  "H3'"  H  N N 135 
DA  "HO3'" H  N N 136 
DA  "H2'"  H  N N 137 
DA  "H2''" H  N N 138 
DA  "H1'"  H  N N 139 
DA  H8     H  N N 140 
DA  H61    H  N N 141 
DA  H62    H  N N 142 
DA  H2     H  N N 143 
DC  OP3    O  N N 144 
DC  P      P  N N 145 
DC  OP1    O  N N 146 
DC  OP2    O  N N 147 
DC  "O5'"  O  N N 148 
DC  "C5'"  C  N N 149 
DC  "C4'"  C  N R 150 
DC  "O4'"  O  N N 151 
DC  "C3'"  C  N S 152 
DC  "O3'"  O  N N 153 
DC  "C2'"  C  N N 154 
DC  "C1'"  C  N R 155 
DC  N1     N  N N 156 
DC  C2     C  N N 157 
DC  O2     O  N N 158 
DC  N3     N  N N 159 
DC  C4     C  N N 160 
DC  N4     N  N N 161 
DC  C5     C  N N 162 
DC  C6     C  N N 163 
DC  HOP3   H  N N 164 
DC  HOP2   H  N N 165 
DC  "H5'"  H  N N 166 
DC  "H5''" H  N N 167 
DC  "H4'"  H  N N 168 
DC  "H3'"  H  N N 169 
DC  "HO3'" H  N N 170 
DC  "H2'"  H  N N 171 
DC  "H2''" H  N N 172 
DC  "H1'"  H  N N 173 
DC  H41    H  N N 174 
DC  H42    H  N N 175 
DC  H5     H  N N 176 
DC  H6     H  N N 177 
DDA C1     C  N R 178 
DDA C2     C  N N 179 
DDA C3     C  N R 180 
DDA C4     C  N S 181 
DDA C5     C  N R 182 
DDA C6     C  N N 183 
DDA O5     O  N N 184 
DDA O1     O  N N 185 
DDA O3     O  N N 186 
DDA O4     O  N N 187 
DDA H1     H  N N 188 
DDA H21    H  N N 189 
DDA H22    H  N N 190 
DDA H3     H  N N 191 
DDA H4     H  N N 192 
DDA H5     H  N N 193 
DDA H61    H  N N 194 
DDA H62    H  N N 195 
DDA H63    H  N N 196 
DDA HO1    H  N N 197 
DDA HO3    H  N N 198 
DDA HO4    H  N N 199 
DG  OP3    O  N N 200 
DG  P      P  N N 201 
DG  OP1    O  N N 202 
DG  OP2    O  N N 203 
DG  "O5'"  O  N N 204 
DG  "C5'"  C  N N 205 
DG  "C4'"  C  N R 206 
DG  "O4'"  O  N N 207 
DG  "C3'"  C  N S 208 
DG  "O3'"  O  N N 209 
DG  "C2'"  C  N N 210 
DG  "C1'"  C  N R 211 
DG  N9     N  Y N 212 
DG  C8     C  Y N 213 
DG  N7     N  Y N 214 
DG  C5     C  Y N 215 
DG  C6     C  N N 216 
DG  O6     O  N N 217 
DG  N1     N  N N 218 
DG  C2     C  N N 219 
DG  N2     N  N N 220 
DG  N3     N  N N 221 
DG  C4     C  Y N 222 
DG  HOP3   H  N N 223 
DG  HOP2   H  N N 224 
DG  "H5'"  H  N N 225 
DG  "H5''" H  N N 226 
DG  "H4'"  H  N N 227 
DG  "H3'"  H  N N 228 
DG  "HO3'" H  N N 229 
DG  "H2'"  H  N N 230 
DG  "H2''" H  N N 231 
DG  "H1'"  H  N N 232 
DG  H8     H  N N 233 
DG  H1     H  N N 234 
DG  H21    H  N N 235 
DG  H22    H  N N 236 
DT  OP3    O  N N 237 
DT  P      P  N N 238 
DT  OP1    O  N N 239 
DT  OP2    O  N N 240 
DT  "O5'"  O  N N 241 
DT  "C5'"  C  N N 242 
DT  "C4'"  C  N R 243 
DT  "O4'"  O  N N 244 
DT  "C3'"  C  N S 245 
DT  "O3'"  O  N N 246 
DT  "C2'"  C  N N 247 
DT  "C1'"  C  N R 248 
DT  N1     N  N N 249 
DT  C2     C  N N 250 
DT  O2     O  N N 251 
DT  N3     N  N N 252 
DT  C4     C  N N 253 
DT  O4     O  N N 254 
DT  C5     C  N N 255 
DT  C7     C  N N 256 
DT  C6     C  N N 257 
DT  HOP3   H  N N 258 
DT  HOP2   H  N N 259 
DT  "H5'"  H  N N 260 
DT  "H5''" H  N N 261 
DT  "H4'"  H  N N 262 
DT  "H3'"  H  N N 263 
DT  "HO3'" H  N N 264 
DT  "H2'"  H  N N 265 
DT  "H2''" H  N N 266 
DT  "H1'"  H  N N 267 
DT  H3     H  N N 268 
DT  H71    H  N N 269 
DT  H72    H  N N 270 
DT  H73    H  N N 271 
DT  H6     H  N N 272 
ERI O1     O  N N 273 
ERI C1     C  N R 274 
ERI C2     C  N N 275 
ERI C3     C  N S 276 
ERI O3     O  N N 277 
ERI CC3    C  N N 278 
ERI C4     C  N S 279 
ERI O4     O  N N 280 
ERI CME    C  N N 281 
ERI CO4    C  N N 282 
ERI OC4    O  N N 283 
ERI C5     C  N S 284 
ERI O5     O  N N 285 
ERI C6     C  N N 286 
ERI HO1    H  N N 287 
ERI H1     H  N N 288 
ERI H21    H  N N 289 
ERI H22    H  N N 290 
ERI HO3    H  N N 291 
ERI H31    H  N N 292 
ERI H32    H  N N 293 
ERI H33    H  N N 294 
ERI H4     H  N N 295 
ERI H41    H  N N 296 
ERI H42    H  N N 297 
ERI H43    H  N N 298 
ERI H5     H  N N 299 
ERI H61    H  N N 300 
ERI H62    H  N N 301 
ERI H63    H  N N 302 
HOH O      O  N N 303 
HOH H1     H  N N 304 
HOH H2     H  N N 305 
# 
loop_
_chem_comp_bond.comp_id 
_chem_comp_bond.atom_id_1 
_chem_comp_bond.atom_id_2 
_chem_comp_bond.value_order 
_chem_comp_bond.pdbx_aromatic_flag 
_chem_comp_bond.pdbx_stereo_config 
_chem_comp_bond.pdbx_ordinal 
1GL O1    C1     sing N N 1   
1GL O1    HO1    sing N N 2   
1GL C1    C2     sing N N 3   
1GL C1    O5     sing N N 4   
1GL C1    H1     sing N N 5   
1GL C2    C3     sing N N 6   
1GL C2    H2     sing N N 7   
1GL C2    H22    sing N N 8   
1GL C3    O3     sing N N 9   
1GL C3    C4     sing N N 10  
1GL C3    H3     sing N N 11  
1GL O3    HO3    sing N N 12  
1GL C4    O4     sing N N 13  
1GL C4    C5     sing N N 14  
1GL C4    H4     sing N N 15  
1GL O4    CME    sing N N 16  
1GL CME   HM41   sing N N 17  
1GL CME   HM42   sing N N 18  
1GL CME   HM43   sing N N 19  
1GL C5    O5     sing N N 20  
1GL C5    C6     sing N N 21  
1GL C5    H5     sing N N 22  
1GL C6    H61    sing N N 23  
1GL C6    H62    sing N N 24  
1GL C6    H63    sing N N 25  
2GL O5    C1     sing N N 26  
2GL O1    HO1    sing N N 27  
2GL C1    C2     sing N N 28  
2GL C1    O1     sing N N 29  
2GL C1    H1     sing N N 30  
2GL C2    C3     sing N N 31  
2GL C2    H2     sing N N 32  
2GL C2    H22    sing N N 33  
2GL C3    O3     sing N N 34  
2GL C3    C4     sing N N 35  
2GL C3    H3     sing N N 36  
2GL O3    HO3    sing N N 37  
2GL C4    O4     sing N N 38  
2GL C4    C5     sing N N 39  
2GL C4    H4     sing N N 40  
2GL O4    CO4    sing N N 41  
2GL CME   CO4    sing N N 42  
2GL CME   HM41   sing N N 43  
2GL CME   HM42   sing N N 44  
2GL CME   HM43   sing N N 45  
2GL CO4   OC4    doub N N 46  
2GL C5    O5     sing N N 47  
2GL C5    C6     sing N N 48  
2GL C5    H5     sing N N 49  
2GL C6    H61    sing N N 50  
2GL C6    H62    sing N N 51  
2GL C6    H63    sing N N 52  
CPH O1    C1     doub N N 53  
CPH C9A   C1     sing N N 54  
CPH C1    C2     sing N N 55  
CPH C2    O2     sing N N 56  
CPH C2    C3     sing N N 57  
CPH C2    H2     sing N N 58  
CPH C3    C4     sing N N 59  
CPH C3    "C1'"  sing N N 60  
CPH C3    H3     sing N N 61  
CPH C4A   C4     sing N N 62  
CPH C4    H4     sing N N 63  
CPH C4    H4A    sing N N 64  
CPH C6    C5     doub Y N 65  
CPH C5    C5A    sing Y N 66  
CPH C5    H5     sing N N 67  
CPH C7    C6     sing Y N 68  
CPH O6    C6     sing N N 69  
CPH CC7   C7     sing N N 70  
CPH C7    C8     doub Y N 71  
CPH O8    C8     sing N N 72  
CPH C8    C8A    sing Y N 73  
CPH O8    HO8    sing N N 74  
CPH O9    C9     sing N N 75  
CPH C8A   C9     doub Y N 76  
CPH C9    C9A    sing Y N 77  
CPH O9    HO9    sing N N 78  
CPH "C2'" "C1'"  sing N N 79  
CPH "C1'" "O1'"  sing N N 80  
CPH "C1'" "H1'"  sing N N 81  
CPH "O1'" CME    sing N N 82  
CPH C5A   C10    doub Y N 83  
CPH C10   C4A    sing Y N 84  
CPH C10   H10    sing N N 85  
CPH "O2'" "C2'"  doub N N 86  
CPH "C2'" "C3'"  sing N N 87  
CPH "O3'" "C3'"  sing N N 88  
CPH "C3'" "C4'"  sing N N 89  
CPH "C3'" "H3'"  sing N N 90  
CPH "O3'" "HO3'" sing N N 91  
CPH "O4'" "C4'"  sing N N 92  
CPH "C4'" "C5'"  sing N N 93  
CPH "C4'" "H4'"  sing N N 94  
CPH "O4'" "HO4'" sing N N 95  
CPH C9A   C4A    doub Y N 96  
CPH "C5'" "H5'"  sing N N 97  
CPH "C5'" "H5'A" sing N N 98  
CPH "C5'" "H5'B" sing N N 99  
CPH C8A   C5A    sing Y N 100 
CPH CC7   HC7    sing N N 101 
CPH CC7   HC7A   sing N N 102 
CPH CC7   HC7B   sing N N 103 
CPH O6    HO6    sing N N 104 
CPH O2    HO2    sing N N 105 
CPH CME   HME    sing N N 106 
CPH CME   HMEA   sing N N 107 
CPH CME   HMEB   sing N N 108 
DA  OP3   P      sing N N 109 
DA  OP3   HOP3   sing N N 110 
DA  P     OP1    doub N N 111 
DA  P     OP2    sing N N 112 
DA  P     "O5'"  sing N N 113 
DA  OP2   HOP2   sing N N 114 
DA  "O5'" "C5'"  sing N N 115 
DA  "C5'" "C4'"  sing N N 116 
DA  "C5'" "H5'"  sing N N 117 
DA  "C5'" "H5''" sing N N 118 
DA  "C4'" "O4'"  sing N N 119 
DA  "C4'" "C3'"  sing N N 120 
DA  "C4'" "H4'"  sing N N 121 
DA  "O4'" "C1'"  sing N N 122 
DA  "C3'" "O3'"  sing N N 123 
DA  "C3'" "C2'"  sing N N 124 
DA  "C3'" "H3'"  sing N N 125 
DA  "O3'" "HO3'" sing N N 126 
DA  "C2'" "C1'"  sing N N 127 
DA  "C2'" "H2'"  sing N N 128 
DA  "C2'" "H2''" sing N N 129 
DA  "C1'" N9     sing N N 130 
DA  "C1'" "H1'"  sing N N 131 
DA  N9    C8     sing Y N 132 
DA  N9    C4     sing Y N 133 
DA  C8    N7     doub Y N 134 
DA  C8    H8     sing N N 135 
DA  N7    C5     sing Y N 136 
DA  C5    C6     sing Y N 137 
DA  C5    C4     doub Y N 138 
DA  C6    N6     sing N N 139 
DA  C6    N1     doub Y N 140 
DA  N6    H61    sing N N 141 
DA  N6    H62    sing N N 142 
DA  N1    C2     sing Y N 143 
DA  C2    N3     doub Y N 144 
DA  C2    H2     sing N N 145 
DA  N3    C4     sing Y N 146 
DC  OP3   P      sing N N 147 
DC  OP3   HOP3   sing N N 148 
DC  P     OP1    doub N N 149 
DC  P     OP2    sing N N 150 
DC  P     "O5'"  sing N N 151 
DC  OP2   HOP2   sing N N 152 
DC  "O5'" "C5'"  sing N N 153 
DC  "C5'" "C4'"  sing N N 154 
DC  "C5'" "H5'"  sing N N 155 
DC  "C5'" "H5''" sing N N 156 
DC  "C4'" "O4'"  sing N N 157 
DC  "C4'" "C3'"  sing N N 158 
DC  "C4'" "H4'"  sing N N 159 
DC  "O4'" "C1'"  sing N N 160 
DC  "C3'" "O3'"  sing N N 161 
DC  "C3'" "C2'"  sing N N 162 
DC  "C3'" "H3'"  sing N N 163 
DC  "O3'" "HO3'" sing N N 164 
DC  "C2'" "C1'"  sing N N 165 
DC  "C2'" "H2'"  sing N N 166 
DC  "C2'" "H2''" sing N N 167 
DC  "C1'" N1     sing N N 168 
DC  "C1'" "H1'"  sing N N 169 
DC  N1    C2     sing N N 170 
DC  N1    C6     sing N N 171 
DC  C2    O2     doub N N 172 
DC  C2    N3     sing N N 173 
DC  N3    C4     doub N N 174 
DC  C4    N4     sing N N 175 
DC  C4    C5     sing N N 176 
DC  N4    H41    sing N N 177 
DC  N4    H42    sing N N 178 
DC  C5    C6     doub N N 179 
DC  C5    H5     sing N N 180 
DC  C6    H6     sing N N 181 
DDA C1    C2     sing N N 182 
DDA C1    O5     sing N N 183 
DDA C1    O1     sing N N 184 
DDA C1    H1     sing N N 185 
DDA C2    C3     sing N N 186 
DDA C2    H21    sing N N 187 
DDA C2    H22    sing N N 188 
DDA C3    C4     sing N N 189 
DDA C3    O3     sing N N 190 
DDA C3    H3     sing N N 191 
DDA C4    C5     sing N N 192 
DDA C4    O4     sing N N 193 
DDA C4    H4     sing N N 194 
DDA C5    C6     sing N N 195 
DDA C5    O5     sing N N 196 
DDA C5    H5     sing N N 197 
DDA C6    H61    sing N N 198 
DDA C6    H62    sing N N 199 
DDA C6    H63    sing N N 200 
DDA O1    HO1    sing N N 201 
DDA O3    HO3    sing N N 202 
DDA O4    HO4    sing N N 203 
DG  OP3   P      sing N N 204 
DG  OP3   HOP3   sing N N 205 
DG  P     OP1    doub N N 206 
DG  P     OP2    sing N N 207 
DG  P     "O5'"  sing N N 208 
DG  OP2   HOP2   sing N N 209 
DG  "O5'" "C5'"  sing N N 210 
DG  "C5'" "C4'"  sing N N 211 
DG  "C5'" "H5'"  sing N N 212 
DG  "C5'" "H5''" sing N N 213 
DG  "C4'" "O4'"  sing N N 214 
DG  "C4'" "C3'"  sing N N 215 
DG  "C4'" "H4'"  sing N N 216 
DG  "O4'" "C1'"  sing N N 217 
DG  "C3'" "O3'"  sing N N 218 
DG  "C3'" "C2'"  sing N N 219 
DG  "C3'" "H3'"  sing N N 220 
DG  "O3'" "HO3'" sing N N 221 
DG  "C2'" "C1'"  sing N N 222 
DG  "C2'" "H2'"  sing N N 223 
DG  "C2'" "H2''" sing N N 224 
DG  "C1'" N9     sing N N 225 
DG  "C1'" "H1'"  sing N N 226 
DG  N9    C8     sing Y N 227 
DG  N9    C4     sing Y N 228 
DG  C8    N7     doub Y N 229 
DG  C8    H8     sing N N 230 
DG  N7    C5     sing Y N 231 
DG  C5    C6     sing N N 232 
DG  C5    C4     doub Y N 233 
DG  C6    O6     doub N N 234 
DG  C6    N1     sing N N 235 
DG  N1    C2     sing N N 236 
DG  N1    H1     sing N N 237 
DG  C2    N2     sing N N 238 
DG  C2    N3     doub N N 239 
DG  N2    H21    sing N N 240 
DG  N2    H22    sing N N 241 
DG  N3    C4     sing N N 242 
DT  OP3   P      sing N N 243 
DT  OP3   HOP3   sing N N 244 
DT  P     OP1    doub N N 245 
DT  P     OP2    sing N N 246 
DT  P     "O5'"  sing N N 247 
DT  OP2   HOP2   sing N N 248 
DT  "O5'" "C5'"  sing N N 249 
DT  "C5'" "C4'"  sing N N 250 
DT  "C5'" "H5'"  sing N N 251 
DT  "C5'" "H5''" sing N N 252 
DT  "C4'" "O4'"  sing N N 253 
DT  "C4'" "C3'"  sing N N 254 
DT  "C4'" "H4'"  sing N N 255 
DT  "O4'" "C1'"  sing N N 256 
DT  "C3'" "O3'"  sing N N 257 
DT  "C3'" "C2'"  sing N N 258 
DT  "C3'" "H3'"  sing N N 259 
DT  "O3'" "HO3'" sing N N 260 
DT  "C2'" "C1'"  sing N N 261 
DT  "C2'" "H2'"  sing N N 262 
DT  "C2'" "H2''" sing N N 263 
DT  "C1'" N1     sing N N 264 
DT  "C1'" "H1'"  sing N N 265 
DT  N1    C2     sing N N 266 
DT  N1    C6     sing N N 267 
DT  C2    O2     doub N N 268 
DT  C2    N3     sing N N 269 
DT  N3    C4     sing N N 270 
DT  N3    H3     sing N N 271 
DT  C4    O4     doub N N 272 
DT  C4    C5     sing N N 273 
DT  C5    C7     sing N N 274 
DT  C5    C6     doub N N 275 
DT  C7    H71    sing N N 276 
DT  C7    H72    sing N N 277 
DT  C7    H73    sing N N 278 
DT  C6    H6     sing N N 279 
ERI O1    C1     sing N N 280 
ERI O1    HO1    sing N N 281 
ERI C1    C2     sing N N 282 
ERI C1    O5     sing N N 283 
ERI C1    H1     sing N N 284 
ERI C2    C3     sing N N 285 
ERI C2    H21    sing N N 286 
ERI C2    H22    sing N N 287 
ERI C3    O3     sing N N 288 
ERI C3    CC3    sing N N 289 
ERI C3    C4     sing N N 290 
ERI O3    HO3    sing N N 291 
ERI CC3   H31    sing N N 292 
ERI CC3   H32    sing N N 293 
ERI CC3   H33    sing N N 294 
ERI C4    O4     sing N N 295 
ERI C4    C5     sing N N 296 
ERI C4    H4     sing N N 297 
ERI O4    CO4    sing N N 298 
ERI CME   CO4    sing N N 299 
ERI CME   H41    sing N N 300 
ERI CME   H42    sing N N 301 
ERI CME   H43    sing N N 302 
ERI CO4   OC4    doub N N 303 
ERI C5    O5     sing N N 304 
ERI C5    C6     sing N N 305 
ERI C5    H5     sing N N 306 
ERI C6    H61    sing N N 307 
ERI C6    H62    sing N N 308 
ERI C6    H63    sing N N 309 
HOH O     H1     sing N N 310 
HOH O     H2     sing N N 311 
# 
loop_
_ndb_struct_conf_na.entry_id 
_ndb_struct_conf_na.feature 
5XJW 'double helix'        
5XJW 'a-form double helix' 
5XJW 'b-form double helix' 
# 
loop_
_ndb_struct_na_base_pair.model_number 
_ndb_struct_na_base_pair.i_label_asym_id 
_ndb_struct_na_base_pair.i_label_comp_id 
_ndb_struct_na_base_pair.i_label_seq_id 
_ndb_struct_na_base_pair.i_symmetry 
_ndb_struct_na_base_pair.j_label_asym_id 
_ndb_struct_na_base_pair.j_label_comp_id 
_ndb_struct_na_base_pair.j_label_seq_id 
_ndb_struct_na_base_pair.j_symmetry 
_ndb_struct_na_base_pair.shear 
_ndb_struct_na_base_pair.stretch 
_ndb_struct_na_base_pair.stagger 
_ndb_struct_na_base_pair.buckle 
_ndb_struct_na_base_pair.propeller 
_ndb_struct_na_base_pair.opening 
_ndb_struct_na_base_pair.pair_number 
_ndb_struct_na_base_pair.pair_name 
_ndb_struct_na_base_pair.i_auth_asym_id 
_ndb_struct_na_base_pair.i_auth_seq_id 
_ndb_struct_na_base_pair.i_PDB_ins_code 
_ndb_struct_na_base_pair.j_auth_asym_id 
_ndb_struct_na_base_pair.j_auth_seq_id 
_ndb_struct_na_base_pair.j_PDB_ins_code 
_ndb_struct_na_base_pair.hbond_type_28 
_ndb_struct_na_base_pair.hbond_type_12 
1 A DT 1  1_555 B DA 13 1_555 -1.770 3.538  0.595  -17.742 13.694  -79.982 1  A_DT1:DA26_B  A 1  ? B 26 ? 23 3 
1 A DT 2  1_555 B DA 12 1_555 -0.983 0.107  -0.063 0.832   -6.029  -6.684  2  A_DT2:DA25_B  A 2  ? B 25 ? 20 1 
1 A DC 4  1_555 B DG 11 1_555 -0.077 -0.179 -0.049 9.232   -18.757 -1.315  3  A_DC4:DG24_B  A 4  ? B 24 ? 19 1 
1 A DG 5  1_555 B DC 10 1_555 0.084  -0.178 -0.171 2.144   -11.589 -1.548  4  A_DG5:DC23_B  A 5  ? B 23 ? 19 1 
1 A DG 8  1_555 B DC 9  1_555 -0.255 -0.146 0.188  1.030   -10.026 0.572   5  A_DG8:DC22_B  A 8  ? B 22 ? 19 1 
1 A DC 9  1_555 B DG 8  1_555 0.262  -0.167 0.244  -1.789  -7.019  0.653   6  A_DC9:DG21_B  A 9  ? B 21 ? 19 1 
1 A DC 10 1_555 B DG 5  1_555 0.010  -0.177 -0.026 -1.091  -12.986 -0.764  7  A_DC10:DG18_B A 10 ? B 18 ? 19 1 
1 A DG 11 1_555 B DC 4  1_555 0.033  -0.006 0.029  -6.898  -19.797 2.988   8  A_DG11:DC17_B A 11 ? B 17 ? 19 1 
1 A DA 12 1_555 B DT 2  1_555 0.882  -0.173 -0.257 -5.654  -4.558  -5.340  9  A_DA12:DT15_B A 12 ? B 15 ? 20 1 
1 A DA 13 1_555 B DT 1  1_555 1.889  -3.479 0.268  6.978   -5.229  81.647  10 A_DA13:DT14_B A 13 ? B 14 ? ?  ? 
# 
loop_
_ndb_struct_na_base_pair_step.model_number 
_ndb_struct_na_base_pair_step.i_label_asym_id_1 
_ndb_struct_na_base_pair_step.i_label_comp_id_1 
_ndb_struct_na_base_pair_step.i_label_seq_id_1 
_ndb_struct_na_base_pair_step.i_symmetry_1 
_ndb_struct_na_base_pair_step.j_label_asym_id_1 
_ndb_struct_na_base_pair_step.j_label_comp_id_1 
_ndb_struct_na_base_pair_step.j_label_seq_id_1 
_ndb_struct_na_base_pair_step.j_symmetry_1 
_ndb_struct_na_base_pair_step.i_label_asym_id_2 
_ndb_struct_na_base_pair_step.i_label_comp_id_2 
_ndb_struct_na_base_pair_step.i_label_seq_id_2 
_ndb_struct_na_base_pair_step.i_symmetry_2 
_ndb_struct_na_base_pair_step.j_label_asym_id_2 
_ndb_struct_na_base_pair_step.j_label_comp_id_2 
_ndb_struct_na_base_pair_step.j_label_seq_id_2 
_ndb_struct_na_base_pair_step.j_symmetry_2 
_ndb_struct_na_base_pair_step.shift 
_ndb_struct_na_base_pair_step.slide 
_ndb_struct_na_base_pair_step.rise 
_ndb_struct_na_base_pair_step.tilt 
_ndb_struct_na_base_pair_step.roll 
_ndb_struct_na_base_pair_step.twist 
_ndb_struct_na_base_pair_step.x_displacement 
_ndb_struct_na_base_pair_step.y_displacement 
_ndb_struct_na_base_pair_step.helical_rise 
_ndb_struct_na_base_pair_step.inclination 
_ndb_struct_na_base_pair_step.tip 
_ndb_struct_na_base_pair_step.helical_twist 
_ndb_struct_na_base_pair_step.step_number 
_ndb_struct_na_base_pair_step.step_name 
_ndb_struct_na_base_pair_step.i_auth_asym_id_1 
_ndb_struct_na_base_pair_step.i_auth_seq_id_1 
_ndb_struct_na_base_pair_step.i_PDB_ins_code_1 
_ndb_struct_na_base_pair_step.j_auth_asym_id_1 
_ndb_struct_na_base_pair_step.j_auth_seq_id_1 
_ndb_struct_na_base_pair_step.j_PDB_ins_code_1 
_ndb_struct_na_base_pair_step.i_auth_asym_id_2 
_ndb_struct_na_base_pair_step.i_auth_seq_id_2 
_ndb_struct_na_base_pair_step.i_PDB_ins_code_2 
_ndb_struct_na_base_pair_step.j_auth_asym_id_2 
_ndb_struct_na_base_pair_step.j_auth_seq_id_2 
_ndb_struct_na_base_pair_step.j_PDB_ins_code_2 
1 A DT 1  1_555 B DA 13 1_555 A DT 2  1_555 B DA 12 1_555 -0.715 2.900  3.187 1.102    -1.237 -12.889 -11.408 -1.907 3.497  5.479  
4.883  -12.994 1 AA_DT1DT2:DA25DA26_BB   A 1  ? B 26 ? A 2  ? B 25 ? 
1 A DT 2  1_555 B DA 12 1_555 A DC 4  1_555 B DG 11 1_555 0.283  0.401  3.167 2.274    -3.151 39.032  0.961   -0.159 3.138  -4.701 
-3.393 39.218  2 AA_DT2DC4:DG24DA25_BB   A 2  ? B 25 ? A 4  ? B 24 ? 
1 A DC 4  1_555 B DG 11 1_555 A DG 5  1_555 B DC 10 1_555 0.683  0.126  3.619 1.976    8.096  38.232  -0.899  -0.755 3.600  12.184 
-2.975 39.097  3 AA_DC4DG5:DC23DG24_BB   A 4  ? B 24 ? A 5  ? B 23 ? 
1 A DG 5  1_555 B DC 10 1_555 A DG 8  1_555 B DC 9  1_555 2.104  -1.989 3.259 -2.801   10.851 18.967  -8.534  -6.369 1.577  29.796 
7.690  22.004  4 AA_DG5DG8:DC22DC23_BB   A 5  ? B 23 ? A 8  ? B 22 ? 
1 A DG 8  1_555 B DC 9  1_555 A DC 9  1_555 B DG 8  1_555 -0.089 -2.304 3.368 -0.962   -3.399 35.217  -3.258  -0.003 3.568  -5.601 
1.586  35.388  5 AA_DG8DC9:DG21DC22_BB   A 8  ? B 22 ? A 9  ? B 21 ? 
1 A DC 9  1_555 B DG 8  1_555 A DC 10 1_555 B DG 5  1_555 -1.948 -2.028 3.228 2.806    8.941  19.035  -8.520  6.239  1.799  25.157 
-7.895 21.197  6 AA_DC9DC10:DG18DG21_BB  A 9  ? B 21 ? A 10 ? B 18 ? 
1 A DC 10 1_555 B DG 5  1_555 A DG 11 1_555 B DC 4  1_555 -0.638 0.200  3.602 -0.765   6.304  37.526  -0.581  0.872  3.600  9.714  
1.179  38.040  7 AA_DC10DG11:DC17DG18_BB A 10 ? B 18 ? A 11 ? B 17 ? 
1 A DG 11 1_555 B DC 4  1_555 A DA 12 1_555 B DT 2  1_555 -0.406 0.413  3.362 1.401    -3.438 38.053  1.073   0.800  3.298  -5.257 
-2.142 38.227  8 AA_DG11DA12:DT15DC17_BB A 11 ? B 17 ? A 12 ? B 15 ? 
1 A DA 12 1_555 B DT 2  1_555 A DA 13 1_555 B DT 1  1_555 2.932  -3.449 0.780 -175.611 15.573 123.890 -1.724  -1.460 -0.828 7.806  
88.022 178.260 9 AA_DA12DA13:DT14DT15_BB A 12 ? B 15 ? A 13 ? B 14 ? 
# 
loop_
_pdbx_branch_scheme.asym_id 
_pdbx_branch_scheme.entity_id 
_pdbx_branch_scheme.mon_id 
_pdbx_branch_scheme.num 
_pdbx_branch_scheme.pdb_asym_id 
_pdbx_branch_scheme.pdb_mon_id 
_pdbx_branch_scheme.pdb_seq_num 
_pdbx_branch_scheme.auth_asym_id 
_pdbx_branch_scheme.auth_mon_id 
_pdbx_branch_scheme.auth_seq_num 
_pdbx_branch_scheme.hetero 
C 2 DDA 1 C DDA 1 C CDR 57 n 
C 2 DDA 2 C DDA 2 C CDR 58 n 
C 2 ERI 3 C ERI 3 C ERI 59 n 
D 3 2GL 1 D 2GL 1 C ARI 61 n 
D 3 1GL 2 D 1GL 2 C 1GL 60 n 
E 3 2GL 1 E 2GL 1 C ARI 55 n 
E 3 1GL 2 E 1GL 2 C 1GL 54 n 
F 2 DDA 1 F DDA 1 C CDR 63 n 
F 2 DDA 2 F DDA 2 C CDR 64 n 
F 2 ERI 3 F ERI 3 C ERI 65 n 
# 
loop_
_pdbx_chem_comp_identifier.comp_id 
_pdbx_chem_comp_identifier.type 
_pdbx_chem_comp_identifier.program 
_pdbx_chem_comp_identifier.program_version 
_pdbx_chem_comp_identifier.identifier 
1GL 'IUPAC CARBOHYDRATE SYMBOL'           PDB-CARE 1.0 a-D-2-deoxy-Fucp4OMe 
DDA 'CONDENSED IUPAC CARBOHYDRATE SYMBOL' GMML     1.0 DOlib                
DDA 'COMMON NAME'                         GMML     1.0 b-D-Olivopyranose    
DDA 'IUPAC CARBOHYDRATE SYMBOL'           PDB-CARE 1.0 b-D-2,6-deoxy-Glcp   
DDA 'SNFG CARBOHYDRATE SYMBOL'            GMML     1.0 Oli                  
# 
loop_
_pdbx_entity_branch.entity_id 
_pdbx_entity_branch.type 
2 oligosaccharide 
3 oligosaccharide 
# 
loop_
_pdbx_entity_branch_descriptor.ordinal 
_pdbx_entity_branch_descriptor.entity_id 
_pdbx_entity_branch_descriptor.descriptor 
_pdbx_entity_branch_descriptor.type 
_pdbx_entity_branch_descriptor.program 
_pdbx_entity_branch_descriptor.program_version 
1 2 'WURCS=2.0/2,3,2/[ad122m-1b_1-5][ad611m-1a_1-5_3*C_4*OCC/3=O]/1-1-2/a3-b1_b3-c1'        WURCS  PDB2Glycan 1.1.0 
2 2 '[][b-D-2,6-deoxy-Glcp]{[(3+1)][b-D-2,6-deoxy-Glcp]{[(3+1)][a-L-2,6-deoxy-Glcp4Ac]{}}}' LINUCS PDB-CARE   ?     
3 3 'WURCS=2.0/2,2,1/[ad112m-1b_1-5_4*OCC/3=O][ad112m-1a_1-5_4*OC]/1-2/a3-b1'               WURCS  PDB2Glycan 1.1.0 
4 3 '[][b-D-2-deoxy-Fucp4Ac]{[(3+1)][a-D-2-deoxy-Fucp4Me]{}}'                               LINUCS PDB-CARE   ?     
# 
loop_
_pdbx_entity_branch_link.link_id 
_pdbx_entity_branch_link.entity_id 
_pdbx_entity_branch_link.entity_branch_list_num_1 
_pdbx_entity_branch_link.comp_id_1 
_pdbx_entity_branch_link.atom_id_1 
_pdbx_entity_branch_link.leaving_atom_id_1 
_pdbx_entity_branch_link.entity_branch_list_num_2 
_pdbx_entity_branch_link.comp_id_2 
_pdbx_entity_branch_link.atom_id_2 
_pdbx_entity_branch_link.leaving_atom_id_2 
_pdbx_entity_branch_link.value_order 
_pdbx_entity_branch_link.details 
1 2 2 DDA C1 O1 1 DDA O3 HO3 sing ? 
2 2 3 ERI C1 O1 2 DDA O3 HO3 sing ? 
3 3 2 1GL C1 O1 1 2GL O3 HO3 sing ? 
# 
loop_
_pdbx_entity_branch_list.entity_id 
_pdbx_entity_branch_list.comp_id 
_pdbx_entity_branch_list.num 
_pdbx_entity_branch_list.hetero 
2 DDA 1 n 
2 DDA 2 n 
2 ERI 3 n 
3 2GL 1 n 
3 1GL 2 n 
# 
loop_
_pdbx_entity_nonpoly.entity_id 
_pdbx_entity_nonpoly.name 
_pdbx_entity_nonpoly.comp_id 
4 '(1S)-5-deoxy-1-O-methyl-1-C-[(2R,3S)-3,5,7,10-tetrahydroxy-6-methyl-4-oxo-1,2,3,4-tetrahydroanthracen-2-yl]-D-xylulose' CPH 
5 'COBALT (II) ION'                                                                                                        CO  
6 water                                                                                                                    HOH 
# 
_pdbx_initial_refinement_model.id               1 
_pdbx_initial_refinement_model.entity_id_list   ? 
_pdbx_initial_refinement_model.type             'experimental model' 
_pdbx_initial_refinement_model.source_name      PDB 
_pdbx_initial_refinement_model.accession_code   5XEW 
_pdbx_initial_refinement_model.details          ? 
# 
_pdbx_struct_assembly_auth_evidence.id                     1 
_pdbx_struct_assembly_auth_evidence.assembly_id            1 
_pdbx_struct_assembly_auth_evidence.experimental_support   none 
_pdbx_struct_assembly_auth_evidence.details                ? 
# 
